data_2MLK
#
_entry.id   2MLK
#
_entity_poly.entity_id   1
_entity_poly.type   'polypeptide(L)'
_entity_poly.pdbx_seq_one_letter_code
;MHHHHHHAMGTLTPHKTISFGSLTIDPVNRQVLLGGENVALSTADFDLLWELATHAGQIMDRDALLKNLRGVTYDGMDRS
VDVAISRLRKKLLDNATEPYRIKTVRNKGYLFAPHAWDN
;
_entity_poly.pdbx_strand_id   A
#
# COMPACT_ATOMS: atom_id res chain seq x y z
N GLY A 10 -23.99 7.19 8.51
CA GLY A 10 -24.46 7.37 7.15
C GLY A 10 -23.41 6.99 6.12
N THR A 11 -22.67 5.92 6.40
CA THR A 11 -21.63 5.47 5.49
C THR A 11 -21.64 3.94 5.38
N LEU A 12 -21.61 3.44 4.15
CA LEU A 12 -21.62 2.01 3.91
C LEU A 12 -20.18 1.47 3.81
N THR A 13 -19.61 1.13 4.97
CA THR A 13 -18.26 0.60 5.02
C THR A 13 -18.16 -0.59 5.97
N PRO A 14 -17.30 -1.55 5.62
CA PRO A 14 -17.09 -2.76 6.44
C PRO A 14 -16.40 -2.46 7.76
N HIS A 15 -16.15 -3.51 8.54
CA HIS A 15 -15.48 -3.36 9.83
C HIS A 15 -14.29 -4.30 9.95
N LYS A 16 -14.49 -5.54 9.52
CA LYS A 16 -13.43 -6.54 9.57
C LYS A 16 -12.26 -6.15 8.66
N THR A 17 -12.57 -5.88 7.39
CA THR A 17 -11.55 -5.49 6.43
C THR A 17 -10.88 -4.18 6.82
N ILE A 18 -9.88 -3.78 6.06
CA ILE A 18 -9.16 -2.54 6.33
C ILE A 18 -9.37 -1.52 5.21
N SER A 19 -9.69 -0.29 5.59
CA SER A 19 -9.92 0.77 4.61
C SER A 19 -9.39 2.10 5.13
N PHE A 20 -8.56 2.76 4.31
CA PHE A 20 -7.98 4.05 4.69
C PHE A 20 -8.80 5.20 4.11
N GLY A 21 -8.30 6.42 4.29
CA GLY A 21 -9.00 7.58 3.79
C GLY A 21 -8.81 7.77 2.30
N SER A 22 -8.06 6.86 1.68
CA SER A 22 -7.80 6.94 0.25
C SER A 22 -8.13 5.60 -0.43
N LEU A 23 -7.35 4.57 -0.09
CA LEU A 23 -7.55 3.24 -0.66
C LEU A 23 -8.19 2.31 0.36
N THR A 24 -8.75 1.20 -0.13
CA THR A 24 -9.39 0.22 0.74
C THR A 24 -9.01 -1.19 0.33
N ILE A 25 -8.74 -2.04 1.32
CA ILE A 25 -8.37 -3.43 1.06
C ILE A 25 -9.29 -4.38 1.80
N ASP A 26 -9.83 -5.36 1.09
CA ASP A 26 -10.73 -6.35 1.68
C ASP A 26 -10.37 -7.76 1.22
N PRO A 27 -10.08 -8.64 2.19
CA PRO A 27 -9.72 -10.03 1.91
C PRO A 27 -10.89 -10.84 1.39
N VAL A 28 -12.10 -10.33 1.60
CA VAL A 28 -13.30 -11.02 1.15
C VAL A 28 -13.40 -11.01 -0.37
N ASN A 29 -13.04 -9.89 -0.98
CA ASN A 29 -13.09 -9.75 -2.43
C ASN A 29 -11.68 -9.78 -3.02
N ARG A 30 -10.68 -9.89 -2.15
CA ARG A 30 -9.29 -9.92 -2.59
C ARG A 30 -9.03 -8.85 -3.65
N GLN A 31 -9.46 -7.63 -3.37
CA GLN A 31 -9.27 -6.52 -4.31
C GLN A 31 -9.11 -5.20 -3.56
N VAL A 32 -8.63 -4.18 -4.26
CA VAL A 32 -8.44 -2.86 -3.66
C VAL A 32 -9.32 -1.82 -4.34
N LEU A 33 -9.84 -0.89 -3.55
CA LEU A 33 -10.70 0.17 -4.08
C LEU A 33 -10.22 1.54 -3.61
N LEU A 34 -9.90 2.41 -4.57
CA LEU A 34 -9.42 3.75 -4.25
C LEU A 34 -10.23 4.81 -5.01
N GLY A 35 -10.91 5.67 -4.26
CA GLY A 35 -11.71 6.72 -4.88
C GLY A 35 -13.08 6.22 -5.31
N GLY A 36 -13.42 5.01 -4.89
CA GLY A 36 -14.72 4.44 -5.24
C GLY A 36 -14.61 3.44 -6.37
N GLU A 37 -13.44 3.37 -7.00
CA GLU A 37 -13.21 2.45 -8.11
C GLU A 37 -12.07 1.50 -7.81
N ASN A 38 -12.18 0.26 -8.28
CA ASN A 38 -11.15 -0.74 -8.05
C ASN A 38 -9.85 -0.36 -8.76
N VAL A 39 -8.73 -0.72 -8.16
CA VAL A 39 -7.43 -0.43 -8.74
C VAL A 39 -6.69 -1.70 -9.13
N ALA A 40 -6.23 -1.75 -10.38
CA ALA A 40 -5.50 -2.91 -10.88
C ALA A 40 -4.01 -2.78 -10.62
N LEU A 41 -3.42 -3.81 -10.01
CA LEU A 41 -2.00 -3.80 -9.70
C LEU A 41 -1.41 -5.20 -9.84
N SER A 42 -0.18 -5.28 -10.33
CA SER A 42 0.50 -6.55 -10.52
C SER A 42 0.49 -7.35 -9.22
N THR A 43 0.59 -8.68 -9.34
CA THR A 43 0.60 -9.55 -8.17
C THR A 43 1.40 -8.94 -7.03
N ALA A 44 2.67 -8.66 -7.30
CA ALA A 44 3.55 -8.07 -6.28
C ALA A 44 2.96 -6.77 -5.74
N ASP A 45 2.67 -5.84 -6.64
CA ASP A 45 2.09 -4.55 -6.25
C ASP A 45 0.87 -4.75 -5.37
N PHE A 46 0.11 -5.80 -5.64
CA PHE A 46 -1.10 -6.10 -4.87
C PHE A 46 -0.74 -6.54 -3.45
N ASP A 47 0.31 -7.37 -3.35
CA ASP A 47 0.75 -7.87 -2.05
C ASP A 47 1.45 -6.78 -1.25
N LEU A 48 2.15 -5.89 -1.96
CA LEU A 48 2.86 -4.79 -1.33
C LEU A 48 1.92 -3.96 -0.45
N LEU A 49 0.85 -3.46 -1.06
CA LEU A 49 -0.12 -2.65 -0.34
C LEU A 49 -0.79 -3.46 0.76
N TRP A 50 -1.10 -4.72 0.46
CA TRP A 50 -1.75 -5.60 1.43
C TRP A 50 -1.09 -5.48 2.79
N GLU A 51 0.24 -5.62 2.82
CA GLU A 51 0.98 -5.53 4.07
C GLU A 51 1.20 -4.08 4.47
N LEU A 52 1.41 -3.22 3.48
CA LEU A 52 1.63 -1.80 3.74
C LEU A 52 0.52 -1.22 4.61
N ALA A 53 -0.72 -1.57 4.30
CA ALA A 53 -1.87 -1.11 5.07
C ALA A 53 -1.94 -1.78 6.43
N THR A 54 -1.94 -3.11 6.43
CA THR A 54 -1.99 -3.87 7.67
C THR A 54 -1.00 -3.35 8.69
N HIS A 55 0.11 -2.82 8.20
CA HIS A 55 1.15 -2.28 9.07
C HIS A 55 1.22 -0.76 8.96
N ALA A 56 0.06 -0.12 8.97
CA ALA A 56 -0.02 1.34 8.88
C ALA A 56 0.66 2.00 10.07
N GLY A 57 1.07 3.26 9.88
CA GLY A 57 1.73 3.97 10.94
C GLY A 57 3.18 3.55 11.12
N GLN A 58 3.43 2.26 11.02
CA GLN A 58 4.79 1.73 11.17
C GLN A 58 5.57 1.86 9.87
N ILE A 59 6.83 2.27 9.98
CA ILE A 59 7.69 2.43 8.81
C ILE A 59 7.99 1.08 8.17
N MET A 60 7.59 0.94 6.90
CA MET A 60 7.83 -0.30 6.17
C MET A 60 9.05 -0.18 5.27
N ASP A 61 10.11 -0.90 5.61
CA ASP A 61 11.35 -0.87 4.82
C ASP A 61 11.24 -1.76 3.60
N ARG A 62 12.05 -1.48 2.58
CA ARG A 62 12.04 -2.27 1.36
C ARG A 62 12.33 -3.73 1.64
N ASP A 63 13.42 -3.99 2.37
CA ASP A 63 13.81 -5.35 2.71
C ASP A 63 12.69 -6.06 3.47
N ALA A 64 12.02 -5.32 4.35
CA ALA A 64 10.93 -5.88 5.14
C ALA A 64 9.64 -5.97 4.32
N LEU A 65 9.57 -5.17 3.26
CA LEU A 65 8.40 -5.15 2.39
C LEU A 65 8.42 -6.33 1.42
N LEU A 66 9.51 -6.48 0.69
CA LEU A 66 9.65 -7.57 -0.27
C LEU A 66 9.43 -8.92 0.40
N LYS A 67 9.86 -9.03 1.65
CA LYS A 67 9.70 -10.26 2.41
C LYS A 67 8.26 -10.76 2.36
N ASN A 68 7.32 -9.82 2.26
CA ASN A 68 5.91 -10.16 2.20
C ASN A 68 5.51 -10.58 0.78
N LEU A 69 6.16 -9.98 -0.21
CA LEU A 69 5.87 -10.29 -1.61
C LEU A 69 6.32 -11.70 -1.95
N ARG A 70 7.59 -12.00 -1.67
CA ARG A 70 8.13 -13.31 -1.96
C ARG A 70 8.07 -14.21 -0.72
N GLY A 71 8.90 -13.90 0.27
CA GLY A 71 8.91 -14.68 1.50
C GLY A 71 10.08 -15.65 1.54
N VAL A 72 10.99 -15.53 0.58
CA VAL A 72 12.16 -16.40 0.52
C VAL A 72 13.29 -15.87 1.39
N THR A 73 14.39 -16.61 1.44
CA THR A 73 15.54 -16.21 2.23
C THR A 73 16.46 -15.30 1.44
N TYR A 74 16.03 -14.92 0.25
CA TYR A 74 16.81 -14.04 -0.62
C TYR A 74 16.68 -12.59 -0.18
N ASP A 75 17.70 -12.08 0.49
CA ASP A 75 17.70 -10.70 0.96
C ASP A 75 18.30 -9.77 -0.09
N GLY A 76 18.17 -8.46 0.15
CA GLY A 76 18.69 -7.48 -0.79
C GLY A 76 17.99 -7.53 -2.14
N MET A 77 16.70 -7.87 -2.12
CA MET A 77 15.92 -7.96 -3.35
C MET A 77 14.99 -6.74 -3.48
N ASP A 78 15.54 -5.56 -3.19
CA ASP A 78 14.76 -4.33 -3.29
C ASP A 78 14.39 -4.03 -4.74
N ARG A 79 15.11 -4.64 -5.66
CA ARG A 79 14.87 -4.43 -7.09
C ARG A 79 13.37 -4.43 -7.38
N SER A 80 12.68 -5.46 -6.89
CA SER A 80 11.24 -5.57 -7.11
C SER A 80 10.48 -4.47 -6.37
N VAL A 81 10.93 -4.18 -5.14
CA VAL A 81 10.29 -3.14 -4.34
C VAL A 81 10.23 -1.82 -5.09
N ASP A 82 11.39 -1.33 -5.53
CA ASP A 82 11.45 -0.07 -6.27
C ASP A 82 10.39 -0.03 -7.36
N VAL A 83 10.44 -1.00 -8.26
CA VAL A 83 9.48 -1.07 -9.36
C VAL A 83 8.05 -1.01 -8.84
N ALA A 84 7.78 -1.76 -7.78
CA ALA A 84 6.45 -1.80 -7.20
C ALA A 84 6.03 -0.43 -6.71
N ILE A 85 6.87 0.19 -5.88
CA ILE A 85 6.59 1.51 -5.35
C ILE A 85 6.23 2.50 -6.46
N SER A 86 7.13 2.66 -7.42
CA SER A 86 6.90 3.57 -8.53
C SER A 86 5.58 3.26 -9.22
N ARG A 87 5.24 1.99 -9.29
CA ARG A 87 3.99 1.55 -9.93
C ARG A 87 2.80 1.85 -9.03
N LEU A 88 3.04 1.88 -7.72
CA LEU A 88 1.98 2.16 -6.76
C LEU A 88 1.58 3.64 -6.79
N ARG A 89 2.57 4.51 -6.71
CA ARG A 89 2.34 5.95 -6.72
C ARG A 89 1.82 6.40 -8.09
N LYS A 90 2.50 5.97 -9.15
CA LYS A 90 2.11 6.32 -10.51
C LYS A 90 0.65 5.97 -10.76
N LYS A 91 0.17 4.91 -10.13
CA LYS A 91 -1.21 4.48 -10.28
C LYS A 91 -2.11 5.17 -9.26
N LEU A 92 -1.54 5.53 -8.12
CA LEU A 92 -2.30 6.21 -7.07
C LEU A 92 -1.87 7.67 -6.95
N LEU A 93 -1.49 8.26 -8.07
CA LEU A 93 -1.06 9.66 -8.09
C LEU A 93 -2.26 10.60 -8.06
N ASP A 94 -3.23 10.29 -7.21
CA ASP A 94 -4.43 11.10 -7.10
C ASP A 94 -4.07 12.56 -6.80
N ASN A 95 -4.83 13.48 -7.38
CA ASN A 95 -4.58 14.91 -7.18
C ASN A 95 -5.89 15.65 -6.93
N ALA A 96 -6.84 15.52 -7.85
CA ALA A 96 -8.13 16.17 -7.73
C ALA A 96 -8.94 15.56 -6.59
N THR A 97 -9.12 14.24 -6.63
CA THR A 97 -9.87 13.54 -5.60
C THR A 97 -9.16 13.61 -4.25
N GLU A 98 -7.88 13.24 -4.25
CA GLU A 98 -7.09 13.26 -3.02
C GLU A 98 -5.60 13.30 -3.34
N PRO A 99 -4.79 13.73 -2.35
CA PRO A 99 -3.34 13.83 -2.50
C PRO A 99 -2.68 12.45 -2.59
N TYR A 100 -1.35 12.44 -2.44
CA TYR A 100 -0.60 11.19 -2.50
C TYR A 100 -0.28 10.68 -1.10
N ARG A 101 -1.32 10.35 -0.34
CA ARG A 101 -1.15 9.85 1.01
C ARG A 101 0.12 9.01 1.13
N ILE A 102 0.31 8.09 0.19
CA ILE A 102 1.49 7.23 0.19
C ILE A 102 2.76 8.04 -0.08
N LYS A 103 3.25 8.71 0.95
CA LYS A 103 4.46 9.51 0.83
C LYS A 103 5.69 8.70 1.23
N THR A 104 6.87 9.20 0.84
CA THR A 104 8.12 8.52 1.16
C THR A 104 8.80 9.17 2.35
N VAL A 105 9.43 8.34 3.18
CA VAL A 105 10.12 8.83 4.37
C VAL A 105 11.60 9.08 4.08
N ARG A 106 12.27 9.76 4.99
CA ARG A 106 13.68 10.07 4.84
C ARG A 106 14.49 8.80 4.54
N ASN A 107 14.57 8.44 3.26
CA ASN A 107 15.30 7.25 2.85
C ASN A 107 15.19 6.15 3.90
N LYS A 108 14.01 6.04 4.50
CA LYS A 108 13.77 5.02 5.53
C LYS A 108 12.61 4.12 5.14
N GLY A 109 12.16 4.24 3.89
CA GLY A 109 11.06 3.43 3.41
C GLY A 109 9.91 4.27 2.88
N TYR A 110 8.69 3.79 3.09
CA TYR A 110 7.51 4.50 2.63
C TYR A 110 6.37 4.39 3.64
N LEU A 111 5.91 5.54 4.13
CA LEU A 111 4.83 5.57 5.11
C LEU A 111 3.68 6.45 4.62
N PHE A 112 2.53 6.32 5.27
CA PHE A 112 1.36 7.11 4.90
C PHE A 112 1.55 8.57 5.28
N ALA A 113 0.72 9.43 4.69
CA ALA A 113 0.80 10.87 4.97
C ALA A 113 0.54 11.15 6.44
N PRO A 114 1.01 12.31 6.91
CA PRO A 114 0.83 12.73 8.31
C PRO A 114 -0.62 13.07 8.64
N HIS A 115 -1.46 13.11 7.61
CA HIS A 115 -2.87 13.42 7.79
C HIS A 115 -3.73 12.17 7.64
N ALA A 116 -3.07 11.01 7.59
CA ALA A 116 -3.77 9.74 7.45
C ALA A 116 -3.32 8.75 8.52
N TRP A 117 -4.27 8.30 9.34
CA TRP A 117 -3.98 7.35 10.40
C TRP A 117 -5.26 6.70 10.91
N ASP A 118 -5.10 5.62 11.68
CA ASP A 118 -6.25 4.90 12.24
C ASP A 118 -5.92 4.35 13.61
N ASN A 119 -6.74 4.67 14.60
CA ASN A 119 -6.54 4.20 15.97
C ASN A 119 -6.68 2.69 16.03
N GLY A 10 -29.51 -7.43 1.91
CA GLY A 10 -29.16 -6.09 2.35
C GLY A 10 -27.66 -5.91 2.50
N THR A 11 -27.26 -4.74 3.00
CA THR A 11 -25.85 -4.44 3.20
C THR A 11 -25.49 -4.38 4.67
N LEU A 12 -25.09 -5.53 5.23
CA LEU A 12 -24.72 -5.60 6.64
C LEU A 12 -23.28 -6.09 6.79
N THR A 13 -22.34 -5.34 6.23
CA THR A 13 -20.93 -5.71 6.30
C THR A 13 -20.29 -5.12 7.56
N PRO A 14 -19.57 -5.96 8.31
CA PRO A 14 -18.88 -5.55 9.53
C PRO A 14 -17.69 -4.64 9.26
N HIS A 15 -17.07 -4.14 10.32
CA HIS A 15 -15.92 -3.25 10.19
C HIS A 15 -14.63 -3.98 10.58
N LYS A 16 -14.05 -4.67 9.62
CA LYS A 16 -12.81 -5.42 9.86
C LYS A 16 -11.72 -4.99 8.87
N THR A 17 -12.13 -4.72 7.64
CA THR A 17 -11.19 -4.30 6.60
C THR A 17 -10.54 -2.97 6.96
N ILE A 18 -9.46 -2.64 6.26
CA ILE A 18 -8.74 -1.40 6.49
C ILE A 18 -9.01 -0.39 5.38
N SER A 19 -9.21 0.87 5.77
CA SER A 19 -9.48 1.93 4.80
C SER A 19 -8.71 3.20 5.16
N PHE A 20 -8.06 3.78 4.16
CA PHE A 20 -7.29 5.00 4.36
C PHE A 20 -7.69 6.07 3.35
N GLY A 21 -8.21 7.19 3.85
CA GLY A 21 -8.63 8.28 2.99
C GLY A 21 -9.75 7.88 2.06
N SER A 22 -9.42 7.53 0.83
CA SER A 22 -10.42 7.14 -0.16
C SER A 22 -10.14 5.73 -0.69
N LEU A 23 -9.13 5.09 -0.11
CA LEU A 23 -8.75 3.73 -0.52
C LEU A 23 -9.17 2.71 0.55
N THR A 24 -9.59 1.54 0.09
CA THR A 24 -10.01 0.48 1.00
C THR A 24 -9.47 -0.87 0.56
N ILE A 25 -8.79 -1.56 1.47
CA ILE A 25 -8.22 -2.87 1.17
C ILE A 25 -8.94 -3.97 1.94
N ASP A 26 -9.40 -4.99 1.21
CA ASP A 26 -10.10 -6.11 1.81
C ASP A 26 -9.35 -7.42 1.58
N PRO A 27 -9.07 -8.14 2.68
CA PRO A 27 -8.36 -9.42 2.62
C PRO A 27 -9.19 -10.52 1.97
N VAL A 28 -10.49 -10.49 2.23
CA VAL A 28 -11.41 -11.49 1.68
C VAL A 28 -11.55 -11.32 0.17
N ASN A 29 -11.63 -10.08 -0.29
CA ASN A 29 -11.77 -9.79 -1.70
C ASN A 29 -10.40 -9.69 -2.38
N ARG A 30 -9.35 -9.58 -1.57
CA ARG A 30 -7.99 -9.48 -2.08
C ARG A 30 -7.91 -8.43 -3.20
N GLN A 31 -8.73 -7.40 -3.09
CA GLN A 31 -8.76 -6.34 -4.10
C GLN A 31 -8.75 -4.97 -3.43
N VAL A 32 -8.42 -3.93 -4.20
CA VAL A 32 -8.38 -2.58 -3.69
C VAL A 32 -9.44 -1.71 -4.35
N LEU A 33 -10.07 -0.84 -3.57
CA LEU A 33 -11.11 0.05 -4.08
C LEU A 33 -10.79 1.50 -3.75
N LEU A 34 -10.78 2.35 -4.77
CA LEU A 34 -10.49 3.77 -4.59
C LEU A 34 -11.53 4.64 -5.30
N GLY A 35 -12.32 5.36 -4.50
CA GLY A 35 -13.34 6.22 -5.08
C GLY A 35 -14.60 5.46 -5.44
N GLY A 36 -14.60 4.16 -5.17
CA GLY A 36 -15.76 3.35 -5.48
C GLY A 36 -15.49 2.36 -6.60
N GLU A 37 -14.33 2.50 -7.25
CA GLU A 37 -13.95 1.61 -8.34
C GLU A 37 -12.66 0.87 -8.03
N ASN A 38 -12.59 -0.39 -8.44
CA ASN A 38 -11.40 -1.21 -8.20
C ASN A 38 -10.19 -0.63 -8.92
N VAL A 39 -9.01 -0.82 -8.32
CA VAL A 39 -7.77 -0.32 -8.91
C VAL A 39 -6.92 -1.46 -9.47
N ALA A 40 -6.55 -1.34 -10.74
CA ALA A 40 -5.75 -2.36 -11.40
C ALA A 40 -4.28 -2.25 -10.97
N LEU A 41 -3.80 -3.26 -10.25
CA LEU A 41 -2.42 -3.28 -9.79
C LEU A 41 -1.79 -4.65 -9.99
N SER A 42 -0.60 -4.68 -10.58
CA SER A 42 0.10 -5.94 -10.81
C SER A 42 0.22 -6.75 -9.53
N THR A 43 0.33 -8.07 -9.68
CA THR A 43 0.44 -8.96 -8.53
C THR A 43 1.32 -8.35 -7.46
N ALA A 44 2.56 -8.04 -7.81
CA ALA A 44 3.50 -7.44 -6.87
C ALA A 44 2.91 -6.20 -6.22
N ASP A 45 2.44 -5.27 -7.04
CA ASP A 45 1.86 -4.03 -6.54
C ASP A 45 0.67 -4.32 -5.63
N PHE A 46 0.01 -5.46 -5.86
CA PHE A 46 -1.14 -5.85 -5.06
C PHE A 46 -0.70 -6.32 -3.68
N ASP A 47 0.39 -7.08 -3.63
CA ASP A 47 0.91 -7.59 -2.37
C ASP A 47 1.59 -6.48 -1.57
N LEU A 48 2.28 -5.59 -2.27
CA LEU A 48 2.97 -4.48 -1.63
C LEU A 48 2.03 -3.68 -0.73
N LEU A 49 0.93 -3.21 -1.31
CA LEU A 49 -0.05 -2.44 -0.57
C LEU A 49 -0.59 -3.23 0.61
N TRP A 50 -0.89 -4.51 0.37
CA TRP A 50 -1.41 -5.38 1.41
C TRP A 50 -0.62 -5.21 2.71
N GLU A 51 0.71 -5.26 2.61
CA GLU A 51 1.56 -5.10 3.78
C GLU A 51 1.77 -3.63 4.11
N LEU A 52 1.71 -2.78 3.09
CA LEU A 52 1.89 -1.35 3.28
C LEU A 52 0.81 -0.78 4.20
N ALA A 53 -0.44 -1.11 3.90
CA ALA A 53 -1.57 -0.64 4.69
C ALA A 53 -1.52 -1.22 6.12
N THR A 54 -1.54 -2.53 6.21
CA THR A 54 -1.50 -3.20 7.51
C THR A 54 -0.39 -2.63 8.39
N HIS A 55 0.73 -2.27 7.77
CA HIS A 55 1.86 -1.71 8.50
C HIS A 55 1.95 -0.20 8.26
N ALA A 56 0.81 0.46 8.29
CA ALA A 56 0.77 1.91 8.09
C ALA A 56 1.49 2.64 9.21
N GLY A 57 1.91 3.87 8.93
CA GLY A 57 2.62 4.66 9.92
C GLY A 57 4.07 4.25 10.07
N GLN A 58 4.32 2.95 10.03
CA GLN A 58 5.68 2.43 10.16
C GLN A 58 6.44 2.54 8.84
N ILE A 59 7.70 2.95 8.92
CA ILE A 59 8.53 3.10 7.73
C ILE A 59 8.81 1.75 7.08
N MET A 60 8.19 1.52 5.92
CA MET A 60 8.37 0.26 5.20
C MET A 60 9.67 0.29 4.40
N ASP A 61 10.70 -0.32 4.94
CA ASP A 61 12.01 -0.38 4.28
C ASP A 61 11.94 -1.26 3.04
N ARG A 62 12.65 -0.87 1.99
CA ARG A 62 12.68 -1.62 0.75
C ARG A 62 12.88 -3.10 1.02
N ASP A 63 13.96 -3.44 1.70
CA ASP A 63 14.27 -4.83 2.02
C ASP A 63 13.10 -5.49 2.75
N ALA A 64 12.40 -4.70 3.56
CA ALA A 64 11.27 -5.20 4.32
C ALA A 64 10.01 -5.25 3.45
N LEU A 65 10.00 -4.46 2.38
CA LEU A 65 8.87 -4.43 1.47
C LEU A 65 8.90 -5.61 0.50
N LEU A 66 9.96 -5.69 -0.28
CA LEU A 66 10.12 -6.78 -1.25
C LEU A 66 9.92 -8.13 -0.58
N LYS A 67 10.45 -8.27 0.63
CA LYS A 67 10.33 -9.52 1.38
C LYS A 67 8.88 -10.00 1.41
N ASN A 68 7.96 -9.05 1.40
CA ASN A 68 6.53 -9.37 1.44
C ASN A 68 6.04 -9.79 0.05
N LEU A 69 6.57 -9.14 -0.98
CA LEU A 69 6.18 -9.45 -2.35
C LEU A 69 6.60 -10.86 -2.74
N ARG A 70 7.89 -11.16 -2.56
CA ARG A 70 8.42 -12.48 -2.89
C ARG A 70 8.18 -13.45 -1.74
N GLY A 71 8.87 -13.24 -0.63
CA GLY A 71 8.73 -14.11 0.52
C GLY A 71 9.84 -15.13 0.63
N VAL A 72 10.73 -15.13 -0.35
CA VAL A 72 11.85 -16.06 -0.37
C VAL A 72 13.00 -15.55 0.49
N THR A 73 14.12 -16.27 0.47
CA THR A 73 15.29 -15.91 1.25
C THR A 73 16.12 -14.86 0.53
N TYR A 74 16.21 -14.98 -0.79
CA TYR A 74 16.98 -14.05 -1.59
C TYR A 74 16.62 -12.61 -1.25
N ASP A 75 17.63 -11.83 -0.85
CA ASP A 75 17.42 -10.43 -0.49
C ASP A 75 18.02 -9.51 -1.54
N GLY A 76 17.99 -8.21 -1.26
CA GLY A 76 18.54 -7.24 -2.20
C GLY A 76 17.79 -7.23 -3.52
N MET A 77 16.47 -7.32 -3.46
CA MET A 77 15.65 -7.33 -4.67
C MET A 77 14.78 -6.07 -4.73
N ASP A 78 15.40 -4.92 -4.51
CA ASP A 78 14.69 -3.65 -4.55
C ASP A 78 14.22 -3.33 -5.96
N ARG A 79 14.88 -3.94 -6.95
CA ARG A 79 14.53 -3.71 -8.35
C ARG A 79 13.01 -3.68 -8.53
N SER A 80 12.34 -4.69 -7.99
CA SER A 80 10.89 -4.77 -8.09
C SER A 80 10.22 -3.65 -7.30
N VAL A 81 10.68 -3.44 -6.08
CA VAL A 81 10.13 -2.41 -5.22
C VAL A 81 10.06 -1.07 -5.94
N ASP A 82 11.19 -0.62 -6.46
CA ASP A 82 11.27 0.65 -7.18
C ASP A 82 10.14 0.75 -8.20
N VAL A 83 10.12 -0.17 -9.16
CA VAL A 83 9.10 -0.19 -10.19
C VAL A 83 7.70 -0.14 -9.58
N ALA A 84 7.47 -0.96 -8.56
CA ALA A 84 6.18 -1.01 -7.89
C ALA A 84 5.81 0.35 -7.31
N ILE A 85 6.66 0.86 -6.44
CA ILE A 85 6.42 2.16 -5.81
C ILE A 85 6.02 3.20 -6.84
N SER A 86 6.90 3.46 -7.80
CA SER A 86 6.64 4.44 -8.85
C SER A 86 5.30 4.18 -9.51
N ARG A 87 4.92 2.90 -9.58
CA ARG A 87 3.65 2.50 -10.20
C ARG A 87 2.48 2.88 -9.30
N LEU A 88 2.57 2.51 -8.02
CA LEU A 88 1.51 2.81 -7.06
C LEU A 88 1.18 4.29 -7.06
N ARG A 89 2.21 5.13 -7.05
CA ARG A 89 2.04 6.57 -7.05
C ARG A 89 1.45 7.05 -8.38
N LYS A 90 2.03 6.60 -9.47
CA LYS A 90 1.57 6.96 -10.81
C LYS A 90 0.06 6.80 -10.92
N LYS A 91 -0.47 5.77 -10.27
CA LYS A 91 -1.90 5.49 -10.30
C LYS A 91 -2.61 6.25 -9.18
N LEU A 92 -1.92 6.47 -8.08
CA LEU A 92 -2.49 7.18 -6.94
C LEU A 92 -2.08 8.64 -6.95
N LEU A 93 -1.80 9.17 -8.14
CA LEU A 93 -1.41 10.56 -8.28
C LEU A 93 -2.61 11.49 -8.18
N ASP A 94 -3.50 11.19 -7.26
CA ASP A 94 -4.70 11.99 -7.06
C ASP A 94 -4.37 13.30 -6.34
N ASN A 95 -5.08 14.36 -6.68
CA ASN A 95 -4.86 15.66 -6.06
C ASN A 95 -6.19 16.32 -5.68
N ALA A 96 -7.18 16.16 -6.55
CA ALA A 96 -8.49 16.74 -6.30
C ALA A 96 -9.23 16.00 -5.18
N THR A 97 -9.37 14.69 -5.34
CA THR A 97 -10.04 13.87 -4.35
C THR A 97 -9.22 13.77 -3.07
N GLU A 98 -7.95 13.43 -3.21
CA GLU A 98 -7.05 13.30 -2.06
C GLU A 98 -5.59 13.39 -2.50
N PRO A 99 -4.73 13.85 -1.59
CA PRO A 99 -3.30 14.00 -1.84
C PRO A 99 -2.59 12.66 -1.98
N TYR A 100 -1.26 12.68 -1.92
CA TYR A 100 -0.47 11.47 -2.04
C TYR A 100 0.01 11.00 -0.68
N ARG A 101 -0.92 10.66 0.20
CA ARG A 101 -0.59 10.19 1.54
C ARG A 101 0.62 9.28 1.51
N ILE A 102 0.72 8.47 0.48
CA ILE A 102 1.85 7.54 0.33
C ILE A 102 3.11 8.28 -0.09
N LYS A 103 3.66 9.08 0.82
CA LYS A 103 4.87 9.84 0.54
C LYS A 103 6.11 8.99 0.78
N THR A 104 7.24 9.42 0.21
CA THR A 104 8.49 8.70 0.35
C THR A 104 9.41 9.40 1.35
N VAL A 105 10.28 8.62 2.00
CA VAL A 105 11.21 9.16 2.97
C VAL A 105 12.64 9.08 2.46
N ARG A 106 13.53 9.86 3.07
CA ARG A 106 14.93 9.87 2.67
C ARG A 106 15.47 8.46 2.50
N ASN A 107 15.37 7.93 1.29
CA ASN A 107 15.85 6.58 1.00
C ASN A 107 15.63 5.66 2.19
N LYS A 108 14.51 5.86 2.89
CA LYS A 108 14.17 5.04 4.05
C LYS A 108 13.02 4.09 3.74
N GLY A 109 12.40 4.28 2.58
CA GLY A 109 11.30 3.43 2.18
C GLY A 109 10.01 4.21 1.97
N TYR A 110 8.89 3.60 2.32
CA TYR A 110 7.59 4.24 2.17
C TYR A 110 7.02 4.66 3.52
N LEU A 111 6.28 5.75 3.54
CA LEU A 111 5.67 6.26 4.77
C LEU A 111 4.48 7.15 4.47
N PHE A 112 3.42 7.00 5.25
CA PHE A 112 2.22 7.79 5.07
C PHE A 112 2.45 9.26 5.47
N ALA A 113 1.49 10.11 5.16
CA ALA A 113 1.59 11.53 5.49
C ALA A 113 1.00 11.83 6.86
N PRO A 114 1.45 12.93 7.47
CA PRO A 114 0.97 13.34 8.79
C PRO A 114 -0.48 13.82 8.77
N HIS A 115 -0.92 14.28 7.60
CA HIS A 115 -2.28 14.77 7.44
C HIS A 115 -3.28 13.62 7.47
N ALA A 116 -2.77 12.39 7.35
CA ALA A 116 -3.61 11.21 7.37
C ALA A 116 -3.78 10.66 8.77
N TRP A 117 -2.66 10.36 9.43
CA TRP A 117 -2.68 9.83 10.79
C TRP A 117 -1.49 10.35 11.59
N ASP A 118 -1.78 11.13 12.62
CA ASP A 118 -0.73 11.69 13.46
C ASP A 118 0.08 10.58 14.14
N ASN A 119 1.01 10.97 15.00
CA ASN A 119 1.84 10.01 15.71
C ASN A 119 0.98 8.96 16.42
N GLY A 10 -24.10 11.37 5.60
CA GLY A 10 -23.53 10.05 5.39
C GLY A 10 -23.49 9.22 6.66
N THR A 11 -23.81 7.95 6.55
CA THR A 11 -23.82 7.05 7.70
C THR A 11 -22.55 6.21 7.74
N LEU A 12 -22.05 5.96 8.95
CA LEU A 12 -20.83 5.16 9.12
C LEU A 12 -21.18 3.76 9.59
N THR A 13 -20.94 2.77 8.73
CA THR A 13 -21.22 1.38 9.06
C THR A 13 -19.93 0.59 9.29
N PRO A 14 -20.04 -0.53 10.00
CA PRO A 14 -18.89 -1.39 10.32
C PRO A 14 -18.36 -2.11 9.08
N HIS A 15 -17.16 -2.65 9.18
CA HIS A 15 -16.53 -3.38 8.08
C HIS A 15 -15.28 -4.11 8.55
N LYS A 16 -15.36 -5.44 8.52
CA LYS A 16 -14.22 -6.27 8.94
C LYS A 16 -13.02 -6.02 8.05
N THR A 17 -13.26 -5.59 6.82
CA THR A 17 -12.20 -5.32 5.87
C THR A 17 -11.38 -4.10 6.29
N ILE A 18 -10.31 -3.82 5.56
CA ILE A 18 -9.45 -2.69 5.85
C ILE A 18 -9.53 -1.64 4.74
N SER A 19 -9.66 -0.38 5.13
CA SER A 19 -9.74 0.72 4.17
C SER A 19 -8.88 1.90 4.62
N PHE A 20 -8.29 2.59 3.65
CA PHE A 20 -7.44 3.74 3.94
C PHE A 20 -7.57 4.79 2.84
N GLY A 21 -7.97 6.00 3.24
CA GLY A 21 -8.12 7.08 2.28
C GLY A 21 -9.22 6.81 1.27
N SER A 22 -8.84 6.57 0.03
CA SER A 22 -9.81 6.30 -1.03
C SER A 22 -9.70 4.85 -1.53
N LEU A 23 -8.71 4.13 -1.00
CA LEU A 23 -8.49 2.74 -1.39
C LEU A 23 -9.06 1.79 -0.34
N THR A 24 -9.55 0.64 -0.80
CA THR A 24 -10.11 -0.36 0.11
C THR A 24 -9.61 -1.76 -0.25
N ILE A 25 -9.18 -2.50 0.76
CA ILE A 25 -8.67 -3.85 0.56
C ILE A 25 -9.57 -4.87 1.24
N ASP A 26 -10.07 -5.83 0.46
CA ASP A 26 -10.94 -6.87 0.99
C ASP A 26 -10.36 -8.25 0.69
N PRO A 27 -10.15 -9.04 1.76
CA PRO A 27 -9.61 -10.39 1.64
C PRO A 27 -10.59 -11.36 1.00
N VAL A 28 -11.89 -11.10 1.19
CA VAL A 28 -12.93 -11.95 0.63
C VAL A 28 -12.92 -11.92 -0.89
N ASN A 29 -12.67 -10.73 -1.45
CA ASN A 29 -12.62 -10.57 -2.90
C ASN A 29 -11.18 -10.55 -3.40
N ARG A 30 -10.24 -10.43 -2.47
CA ARG A 30 -8.83 -10.41 -2.82
C ARG A 30 -8.55 -9.39 -3.92
N GLN A 31 -9.14 -8.20 -3.78
CA GLN A 31 -8.96 -7.15 -4.77
C GLN A 31 -9.01 -5.77 -4.11
N VAL A 32 -8.56 -4.75 -4.84
CA VAL A 32 -8.55 -3.39 -4.33
C VAL A 32 -9.53 -2.50 -5.11
N LEU A 33 -10.19 -1.59 -4.41
CA LEU A 33 -11.15 -0.69 -5.03
C LEU A 33 -10.88 0.75 -4.61
N LEU A 34 -10.76 1.64 -5.58
CA LEU A 34 -10.51 3.06 -5.31
C LEU A 34 -11.28 3.94 -6.29
N GLY A 35 -11.98 4.94 -5.76
CA GLY A 35 -12.74 5.84 -6.59
C GLY A 35 -14.06 5.25 -7.04
N GLY A 36 -14.32 4.01 -6.63
CA GLY A 36 -15.56 3.35 -7.00
C GLY A 36 -15.33 2.20 -7.96
N GLU A 37 -14.11 2.07 -8.45
CA GLU A 37 -13.76 1.01 -9.39
C GLU A 37 -12.53 0.24 -8.92
N ASN A 38 -12.45 -1.03 -9.27
CA ASN A 38 -11.32 -1.87 -8.88
C ASN A 38 -10.03 -1.38 -9.55
N VAL A 39 -8.91 -1.57 -8.87
CA VAL A 39 -7.62 -1.16 -9.39
C VAL A 39 -6.77 -2.36 -9.80
N ALA A 40 -6.30 -2.35 -11.03
CA ALA A 40 -5.49 -3.44 -11.55
C ALA A 40 -4.00 -3.21 -11.25
N LEU A 41 -3.38 -4.16 -10.56
CA LEU A 41 -1.96 -4.04 -10.22
C LEU A 41 -1.28 -5.40 -10.30
N SER A 42 -0.03 -5.40 -10.76
CA SER A 42 0.74 -6.63 -10.89
C SER A 42 0.65 -7.47 -9.62
N THR A 43 0.70 -8.79 -9.77
CA THR A 43 0.62 -9.70 -8.64
C THR A 43 1.39 -9.16 -7.44
N ALA A 44 2.65 -8.80 -7.68
CA ALA A 44 3.50 -8.26 -6.62
C ALA A 44 2.94 -6.96 -6.07
N ASP A 45 2.74 -5.99 -6.96
CA ASP A 45 2.21 -4.68 -6.57
C ASP A 45 0.95 -4.84 -5.72
N PHE A 46 0.17 -5.88 -6.03
CA PHE A 46 -1.07 -6.14 -5.31
C PHE A 46 -0.77 -6.70 -3.92
N ASP A 47 0.26 -7.54 -3.83
CA ASP A 47 0.65 -8.14 -2.56
C ASP A 47 1.35 -7.12 -1.67
N LEU A 48 2.06 -6.19 -2.29
CA LEU A 48 2.78 -5.15 -1.55
C LEU A 48 1.83 -4.33 -0.70
N LEU A 49 0.81 -3.76 -1.34
CA LEU A 49 -0.18 -2.95 -0.64
C LEU A 49 -0.84 -3.74 0.48
N TRP A 50 -1.13 -5.01 0.21
CA TRP A 50 -1.77 -5.88 1.19
C TRP A 50 -1.12 -5.72 2.56
N GLU A 51 0.21 -5.83 2.60
CA GLU A 51 0.95 -5.70 3.84
C GLU A 51 1.10 -4.24 4.23
N LEU A 52 1.15 -3.37 3.23
CA LEU A 52 1.30 -1.93 3.45
C LEU A 52 0.13 -1.38 4.27
N ALA A 53 -1.08 -1.75 3.88
CA ALA A 53 -2.28 -1.31 4.58
C ALA A 53 -2.30 -1.80 6.02
N THR A 54 -2.27 -3.12 6.19
CA THR A 54 -2.28 -3.72 7.51
C THR A 54 -1.27 -3.05 8.43
N HIS A 55 -0.08 -2.78 7.89
CA HIS A 55 0.97 -2.13 8.67
C HIS A 55 0.96 -0.62 8.46
N ALA A 56 -0.25 -0.05 8.37
CA ALA A 56 -0.40 1.39 8.18
C ALA A 56 0.13 2.16 9.38
N GLY A 57 0.46 3.43 9.16
CA GLY A 57 0.98 4.26 10.23
C GLY A 57 2.42 3.92 10.59
N GLN A 58 2.73 2.63 10.62
CA GLN A 58 4.08 2.19 10.95
C GLN A 58 5.01 2.34 9.75
N ILE A 59 6.23 2.80 10.01
CA ILE A 59 7.22 2.99 8.96
C ILE A 59 7.64 1.65 8.35
N MET A 60 7.27 1.45 7.09
CA MET A 60 7.61 0.21 6.39
C MET A 60 8.93 0.36 5.63
N ASP A 61 9.99 -0.23 6.17
CA ASP A 61 11.30 -0.17 5.54
C ASP A 61 11.39 -1.12 4.36
N ARG A 62 12.19 -0.75 3.36
CA ARG A 62 12.35 -1.57 2.17
C ARG A 62 12.62 -3.03 2.54
N ASP A 63 13.61 -3.25 3.38
CA ASP A 63 13.96 -4.60 3.83
C ASP A 63 12.75 -5.28 4.46
N ALA A 64 11.92 -4.51 5.13
CA ALA A 64 10.74 -5.05 5.78
C ALA A 64 9.58 -5.19 4.80
N LEU A 65 9.65 -4.43 3.71
CA LEU A 65 8.60 -4.47 2.69
C LEU A 65 8.74 -5.72 1.82
N LEU A 66 9.89 -5.87 1.17
CA LEU A 66 10.15 -7.01 0.32
C LEU A 66 9.79 -8.32 1.02
N LYS A 67 10.07 -8.37 2.33
CA LYS A 67 9.78 -9.55 3.13
C LYS A 67 8.34 -10.00 2.92
N ASN A 68 7.46 -9.04 2.63
CA ASN A 68 6.05 -9.34 2.42
C ASN A 68 5.81 -9.86 1.00
N LEU A 69 6.57 -9.34 0.06
CA LEU A 69 6.44 -9.74 -1.34
C LEU A 69 6.90 -11.18 -1.53
N ARG A 70 8.12 -11.47 -1.10
CA ARG A 70 8.68 -12.82 -1.22
C ARG A 70 9.19 -13.32 0.13
N GLY A 71 10.09 -12.55 0.74
CA GLY A 71 10.65 -12.93 2.02
C GLY A 71 11.39 -14.25 1.96
N VAL A 72 12.01 -14.52 0.82
CA VAL A 72 12.76 -15.77 0.64
C VAL A 72 14.21 -15.60 1.07
N THR A 73 15.01 -16.63 0.87
CA THR A 73 16.41 -16.61 1.24
C THR A 73 17.13 -15.43 0.58
N TYR A 74 16.55 -14.92 -0.51
CA TYR A 74 17.14 -13.80 -1.23
C TYR A 74 17.47 -12.65 -0.28
N ASP A 75 18.51 -11.90 -0.61
CA ASP A 75 18.94 -10.77 0.21
C ASP A 75 19.21 -9.54 -0.66
N GLY A 76 18.82 -8.37 -0.15
CA GLY A 76 19.03 -7.14 -0.89
C GLY A 76 18.27 -7.12 -2.20
N MET A 77 17.05 -7.65 -2.19
CA MET A 77 16.22 -7.69 -3.39
C MET A 77 15.30 -6.48 -3.44
N ASP A 78 15.86 -5.31 -3.11
CA ASP A 78 15.08 -4.07 -3.12
C ASP A 78 14.76 -3.65 -4.56
N ARG A 79 15.61 -4.06 -5.50
CA ARG A 79 15.42 -3.73 -6.90
C ARG A 79 13.95 -3.82 -7.29
N SER A 80 13.32 -4.94 -6.93
CA SER A 80 11.91 -5.15 -7.24
C SER A 80 11.03 -4.13 -6.53
N VAL A 81 11.16 -4.06 -5.20
CA VAL A 81 10.39 -3.12 -4.41
C VAL A 81 10.34 -1.74 -5.07
N ASP A 82 11.51 -1.22 -5.41
CA ASP A 82 11.61 0.09 -6.04
C ASP A 82 10.60 0.21 -7.19
N VAL A 83 10.75 -0.64 -8.19
CA VAL A 83 9.86 -0.63 -9.35
C VAL A 83 8.40 -0.66 -8.91
N ALA A 84 8.09 -1.53 -7.96
CA ALA A 84 6.72 -1.65 -7.45
C ALA A 84 6.23 -0.33 -6.86
N ILE A 85 7.03 0.24 -5.96
CA ILE A 85 6.67 1.50 -5.33
C ILE A 85 6.32 2.56 -6.37
N SER A 86 7.28 2.86 -7.24
CA SER A 86 7.07 3.86 -8.29
C SER A 86 5.80 3.56 -9.07
N ARG A 87 5.43 2.28 -9.16
CA ARG A 87 4.23 1.88 -9.88
C ARG A 87 2.98 2.20 -9.08
N LEU A 88 2.99 1.84 -7.79
CA LEU A 88 1.86 2.09 -6.92
C LEU A 88 1.50 3.58 -6.89
N ARG A 89 2.52 4.42 -6.75
CA ARG A 89 2.32 5.86 -6.71
C ARG A 89 1.89 6.39 -8.08
N LYS A 90 2.62 6.01 -9.12
CA LYS A 90 2.31 6.43 -10.47
C LYS A 90 0.91 5.99 -10.88
N LYS A 91 0.46 4.87 -10.32
CA LYS A 91 -0.87 4.35 -10.61
C LYS A 91 -1.90 4.88 -9.62
N LEU A 92 -1.42 5.35 -8.47
CA LEU A 92 -2.30 5.88 -7.45
C LEU A 92 -1.92 7.32 -7.09
N LEU A 93 -1.44 8.05 -8.09
CA LEU A 93 -1.04 9.45 -7.89
C LEU A 93 -2.25 10.37 -7.93
N ASP A 94 -3.21 10.12 -7.05
CA ASP A 94 -4.41 10.94 -6.97
C ASP A 94 -4.07 12.42 -6.82
N ASN A 95 -4.90 13.28 -7.38
CA ASN A 95 -4.69 14.72 -7.31
C ASN A 95 -5.98 15.45 -6.96
N ALA A 96 -7.01 15.25 -7.77
CA ALA A 96 -8.30 15.87 -7.54
C ALA A 96 -9.09 15.14 -6.47
N THR A 97 -9.16 13.82 -6.58
CA THR A 97 -9.89 13.00 -5.62
C THR A 97 -9.20 13.02 -4.27
N GLU A 98 -7.89 12.76 -4.27
CA GLU A 98 -7.12 12.74 -3.03
C GLU A 98 -5.66 13.09 -3.29
N PRO A 99 -4.94 13.49 -2.24
CA PRO A 99 -3.53 13.86 -2.33
C PRO A 99 -2.63 12.65 -2.60
N TYR A 100 -1.33 12.83 -2.39
CA TYR A 100 -0.37 11.75 -2.62
C TYR A 100 0.00 11.07 -1.31
N ARG A 101 -0.97 10.43 -0.68
CA ARG A 101 -0.74 9.74 0.59
C ARG A 101 0.43 8.78 0.47
N ILE A 102 0.63 7.96 1.51
CA ILE A 102 1.71 7.00 1.53
C ILE A 102 3.00 7.59 0.95
N LYS A 103 3.41 8.73 1.50
CA LYS A 103 4.62 9.39 1.04
C LYS A 103 5.87 8.61 1.44
N THR A 104 7.03 9.08 1.01
CA THR A 104 8.29 8.43 1.32
C THR A 104 9.00 9.12 2.49
N VAL A 105 9.77 8.34 3.25
CA VAL A 105 10.51 8.88 4.38
C VAL A 105 11.98 9.03 4.06
N ARG A 106 12.70 9.75 4.92
CA ARG A 106 14.13 9.99 4.72
C ARG A 106 14.86 8.66 4.47
N ASN A 107 14.88 8.22 3.22
CA ASN A 107 15.54 6.98 2.86
C ASN A 107 15.37 5.93 3.95
N LYS A 108 14.19 5.90 4.56
CA LYS A 108 13.89 4.94 5.61
C LYS A 108 12.68 4.08 5.26
N GLY A 109 12.21 4.23 4.02
CA GLY A 109 11.06 3.45 3.58
C GLY A 109 9.89 4.34 3.17
N TYR A 110 8.69 3.92 3.53
CA TYR A 110 7.49 4.67 3.21
C TYR A 110 6.59 4.84 4.43
N LEU A 111 5.85 5.94 4.47
CA LEU A 111 4.94 6.22 5.59
C LEU A 111 3.69 6.92 5.10
N PHE A 112 2.55 6.56 5.69
CA PHE A 112 1.27 7.16 5.32
C PHE A 112 1.20 8.61 5.78
N ALA A 113 0.42 9.41 5.07
CA ALA A 113 0.26 10.83 5.40
C ALA A 113 -0.37 11.00 6.77
N PRO A 114 -0.18 12.20 7.36
CA PRO A 114 -0.73 12.52 8.68
C PRO A 114 -2.25 12.64 8.67
N HIS A 115 -2.82 12.80 7.48
CA HIS A 115 -4.26 12.93 7.33
C HIS A 115 -4.91 11.56 7.15
N ALA A 116 -4.09 10.53 7.08
CA ALA A 116 -4.58 9.17 6.90
C ALA A 116 -3.92 8.21 7.88
N TRP A 117 -4.58 7.93 8.99
CA TRP A 117 -4.05 7.04 10.00
C TRP A 117 -5.17 6.47 10.87
N ASP A 118 -4.88 5.37 11.56
CA ASP A 118 -5.86 4.72 12.42
C ASP A 118 -5.21 4.25 13.72
N ASN A 119 -6.03 3.76 14.64
CA ASN A 119 -5.54 3.27 15.93
C ASN A 119 -4.88 1.90 15.77
N GLY A 10 -29.88 1.80 14.13
CA GLY A 10 -28.72 2.44 13.55
C GLY A 10 -28.05 1.58 12.49
N THR A 11 -27.48 2.22 11.48
CA THR A 11 -26.81 1.50 10.41
C THR A 11 -25.58 0.75 10.91
N LEU A 12 -25.67 -0.58 10.93
CA LEU A 12 -24.57 -1.41 11.40
C LEU A 12 -23.71 -1.89 10.22
N THR A 13 -22.78 -1.06 9.80
CA THR A 13 -21.89 -1.40 8.69
C THR A 13 -20.44 -1.50 9.16
N PRO A 14 -20.07 -2.68 9.68
CA PRO A 14 -18.71 -2.93 10.17
C PRO A 14 -17.69 -3.00 9.04
N HIS A 15 -16.47 -3.40 9.38
CA HIS A 15 -15.41 -3.53 8.38
C HIS A 15 -14.34 -4.50 8.85
N LYS A 16 -14.33 -5.69 8.27
CA LYS A 16 -13.35 -6.72 8.63
C LYS A 16 -12.04 -6.50 7.88
N THR A 17 -12.09 -5.74 6.80
CA THR A 17 -10.91 -5.45 6.00
C THR A 17 -10.27 -4.13 6.41
N ILE A 18 -9.25 -3.72 5.67
CA ILE A 18 -8.55 -2.47 5.96
C ILE A 18 -8.69 -1.48 4.82
N SER A 19 -8.96 -0.23 5.15
CA SER A 19 -9.12 0.82 4.15
C SER A 19 -8.35 2.08 4.55
N PHE A 20 -7.73 2.72 3.55
CA PHE A 20 -6.96 3.93 3.79
C PHE A 20 -7.63 5.14 3.14
N GLY A 21 -6.96 6.29 3.20
CA GLY A 21 -7.49 7.50 2.62
C GLY A 21 -8.70 7.23 1.73
N SER A 22 -8.44 6.85 0.48
CA SER A 22 -9.51 6.57 -0.47
C SER A 22 -9.35 5.17 -1.06
N LEU A 23 -8.32 4.46 -0.61
CA LEU A 23 -8.06 3.11 -1.09
C LEU A 23 -8.64 2.07 -0.14
N THR A 24 -9.07 0.94 -0.68
CA THR A 24 -9.64 -0.13 0.13
C THR A 24 -9.03 -1.48 -0.24
N ILE A 25 -8.51 -2.18 0.77
CA ILE A 25 -7.89 -3.49 0.55
C ILE A 25 -8.72 -4.60 1.19
N ASP A 26 -9.23 -5.50 0.35
CA ASP A 26 -10.05 -6.62 0.84
C ASP A 26 -9.43 -7.95 0.43
N PRO A 27 -9.05 -8.76 1.42
CA PRO A 27 -8.45 -10.08 1.19
C PRO A 27 -9.44 -11.07 0.62
N VAL A 28 -10.72 -10.83 0.86
CA VAL A 28 -11.78 -11.71 0.37
C VAL A 28 -11.87 -11.67 -1.15
N ASN A 29 -11.74 -10.46 -1.70
CA ASN A 29 -11.81 -10.28 -3.15
C ASN A 29 -10.42 -10.04 -3.73
N ARG A 30 -9.42 -9.95 -2.86
CA ARG A 30 -8.04 -9.72 -3.29
C ARG A 30 -7.98 -8.60 -4.33
N GLN A 31 -8.82 -7.59 -4.15
CA GLN A 31 -8.85 -6.46 -5.08
C GLN A 31 -8.74 -5.14 -4.32
N VAL A 32 -8.45 -4.07 -5.06
CA VAL A 32 -8.31 -2.74 -4.47
C VAL A 32 -9.22 -1.74 -5.16
N LEU A 33 -9.77 -0.82 -4.38
CA LEU A 33 -10.65 0.21 -4.92
C LEU A 33 -10.21 1.60 -4.46
N LEU A 34 -9.93 2.47 -5.42
CA LEU A 34 -9.50 3.84 -5.12
C LEU A 34 -10.41 4.85 -5.79
N GLY A 35 -11.13 5.62 -4.98
CA GLY A 35 -12.04 6.63 -5.52
C GLY A 35 -13.34 6.03 -6.01
N GLY A 36 -13.59 4.78 -5.65
CA GLY A 36 -14.81 4.12 -6.07
C GLY A 36 -14.59 3.19 -7.25
N GLU A 37 -13.42 3.31 -7.88
CA GLU A 37 -13.09 2.47 -9.04
C GLU A 37 -11.94 1.53 -8.71
N ASN A 38 -12.07 0.28 -9.13
CA ASN A 38 -11.03 -0.72 -8.89
C ASN A 38 -9.74 -0.37 -9.63
N VAL A 39 -8.61 -0.75 -9.04
CA VAL A 39 -7.32 -0.47 -9.64
C VAL A 39 -6.58 -1.76 -9.97
N ALA A 40 -6.05 -1.86 -11.19
CA ALA A 40 -5.31 -3.03 -11.62
C ALA A 40 -3.82 -2.85 -11.40
N LEU A 41 -3.26 -3.65 -10.49
CA LEU A 41 -1.84 -3.58 -10.18
C LEU A 41 -1.20 -4.97 -10.23
N SER A 42 0.04 -5.03 -10.70
CA SER A 42 0.76 -6.29 -10.80
C SER A 42 0.72 -7.04 -9.47
N THR A 43 0.77 -8.37 -9.55
CA THR A 43 0.74 -9.21 -8.36
C THR A 43 1.56 -8.59 -7.23
N ALA A 44 2.85 -8.41 -7.46
CA ALA A 44 3.75 -7.84 -6.47
C ALA A 44 3.19 -6.52 -5.95
N ASP A 45 2.79 -5.63 -6.86
CA ASP A 45 2.25 -4.33 -6.49
C ASP A 45 1.07 -4.50 -5.54
N PHE A 46 0.26 -5.53 -5.76
CA PHE A 46 -0.91 -5.79 -4.93
C PHE A 46 -0.47 -6.26 -3.54
N ASP A 47 0.50 -7.16 -3.50
CA ASP A 47 1.00 -7.69 -2.23
C ASP A 47 1.65 -6.58 -1.41
N LEU A 48 2.45 -5.75 -2.07
CA LEU A 48 3.13 -4.65 -1.40
C LEU A 48 2.15 -3.82 -0.57
N LEU A 49 1.03 -3.47 -1.19
CA LEU A 49 0.00 -2.66 -0.53
C LEU A 49 -0.61 -3.44 0.64
N TRP A 50 -0.88 -4.72 0.42
CA TRP A 50 -1.46 -5.57 1.44
C TRP A 50 -0.80 -5.35 2.79
N GLU A 51 0.53 -5.37 2.80
CA GLU A 51 1.29 -5.17 4.03
C GLU A 51 1.43 -3.67 4.34
N LEU A 52 1.54 -2.87 3.29
CA LEU A 52 1.68 -1.43 3.45
C LEU A 52 0.63 -0.89 4.43
N ALA A 53 -0.61 -1.29 4.23
CA ALA A 53 -1.71 -0.85 5.09
C ALA A 53 -1.68 -1.59 6.43
N THR A 54 -1.53 -2.92 6.37
CA THR A 54 -1.50 -3.73 7.57
C THR A 54 -0.54 -3.15 8.61
N HIS A 55 0.50 -2.48 8.13
CA HIS A 55 1.48 -1.86 9.02
C HIS A 55 1.31 -0.36 9.07
N ALA A 56 0.06 0.08 9.18
CA ALA A 56 -0.24 1.51 9.24
C ALA A 56 0.47 2.18 10.41
N GLY A 57 0.94 3.41 10.18
CA GLY A 57 1.64 4.13 11.23
C GLY A 57 3.06 3.64 11.41
N GLN A 58 3.26 2.33 11.34
CA GLN A 58 4.58 1.74 11.50
C GLN A 58 5.44 1.98 10.26
N ILE A 59 6.63 2.50 10.45
CA ILE A 59 7.54 2.77 9.35
C ILE A 59 7.99 1.48 8.68
N MET A 60 7.47 1.21 7.49
CA MET A 60 7.82 0.00 6.75
C MET A 60 9.07 0.23 5.90
N ASP A 61 10.17 -0.40 6.29
CA ASP A 61 11.43 -0.27 5.56
C ASP A 61 11.47 -1.22 4.37
N ARG A 62 12.29 -0.89 3.37
CA ARG A 62 12.42 -1.71 2.18
C ARG A 62 12.63 -3.18 2.55
N ASP A 63 13.67 -3.44 3.34
CA ASP A 63 13.98 -4.80 3.77
C ASP A 63 12.76 -5.46 4.41
N ALA A 64 11.94 -4.64 5.07
CA ALA A 64 10.74 -5.15 5.73
C ALA A 64 9.59 -5.32 4.74
N LEU A 65 9.68 -4.60 3.62
CA LEU A 65 8.64 -4.67 2.58
C LEU A 65 8.83 -5.90 1.72
N LEU A 66 9.99 -6.00 1.08
CA LEU A 66 10.30 -7.14 0.22
C LEU A 66 10.02 -8.46 0.93
N LYS A 67 10.17 -8.46 2.25
CA LYS A 67 9.92 -9.65 3.04
C LYS A 67 8.57 -10.27 2.71
N ASN A 68 7.65 -9.43 2.22
CA ASN A 68 6.31 -9.89 1.86
C ASN A 68 6.31 -10.49 0.47
N LEU A 69 7.04 -9.87 -0.45
CA LEU A 69 7.13 -10.34 -1.83
C LEU A 69 7.92 -11.64 -1.91
N ARG A 70 9.11 -11.64 -1.31
CA ARG A 70 9.96 -12.82 -1.31
C ARG A 70 10.12 -13.39 0.09
N GLY A 71 10.78 -12.62 0.97
CA GLY A 71 10.99 -13.07 2.33
C GLY A 71 11.94 -14.25 2.43
N VAL A 72 12.78 -14.41 1.40
CA VAL A 72 13.74 -15.50 1.38
C VAL A 72 15.02 -15.11 2.10
N THR A 73 16.01 -16.01 2.06
CA THR A 73 17.29 -15.77 2.71
C THR A 73 18.08 -14.68 1.98
N TYR A 74 18.04 -14.72 0.66
CA TYR A 74 18.76 -13.73 -0.15
C TYR A 74 18.26 -12.32 0.15
N ASP A 75 19.15 -11.49 0.66
CA ASP A 75 18.81 -10.11 1.00
C ASP A 75 19.38 -9.15 -0.05
N GLY A 76 19.21 -7.85 0.19
CA GLY A 76 19.70 -6.85 -0.73
C GLY A 76 19.00 -6.90 -2.07
N MET A 77 17.72 -7.28 -2.05
CA MET A 77 16.94 -7.39 -3.28
C MET A 77 15.90 -6.26 -3.36
N ASP A 78 16.32 -5.05 -3.00
CA ASP A 78 15.44 -3.90 -3.03
C ASP A 78 15.15 -3.46 -4.46
N ARG A 79 15.99 -3.90 -5.39
CA ARG A 79 15.83 -3.56 -6.79
C ARG A 79 14.35 -3.63 -7.20
N SER A 80 13.72 -4.76 -6.92
CA SER A 80 12.31 -4.96 -7.25
C SER A 80 11.43 -3.98 -6.48
N VAL A 81 11.66 -3.89 -5.18
CA VAL A 81 10.87 -2.99 -4.33
C VAL A 81 10.81 -1.60 -4.94
N ASP A 82 11.97 -1.02 -5.23
CA ASP A 82 12.04 0.32 -5.80
C ASP A 82 11.05 0.46 -6.96
N VAL A 83 11.22 -0.38 -7.98
CA VAL A 83 10.33 -0.35 -9.14
C VAL A 83 8.87 -0.39 -8.73
N ALA A 84 8.55 -1.27 -7.79
CA ALA A 84 7.19 -1.42 -7.30
C ALA A 84 6.67 -0.11 -6.72
N ILE A 85 7.44 0.47 -5.80
CA ILE A 85 7.06 1.73 -5.16
C ILE A 85 6.74 2.79 -6.21
N SER A 86 7.68 3.03 -7.13
CA SER A 86 7.50 4.02 -8.17
C SER A 86 6.23 3.75 -8.97
N ARG A 87 5.88 2.47 -9.09
CA ARG A 87 4.68 2.07 -9.82
C ARG A 87 3.42 2.37 -9.02
N LEU A 88 3.43 2.00 -7.75
CA LEU A 88 2.29 2.25 -6.87
C LEU A 88 1.93 3.73 -6.84
N ARG A 89 2.95 4.56 -6.65
CA ARG A 89 2.74 6.01 -6.59
C ARG A 89 2.36 6.56 -7.95
N LYS A 90 3.11 6.17 -8.98
CA LYS A 90 2.85 6.63 -10.34
C LYS A 90 1.37 6.56 -10.66
N LYS A 91 0.71 5.51 -10.18
CA LYS A 91 -0.72 5.33 -10.40
C LYS A 91 -1.54 6.03 -9.32
N LEU A 92 -1.01 6.05 -8.11
CA LEU A 92 -1.69 6.68 -6.98
C LEU A 92 -1.21 8.13 -6.81
N LEU A 93 -0.73 8.73 -7.89
CA LEU A 93 -0.25 10.10 -7.85
C LEU A 93 -1.41 11.09 -7.80
N ASP A 94 -2.35 10.85 -6.90
CA ASP A 94 -3.52 11.71 -6.76
C ASP A 94 -3.13 13.01 -6.05
N ASN A 95 -3.55 14.13 -6.62
CA ASN A 95 -3.25 15.44 -6.05
C ASN A 95 -4.52 16.11 -5.53
N ALA A 96 -5.65 15.77 -6.13
CA ALA A 96 -6.93 16.33 -5.74
C ALA A 96 -7.54 15.55 -4.58
N THR A 97 -7.41 14.23 -4.62
CA THR A 97 -7.94 13.37 -3.59
C THR A 97 -7.18 13.56 -2.27
N GLU A 98 -5.85 13.49 -2.36
CA GLU A 98 -5.02 13.65 -1.17
C GLU A 98 -3.60 14.07 -1.56
N PRO A 99 -2.85 14.59 -0.58
CA PRO A 99 -1.47 15.04 -0.80
C PRO A 99 -0.51 13.88 -1.05
N TYR A 100 -0.69 13.22 -2.19
CA TYR A 100 0.16 12.09 -2.55
C TYR A 100 0.40 11.18 -1.36
N ARG A 101 -0.69 10.72 -0.73
CA ARG A 101 -0.60 9.85 0.42
C ARG A 101 0.46 8.76 0.20
N ILE A 102 0.94 8.19 1.30
CA ILE A 102 1.96 7.15 1.23
C ILE A 102 3.29 7.71 0.74
N LYS A 103 3.70 8.83 1.32
CA LYS A 103 4.97 9.47 0.94
C LYS A 103 6.16 8.65 1.43
N THR A 104 7.36 9.09 1.07
CA THR A 104 8.58 8.39 1.48
C THR A 104 9.25 9.12 2.62
N VAL A 105 9.97 8.38 3.45
CA VAL A 105 10.68 8.94 4.60
C VAL A 105 12.18 8.93 4.39
N ARG A 106 12.91 9.65 5.24
CA ARG A 106 14.36 9.72 5.14
C ARG A 106 14.96 8.32 5.02
N ASN A 107 15.02 7.80 3.80
CA ASN A 107 15.57 6.48 3.55
C ASN A 107 15.27 5.53 4.71
N LYS A 108 14.08 5.70 5.30
CA LYS A 108 13.66 4.86 6.42
C LYS A 108 12.47 3.99 6.03
N GLY A 109 11.91 4.26 4.85
CA GLY A 109 10.77 3.47 4.38
C GLY A 109 9.73 4.34 3.69
N TYR A 110 8.47 4.02 3.90
CA TYR A 110 7.37 4.76 3.29
C TYR A 110 6.18 4.87 4.25
N LEU A 111 5.85 6.10 4.63
CA LEU A 111 4.73 6.33 5.54
C LEU A 111 3.64 7.16 4.86
N PHE A 112 2.43 7.09 5.40
CA PHE A 112 1.30 7.82 4.84
C PHE A 112 1.46 9.32 5.08
N ALA A 113 0.49 10.10 4.62
CA ALA A 113 0.51 11.55 4.79
C ALA A 113 -0.22 11.96 6.06
N PRO A 114 0.20 13.10 6.63
CA PRO A 114 -0.41 13.63 7.85
C PRO A 114 -1.83 14.15 7.62
N HIS A 115 -2.07 14.70 6.44
CA HIS A 115 -3.39 15.22 6.10
C HIS A 115 -4.38 14.09 5.86
N ALA A 116 -3.86 12.89 5.66
CA ALA A 116 -4.70 11.72 5.43
C ALA A 116 -5.51 11.36 6.66
N TRP A 117 -6.75 10.93 6.46
CA TRP A 117 -7.62 10.56 7.56
C TRP A 117 -7.02 9.42 8.37
N ASP A 118 -7.77 8.95 9.37
CA ASP A 118 -7.31 7.85 10.22
C ASP A 118 -7.65 6.50 9.60
N ASN A 119 -7.34 5.44 10.32
CA ASN A 119 -7.62 4.09 9.84
C ASN A 119 -9.11 3.82 9.78
N GLY A 10 -29.01 -8.75 5.44
CA GLY A 10 -28.18 -8.81 4.25
C GLY A 10 -27.27 -7.61 4.12
N THR A 11 -27.75 -6.45 4.56
CA THR A 11 -26.97 -5.22 4.48
C THR A 11 -26.11 -5.04 5.73
N LEU A 12 -24.91 -5.60 5.69
CA LEU A 12 -23.98 -5.49 6.82
C LEU A 12 -22.75 -4.68 6.45
N THR A 13 -22.03 -4.20 7.46
CA THR A 13 -20.84 -3.39 7.25
C THR A 13 -19.69 -3.87 8.13
N PRO A 14 -18.98 -4.90 7.67
CA PRO A 14 -17.85 -5.47 8.41
C PRO A 14 -16.65 -4.53 8.45
N HIS A 15 -15.86 -4.63 9.51
CA HIS A 15 -14.68 -3.79 9.66
C HIS A 15 -13.41 -4.63 9.71
N LYS A 16 -13.56 -5.92 9.44
CA LYS A 16 -12.42 -6.84 9.45
C LYS A 16 -11.34 -6.37 8.49
N THR A 17 -11.75 -5.74 7.39
CA THR A 17 -10.83 -5.25 6.39
C THR A 17 -10.06 -4.03 6.90
N ILE A 18 -9.03 -3.64 6.17
CA ILE A 18 -8.22 -2.49 6.55
C ILE A 18 -8.43 -1.32 5.58
N SER A 19 -8.34 -0.11 6.10
CA SER A 19 -8.52 1.09 5.28
C SER A 19 -7.63 2.22 5.76
N PHE A 20 -6.76 2.70 4.88
CA PHE A 20 -5.84 3.78 5.21
C PHE A 20 -6.07 4.99 4.32
N GLY A 21 -6.33 6.14 4.94
CA GLY A 21 -6.58 7.36 4.19
C GLY A 21 -7.87 7.31 3.40
N SER A 22 -7.76 7.09 2.10
CA SER A 22 -8.93 7.02 1.23
C SER A 22 -8.99 5.68 0.50
N LEU A 23 -7.94 4.89 0.64
CA LEU A 23 -7.87 3.58 0.00
C LEU A 23 -8.32 2.48 0.96
N THR A 24 -8.96 1.46 0.41
CA THR A 24 -9.44 0.34 1.21
C THR A 24 -8.92 -0.99 0.68
N ILE A 25 -8.29 -1.76 1.56
CA ILE A 25 -7.73 -3.06 1.18
C ILE A 25 -8.46 -4.20 1.88
N ASP A 26 -9.13 -5.04 1.10
CA ASP A 26 -9.87 -6.17 1.66
C ASP A 26 -9.15 -7.49 1.35
N PRO A 27 -8.82 -8.24 2.40
CA PRO A 27 -8.14 -9.53 2.26
C PRO A 27 -9.03 -10.61 1.65
N VAL A 28 -10.31 -10.58 2.00
CA VAL A 28 -11.27 -11.54 1.49
C VAL A 28 -11.53 -11.32 0.00
N ASN A 29 -11.71 -10.06 -0.38
CA ASN A 29 -11.96 -9.72 -1.78
C ASN A 29 -10.65 -9.57 -2.55
N ARG A 30 -9.55 -9.54 -1.82
CA ARG A 30 -8.23 -9.40 -2.43
C ARG A 30 -8.23 -8.27 -3.46
N GLN A 31 -9.01 -7.23 -3.19
CA GLN A 31 -9.10 -6.10 -4.11
C GLN A 31 -8.94 -4.78 -3.35
N VAL A 32 -8.69 -3.70 -4.08
CA VAL A 32 -8.52 -2.38 -3.48
C VAL A 32 -9.53 -1.39 -4.04
N LEU A 33 -10.01 -0.50 -3.18
CA LEU A 33 -10.98 0.51 -3.59
C LEU A 33 -10.53 1.91 -3.16
N LEU A 34 -10.45 2.83 -4.12
CA LEU A 34 -10.03 4.19 -3.84
C LEU A 34 -11.02 5.20 -4.43
N GLY A 35 -11.65 5.97 -3.56
CA GLY A 35 -12.60 6.97 -4.02
C GLY A 35 -13.95 6.35 -4.36
N GLY A 36 -14.12 5.08 -4.05
CA GLY A 36 -15.37 4.39 -4.34
C GLY A 36 -15.26 3.46 -5.51
N GLU A 37 -14.17 3.58 -6.27
CA GLU A 37 -13.95 2.74 -7.45
C GLU A 37 -12.77 1.80 -7.23
N ASN A 38 -12.93 0.55 -7.65
CA ASN A 38 -11.88 -0.45 -7.50
C ASN A 38 -10.62 -0.03 -8.26
N VAL A 39 -9.46 -0.26 -7.65
CA VAL A 39 -8.19 0.09 -8.27
C VAL A 39 -7.53 -1.12 -8.92
N ALA A 40 -7.31 -1.03 -10.23
CA ALA A 40 -6.68 -2.12 -10.97
C ALA A 40 -5.17 -2.07 -10.86
N LEU A 41 -4.58 -3.10 -10.27
CA LEU A 41 -3.13 -3.17 -10.10
C LEU A 41 -2.64 -4.60 -10.20
N SER A 42 -1.47 -4.79 -10.81
CA SER A 42 -0.89 -6.12 -10.97
C SER A 42 -0.87 -6.86 -9.64
N THR A 43 -1.00 -8.18 -9.71
CA THR A 43 -1.00 -9.02 -8.51
C THR A 43 0.02 -8.52 -7.49
N ALA A 44 1.28 -8.44 -7.90
CA ALA A 44 2.34 -7.98 -7.02
C ALA A 44 2.05 -6.58 -6.49
N ASP A 45 1.69 -5.67 -7.39
CA ASP A 45 1.38 -4.30 -7.02
C ASP A 45 0.36 -4.27 -5.88
N PHE A 46 -0.70 -5.07 -6.02
CA PHE A 46 -1.75 -5.13 -5.01
C PHE A 46 -1.20 -5.67 -3.69
N ASP A 47 -0.44 -6.76 -3.78
CA ASP A 47 0.15 -7.38 -2.60
C ASP A 47 1.02 -6.38 -1.83
N LEU A 48 1.71 -5.53 -2.57
CA LEU A 48 2.58 -4.52 -1.97
C LEU A 48 1.80 -3.61 -1.04
N LEU A 49 0.67 -3.10 -1.54
CA LEU A 49 -0.17 -2.21 -0.76
C LEU A 49 -0.71 -2.92 0.49
N TRP A 50 -1.12 -4.17 0.32
CA TRP A 50 -1.65 -4.94 1.42
C TRP A 50 -0.76 -4.80 2.67
N GLU A 51 0.55 -4.88 2.46
CA GLU A 51 1.50 -4.76 3.56
C GLU A 51 1.83 -3.29 3.83
N LEU A 52 1.93 -2.51 2.77
CA LEU A 52 2.24 -1.08 2.89
C LEU A 52 1.30 -0.40 3.88
N ALA A 53 0.00 -0.64 3.71
CA ALA A 53 -1.00 -0.05 4.59
C ALA A 53 -0.93 -0.66 5.98
N THR A 54 -1.03 -1.99 6.05
CA THR A 54 -1.00 -2.70 7.32
C THR A 54 0.18 -2.22 8.18
N HIS A 55 1.25 -1.79 7.52
CA HIS A 55 2.44 -1.31 8.22
C HIS A 55 2.62 0.19 8.01
N ALA A 56 1.52 0.93 8.10
CA ALA A 56 1.56 2.38 7.92
C ALA A 56 2.41 3.05 9.00
N GLY A 57 2.92 4.24 8.70
CA GLY A 57 3.74 4.95 9.66
C GLY A 57 5.14 4.41 9.74
N GLN A 58 5.26 3.08 9.71
CA GLN A 58 6.56 2.43 9.79
C GLN A 58 7.23 2.39 8.41
N ILE A 59 8.53 2.68 8.38
CA ILE A 59 9.28 2.67 7.13
C ILE A 59 9.38 1.27 6.56
N MET A 60 8.73 1.04 5.43
CA MET A 60 8.75 -0.26 4.78
C MET A 60 9.98 -0.41 3.89
N ASP A 61 10.98 -1.13 4.37
CA ASP A 61 12.21 -1.35 3.61
C ASP A 61 11.98 -2.32 2.46
N ARG A 62 12.74 -2.15 1.38
CA ARG A 62 12.61 -3.02 0.22
C ARG A 62 12.66 -4.48 0.62
N ASP A 63 13.73 -4.88 1.29
CA ASP A 63 13.90 -6.26 1.72
C ASP A 63 12.68 -6.73 2.52
N ALA A 64 12.07 -5.80 3.24
CA ALA A 64 10.89 -6.12 4.04
C ALA A 64 9.62 -6.09 3.20
N LEU A 65 9.68 -5.38 2.08
CA LEU A 65 8.54 -5.29 1.17
C LEU A 65 8.43 -6.52 0.28
N LEU A 66 9.48 -6.76 -0.49
CA LEU A 66 9.51 -7.91 -1.39
C LEU A 66 9.16 -9.20 -0.64
N LYS A 67 9.66 -9.32 0.59
CA LYS A 67 9.41 -10.49 1.41
C LYS A 67 7.91 -10.81 1.45
N ASN A 68 7.09 -9.77 1.36
CA ASN A 68 5.64 -9.94 1.39
C ASN A 68 5.12 -10.39 0.02
N LEU A 69 5.74 -9.87 -1.04
CA LEU A 69 5.33 -10.22 -2.39
C LEU A 69 5.68 -11.67 -2.71
N ARG A 70 6.94 -12.03 -2.51
CA ARG A 70 7.40 -13.39 -2.78
C ARG A 70 7.04 -14.32 -1.63
N GLY A 71 7.69 -14.11 -0.49
CA GLY A 71 7.43 -14.94 0.68
C GLY A 71 8.36 -16.12 0.78
N VAL A 72 9.16 -16.32 -0.26
CA VAL A 72 10.11 -17.43 -0.29
C VAL A 72 11.44 -17.04 0.35
N THR A 73 12.41 -17.93 0.28
CA THR A 73 13.73 -17.69 0.85
C THR A 73 14.60 -16.86 -0.09
N TYR A 74 14.02 -16.49 -1.23
CA TYR A 74 14.75 -15.69 -2.22
C TYR A 74 14.85 -14.24 -1.79
N ASP A 75 15.98 -13.87 -1.20
CA ASP A 75 16.20 -12.50 -0.75
C ASP A 75 16.82 -11.65 -1.86
N GLY A 76 16.91 -10.35 -1.61
CA GLY A 76 17.49 -9.45 -2.59
C GLY A 76 16.68 -9.40 -3.88
N MET A 77 15.36 -9.32 -3.73
CA MET A 77 14.47 -9.26 -4.88
C MET A 77 13.83 -7.89 -5.00
N ASP A 78 14.65 -6.85 -4.91
CA ASP A 78 14.17 -5.47 -5.01
C ASP A 78 13.70 -5.17 -6.43
N ARG A 79 14.22 -5.92 -7.40
CA ARG A 79 13.86 -5.72 -8.80
C ARG A 79 12.36 -5.52 -8.95
N SER A 80 11.57 -6.42 -8.37
CA SER A 80 10.13 -6.33 -8.44
C SER A 80 9.61 -5.12 -7.66
N VAL A 81 10.20 -4.88 -6.49
CA VAL A 81 9.81 -3.77 -5.65
C VAL A 81 9.86 -2.45 -6.43
N ASP A 82 11.02 -2.15 -6.99
CA ASP A 82 11.19 -0.92 -7.76
C ASP A 82 10.05 -0.73 -8.76
N VAL A 83 9.90 -1.70 -9.66
CA VAL A 83 8.85 -1.65 -10.67
C VAL A 83 7.48 -1.43 -10.03
N ALA A 84 7.19 -2.20 -8.99
CA ALA A 84 5.93 -2.09 -8.28
C ALA A 84 5.71 -0.67 -7.75
N ILE A 85 6.74 -0.13 -7.11
CA ILE A 85 6.66 1.21 -6.55
C ILE A 85 6.31 2.23 -7.63
N SER A 86 7.16 2.33 -8.64
CA SER A 86 6.94 3.27 -9.74
C SER A 86 5.52 3.13 -10.30
N ARG A 87 5.00 1.92 -10.27
CA ARG A 87 3.66 1.64 -10.77
C ARG A 87 2.60 2.13 -9.79
N LEU A 88 2.83 1.86 -8.50
CA LEU A 88 1.89 2.27 -7.46
C LEU A 88 1.69 3.78 -7.47
N ARG A 89 2.80 4.52 -7.52
CA ARG A 89 2.75 5.97 -7.53
C ARG A 89 2.20 6.48 -8.87
N LYS A 90 2.70 5.91 -9.95
CA LYS A 90 2.26 6.31 -11.29
C LYS A 90 0.74 6.28 -11.39
N LYS A 91 0.12 5.29 -10.77
CA LYS A 91 -1.32 5.15 -10.80
C LYS A 91 -1.97 5.92 -9.64
N LEU A 92 -1.20 6.09 -8.56
CA LEU A 92 -1.69 6.81 -7.39
C LEU A 92 -1.18 8.24 -7.39
N LEU A 93 -0.88 8.77 -8.57
CA LEU A 93 -0.40 10.13 -8.70
C LEU A 93 -1.55 11.14 -8.66
N ASP A 94 -2.49 10.90 -7.75
CA ASP A 94 -3.64 11.78 -7.61
C ASP A 94 -3.27 13.03 -6.83
N ASN A 95 -4.04 14.10 -7.03
CA ASN A 95 -3.80 15.36 -6.34
C ASN A 95 -5.10 15.96 -5.81
N ALA A 96 -6.15 15.84 -6.60
CA ALA A 96 -7.46 16.36 -6.20
C ALA A 96 -8.15 15.44 -5.20
N THR A 97 -8.32 14.18 -5.59
CA THR A 97 -8.96 13.20 -4.72
C THR A 97 -8.06 12.84 -3.54
N GLU A 98 -6.81 12.53 -3.82
CA GLU A 98 -5.86 12.16 -2.78
C GLU A 98 -4.43 12.42 -3.24
N PRO A 99 -3.62 13.04 -2.36
CA PRO A 99 -2.22 13.36 -2.66
C PRO A 99 -1.34 12.11 -2.72
N TYR A 100 -0.05 12.32 -2.93
CA TYR A 100 0.90 11.22 -3.01
C TYR A 100 1.45 10.85 -1.64
N ARG A 101 0.54 10.57 -0.71
CA ARG A 101 0.94 10.21 0.65
C ARG A 101 2.10 9.23 0.64
N ILE A 102 2.06 8.28 -0.29
CA ILE A 102 3.12 7.29 -0.42
C ILE A 102 4.39 7.90 -0.99
N LYS A 103 5.02 8.77 -0.21
CA LYS A 103 6.25 9.42 -0.64
C LYS A 103 7.45 8.51 -0.45
N THR A 104 8.58 8.88 -1.04
CA THR A 104 9.80 8.09 -0.93
C THR A 104 10.76 8.70 0.07
N VAL A 105 11.54 7.83 0.74
CA VAL A 105 12.50 8.29 1.73
C VAL A 105 13.93 8.11 1.22
N ARG A 106 14.88 8.72 1.91
CA ARG A 106 16.29 8.63 1.53
C ARG A 106 16.70 7.18 1.34
N ASN A 107 16.48 6.66 0.14
CA ASN A 107 16.83 5.28 -0.18
C ASN A 107 16.61 4.37 1.03
N LYS A 108 15.54 4.64 1.78
CA LYS A 108 15.21 3.85 2.95
C LYS A 108 13.88 3.11 2.77
N GLY A 109 13.35 3.18 1.56
CA GLY A 109 12.09 2.52 1.27
C GLY A 109 10.96 3.51 1.01
N TYR A 110 9.77 3.16 1.47
CA TYR A 110 8.60 4.01 1.27
C TYR A 110 7.97 4.39 2.61
N LEU A 111 7.46 5.61 2.70
CA LEU A 111 6.83 6.10 3.92
C LEU A 111 5.68 7.04 3.60
N PHE A 112 4.62 6.97 4.41
CA PHE A 112 3.45 7.83 4.22
C PHE A 112 3.72 9.24 4.75
N ALA A 113 3.21 10.23 4.03
CA ALA A 113 3.39 11.63 4.43
C ALA A 113 2.88 11.86 5.85
N PRO A 114 3.43 12.88 6.52
CA PRO A 114 3.04 13.24 7.89
C PRO A 114 1.63 13.82 7.95
N HIS A 115 1.05 14.13 6.79
CA HIS A 115 -0.29 14.68 6.72
C HIS A 115 -1.32 13.58 6.43
N ALA A 116 -0.83 12.41 6.05
CA ALA A 116 -1.71 11.28 5.75
C ALA A 116 -2.68 11.03 6.89
N TRP A 117 -2.17 10.50 8.00
CA TRP A 117 -3.01 10.21 9.16
C TRP A 117 -2.69 11.17 10.31
N ASP A 118 -3.70 11.48 11.11
CA ASP A 118 -3.53 12.38 12.24
C ASP A 118 -2.76 11.69 13.37
N ASN A 119 -1.46 12.00 13.46
CA ASN A 119 -0.60 11.41 14.48
C ASN A 119 -0.66 9.89 14.42
N GLY A 10 -31.64 -4.08 9.82
CA GLY A 10 -31.23 -4.03 11.22
C GLY A 10 -29.73 -4.14 11.40
N THR A 11 -29.12 -5.00 10.61
CA THR A 11 -27.67 -5.22 10.69
C THR A 11 -26.91 -4.00 10.17
N LEU A 12 -25.60 -4.00 10.37
CA LEU A 12 -24.76 -2.90 9.93
C LEU A 12 -23.94 -3.29 8.69
N THR A 13 -23.14 -2.35 8.20
CA THR A 13 -22.32 -2.60 7.02
C THR A 13 -21.00 -3.27 7.41
N PRO A 14 -20.39 -3.97 6.44
CA PRO A 14 -19.12 -4.67 6.64
C PRO A 14 -17.95 -3.71 6.84
N HIS A 15 -17.52 -3.55 8.08
CA HIS A 15 -16.41 -2.67 8.40
C HIS A 15 -15.24 -3.45 9.00
N LYS A 16 -14.97 -4.62 8.44
CA LYS A 16 -13.88 -5.46 8.91
C LYS A 16 -12.63 -5.28 8.05
N THR A 17 -12.84 -4.85 6.80
CA THR A 17 -11.74 -4.64 5.88
C THR A 17 -10.90 -3.43 6.27
N ILE A 18 -9.86 -3.16 5.51
CA ILE A 18 -8.98 -2.02 5.79
C ILE A 18 -9.02 -1.01 4.64
N SER A 19 -9.18 0.27 4.99
CA SER A 19 -9.23 1.33 3.99
C SER A 19 -8.80 2.66 4.60
N PHE A 20 -7.98 3.40 3.87
CA PHE A 20 -7.49 4.69 4.33
C PHE A 20 -7.45 5.69 3.18
N GLY A 21 -7.70 6.96 3.50
CA GLY A 21 -7.69 8.01 2.49
C GLY A 21 -8.79 7.82 1.47
N SER A 22 -8.42 7.43 0.26
CA SER A 22 -9.37 7.22 -0.82
C SER A 22 -9.29 5.80 -1.35
N LEU A 23 -8.34 5.03 -0.84
CA LEU A 23 -8.16 3.65 -1.27
C LEU A 23 -8.78 2.69 -0.27
N THR A 24 -9.28 1.56 -0.78
CA THR A 24 -9.91 0.55 0.07
C THR A 24 -9.41 -0.84 -0.26
N ILE A 25 -8.95 -1.57 0.75
CA ILE A 25 -8.45 -2.93 0.56
C ILE A 25 -9.29 -3.94 1.32
N ASP A 26 -9.73 -4.98 0.63
CA ASP A 26 -10.55 -6.03 1.24
C ASP A 26 -9.88 -7.39 1.10
N PRO A 27 -9.79 -8.12 2.21
CA PRO A 27 -9.17 -9.45 2.23
C PRO A 27 -10.01 -10.49 1.50
N VAL A 28 -11.33 -10.40 1.64
CA VAL A 28 -12.25 -11.32 1.00
C VAL A 28 -12.31 -11.08 -0.51
N ASN A 29 -12.48 -9.82 -0.89
CA ASN A 29 -12.55 -9.45 -2.30
C ASN A 29 -11.16 -9.30 -2.89
N ARG A 30 -10.14 -9.40 -2.04
CA ARG A 30 -8.76 -9.28 -2.49
C ARG A 30 -8.64 -8.30 -3.65
N GLN A 31 -9.28 -7.14 -3.52
CA GLN A 31 -9.25 -6.13 -4.56
C GLN A 31 -9.08 -4.73 -3.95
N VAL A 32 -8.65 -3.78 -4.78
CA VAL A 32 -8.46 -2.41 -4.34
C VAL A 32 -9.34 -1.44 -5.11
N LEU A 33 -9.92 -0.48 -4.39
CA LEU A 33 -10.80 0.52 -5.02
C LEU A 33 -10.33 1.93 -4.70
N LEU A 34 -10.07 2.71 -5.73
CA LEU A 34 -9.62 4.09 -5.57
C LEU A 34 -10.48 5.05 -6.38
N GLY A 35 -11.24 5.89 -5.70
CA GLY A 35 -12.10 6.85 -6.38
C GLY A 35 -13.42 6.23 -6.82
N GLY A 36 -13.63 4.97 -6.45
CA GLY A 36 -14.86 4.30 -6.83
C GLY A 36 -14.64 3.25 -7.90
N GLU A 37 -13.43 3.22 -8.46
CA GLU A 37 -13.09 2.27 -9.50
C GLU A 37 -11.95 1.36 -9.06
N ASN A 38 -12.02 0.09 -9.45
CA ASN A 38 -11.00 -0.88 -9.09
C ASN A 38 -9.67 -0.54 -9.76
N VAL A 39 -8.57 -0.83 -9.07
CA VAL A 39 -7.23 -0.56 -9.60
C VAL A 39 -6.52 -1.85 -9.99
N ALA A 40 -6.07 -1.90 -11.23
CA ALA A 40 -5.36 -3.08 -11.73
C ALA A 40 -3.87 -3.02 -11.40
N LEU A 41 -3.40 -4.01 -10.66
CA LEU A 41 -1.99 -4.07 -10.27
C LEU A 41 -1.47 -5.49 -10.30
N SER A 42 -0.23 -5.66 -10.76
CA SER A 42 0.39 -6.97 -10.84
C SER A 42 0.35 -7.68 -9.49
N THR A 43 0.38 -9.01 -9.52
CA THR A 43 0.34 -9.81 -8.30
C THR A 43 1.16 -9.15 -7.20
N ALA A 44 2.46 -9.02 -7.43
CA ALA A 44 3.35 -8.40 -6.47
C ALA A 44 2.84 -7.03 -6.03
N ASP A 45 2.53 -6.18 -6.99
CA ASP A 45 2.03 -4.85 -6.71
C ASP A 45 0.80 -4.92 -5.79
N PHE A 46 -0.04 -5.91 -6.02
CA PHE A 46 -1.25 -6.08 -5.23
C PHE A 46 -0.90 -6.40 -3.77
N ASP A 47 0.09 -7.27 -3.58
CA ASP A 47 0.53 -7.65 -2.24
C ASP A 47 1.12 -6.45 -1.49
N LEU A 48 1.87 -5.64 -2.21
CA LEU A 48 2.51 -4.46 -1.61
C LEU A 48 1.47 -3.59 -0.91
N LEU A 49 0.44 -3.19 -1.64
CA LEU A 49 -0.62 -2.35 -1.09
C LEU A 49 -1.34 -3.08 0.04
N TRP A 50 -1.73 -4.32 -0.22
CA TRP A 50 -2.43 -5.12 0.79
C TRP A 50 -1.81 -4.95 2.16
N GLU A 51 -0.50 -5.17 2.24
CA GLU A 51 0.23 -5.04 3.50
C GLU A 51 0.39 -3.57 3.89
N LEU A 52 0.67 -2.74 2.89
CA LEU A 52 0.85 -1.31 3.11
C LEU A 52 -0.20 -0.77 4.09
N ALA A 53 -1.45 -1.19 3.89
CA ALA A 53 -2.54 -0.75 4.75
C ALA A 53 -2.51 -1.48 6.09
N THR A 54 -2.25 -2.78 6.04
CA THR A 54 -2.20 -3.60 7.25
C THR A 54 -1.30 -2.96 8.30
N HIS A 55 -0.27 -2.25 7.84
CA HIS A 55 0.67 -1.59 8.74
C HIS A 55 0.70 -0.08 8.48
N ALA A 56 -0.47 0.51 8.31
CA ALA A 56 -0.57 1.95 8.05
C ALA A 56 -0.11 2.75 9.27
N GLY A 57 0.29 3.99 9.01
CA GLY A 57 0.76 4.85 10.09
C GLY A 57 2.17 4.52 10.52
N GLN A 58 2.48 3.23 10.59
CA GLN A 58 3.80 2.77 11.00
C GLN A 58 4.76 2.75 9.82
N ILE A 59 6.06 2.71 10.11
CA ILE A 59 7.07 2.69 9.07
C ILE A 59 7.55 1.27 8.79
N MET A 60 7.74 0.95 7.52
CA MET A 60 8.19 -0.38 7.11
C MET A 60 9.41 -0.29 6.19
N ASP A 61 10.44 -1.06 6.51
CA ASP A 61 11.66 -1.06 5.71
C ASP A 61 11.49 -1.92 4.46
N ARG A 62 12.25 -1.62 3.42
CA ARG A 62 12.19 -2.35 2.17
C ARG A 62 12.24 -3.86 2.43
N ASP A 63 13.28 -4.30 3.14
CA ASP A 63 13.45 -5.71 3.45
C ASP A 63 12.21 -6.26 4.15
N ALA A 64 11.52 -5.41 4.88
CA ALA A 64 10.32 -5.81 5.59
C ALA A 64 9.10 -5.78 4.67
N LEU A 65 9.18 -5.01 3.60
CA LEU A 65 8.10 -4.89 2.64
C LEU A 65 8.05 -6.10 1.71
N LEU A 66 9.18 -6.37 1.06
CA LEU A 66 9.27 -7.49 0.13
C LEU A 66 8.90 -8.80 0.84
N LYS A 67 9.23 -8.89 2.12
CA LYS A 67 8.93 -10.09 2.91
C LYS A 67 7.46 -10.48 2.76
N ASN A 68 6.61 -9.48 2.51
CA ASN A 68 5.18 -9.73 2.34
C ASN A 68 4.86 -10.20 0.93
N LEU A 69 5.64 -9.70 -0.04
CA LEU A 69 5.44 -10.07 -1.44
C LEU A 69 5.79 -11.54 -1.67
N ARG A 70 7.01 -11.92 -1.28
CA ARG A 70 7.47 -13.29 -1.45
C ARG A 70 7.51 -14.01 -0.11
N GLY A 71 8.45 -13.60 0.75
CA GLY A 71 8.58 -14.21 2.06
C GLY A 71 9.70 -15.23 2.11
N VAL A 72 10.61 -15.15 1.14
CA VAL A 72 11.74 -16.08 1.07
C VAL A 72 12.87 -15.63 1.98
N THR A 73 13.89 -16.48 2.13
CA THR A 73 15.03 -16.17 2.97
C THR A 73 16.05 -15.34 2.21
N TYR A 74 15.70 -14.94 0.99
CA TYR A 74 16.60 -14.14 0.16
C TYR A 74 16.49 -12.66 0.51
N ASP A 75 17.50 -12.15 1.20
CA ASP A 75 17.52 -10.75 1.61
C ASP A 75 18.17 -9.88 0.53
N GLY A 76 18.08 -8.57 0.71
CA GLY A 76 18.66 -7.65 -0.27
C GLY A 76 17.92 -7.67 -1.59
N MET A 77 16.68 -8.14 -1.57
CA MET A 77 15.87 -8.22 -2.78
C MET A 77 14.99 -6.97 -2.91
N ASP A 78 15.56 -5.82 -2.63
CA ASP A 78 14.83 -4.56 -2.71
C ASP A 78 14.65 -4.13 -4.17
N ARG A 79 15.48 -4.68 -5.05
CA ARG A 79 15.42 -4.35 -6.47
C ARG A 79 13.98 -4.29 -6.95
N SER A 80 13.19 -5.30 -6.56
CA SER A 80 11.79 -5.37 -6.96
C SER A 80 10.97 -4.30 -6.24
N VAL A 81 11.16 -4.20 -4.93
CA VAL A 81 10.44 -3.21 -4.13
C VAL A 81 10.53 -1.82 -4.76
N ASP A 82 11.76 -1.37 -5.01
CA ASP A 82 11.97 -0.06 -5.61
C ASP A 82 11.10 0.14 -6.84
N VAL A 83 11.26 -0.76 -7.81
CA VAL A 83 10.48 -0.70 -9.05
C VAL A 83 8.98 -0.67 -8.75
N ALA A 84 8.54 -1.53 -7.85
CA ALA A 84 7.13 -1.60 -7.47
C ALA A 84 6.66 -0.29 -6.86
N ILE A 85 7.52 0.30 -6.02
CA ILE A 85 7.19 1.56 -5.36
C ILE A 85 6.97 2.67 -6.38
N SER A 86 8.01 2.97 -7.15
CA SER A 86 7.93 4.02 -8.17
C SER A 86 6.75 3.79 -9.10
N ARG A 87 6.42 2.52 -9.32
CA ARG A 87 5.31 2.16 -10.19
C ARG A 87 3.97 2.44 -9.52
N LEU A 88 3.80 1.94 -8.31
CA LEU A 88 2.57 2.14 -7.56
C LEU A 88 2.24 3.63 -7.45
N ARG A 89 3.27 4.45 -7.25
CA ARG A 89 3.09 5.89 -7.12
C ARG A 89 2.72 6.50 -8.47
N LYS A 90 3.56 6.27 -9.47
CA LYS A 90 3.33 6.80 -10.81
C LYS A 90 1.87 6.65 -11.21
N LYS A 91 1.24 5.55 -10.76
CA LYS A 91 -0.16 5.28 -11.06
C LYS A 91 -1.06 5.86 -9.99
N LEU A 92 -0.61 5.82 -8.74
CA LEU A 92 -1.38 6.34 -7.63
C LEU A 92 -0.97 7.76 -7.29
N LEU A 93 -0.46 8.47 -8.28
CA LEU A 93 -0.01 9.85 -8.09
C LEU A 93 -1.21 10.80 -8.00
N ASP A 94 -2.16 10.45 -7.13
CA ASP A 94 -3.35 11.28 -6.94
C ASP A 94 -2.99 12.63 -6.35
N ASN A 95 -3.63 13.68 -6.83
CA ASN A 95 -3.38 15.03 -6.35
C ASN A 95 -4.69 15.78 -6.12
N ALA A 96 -5.64 15.60 -7.02
CA ALA A 96 -6.94 16.25 -6.92
C ALA A 96 -7.81 15.59 -5.85
N THR A 97 -7.97 14.28 -5.96
CA THR A 97 -8.77 13.52 -5.01
C THR A 97 -8.09 13.44 -3.65
N GLU A 98 -6.81 13.05 -3.66
CA GLU A 98 -6.04 12.94 -2.43
C GLU A 98 -4.54 12.96 -2.72
N PRO A 99 -3.76 13.47 -1.76
CA PRO A 99 -2.31 13.58 -1.89
C PRO A 99 -1.63 12.22 -1.84
N TYR A 100 -0.31 12.21 -1.76
CA TYR A 100 0.46 10.98 -1.71
C TYR A 100 0.67 10.52 -0.26
N ARG A 101 -0.44 10.32 0.45
CA ARG A 101 -0.38 9.88 1.84
C ARG A 101 0.80 8.94 2.06
N ILE A 102 0.90 7.91 1.21
CA ILE A 102 1.97 6.94 1.32
C ILE A 102 3.30 7.54 0.87
N LYS A 103 3.77 8.54 1.60
CA LYS A 103 5.04 9.20 1.27
C LYS A 103 6.22 8.31 1.64
N THR A 104 7.41 8.72 1.21
CA THR A 104 8.63 7.96 1.49
C THR A 104 9.44 8.61 2.61
N VAL A 105 10.15 7.80 3.37
CA VAL A 105 10.97 8.30 4.47
C VAL A 105 12.45 8.26 4.10
N ARG A 106 13.25 9.02 4.84
CA ARG A 106 14.69 9.08 4.60
C ARG A 106 15.27 7.67 4.42
N ASN A 107 15.26 7.18 3.18
CA ASN A 107 15.78 5.85 2.88
C ASN A 107 15.47 4.88 4.01
N LYS A 108 14.28 5.01 4.59
CA LYS A 108 13.85 4.13 5.67
C LYS A 108 12.72 3.22 5.23
N GLY A 109 12.14 3.52 4.07
CA GLY A 109 11.05 2.72 3.56
C GLY A 109 9.80 3.54 3.27
N TYR A 110 8.63 2.91 3.44
CA TYR A 110 7.38 3.59 3.20
C TYR A 110 6.76 4.09 4.51
N LEU A 111 5.91 5.10 4.39
CA LEU A 111 5.26 5.68 5.57
C LEU A 111 4.18 6.67 5.15
N PHE A 112 3.04 6.63 5.86
CA PHE A 112 1.93 7.53 5.56
C PHE A 112 2.27 8.97 5.96
N ALA A 113 1.40 9.90 5.58
CA ALA A 113 1.61 11.30 5.90
C ALA A 113 1.19 11.61 7.33
N PRO A 114 1.81 12.65 7.92
CA PRO A 114 1.52 13.07 9.29
C PRO A 114 0.14 13.69 9.43
N HIS A 115 -0.22 14.54 8.47
CA HIS A 115 -1.52 15.20 8.48
C HIS A 115 -2.62 14.24 8.03
N ALA A 116 -2.22 13.05 7.63
CA ALA A 116 -3.18 12.03 7.17
C ALA A 116 -3.22 10.85 8.12
N TRP A 117 -3.06 11.12 9.40
CA TRP A 117 -3.08 10.06 10.42
C TRP A 117 -4.51 9.64 10.74
N ASP A 118 -5.16 9.01 9.76
CA ASP A 118 -6.53 8.54 9.93
C ASP A 118 -6.62 7.50 11.03
N ASN A 119 -7.83 7.19 11.45
CA ASN A 119 -8.05 6.20 12.51
C ASN A 119 -7.36 4.88 12.17
N GLY A 10 -31.45 1.56 9.53
CA GLY A 10 -30.10 1.36 10.03
C GLY A 10 -29.53 0.01 9.65
N THR A 11 -29.03 -0.08 8.42
CA THR A 11 -28.45 -1.34 7.93
C THR A 11 -27.25 -1.75 8.77
N LEU A 12 -27.10 -3.05 8.97
CA LEU A 12 -25.99 -3.58 9.76
C LEU A 12 -25.10 -4.47 8.90
N THR A 13 -23.85 -4.05 8.73
CA THR A 13 -22.89 -4.81 7.94
C THR A 13 -21.60 -5.06 8.72
N PRO A 14 -21.17 -6.32 8.76
CA PRO A 14 -19.96 -6.72 9.47
C PRO A 14 -18.69 -6.21 8.78
N HIS A 15 -17.81 -5.58 9.55
CA HIS A 15 -16.57 -5.05 9.01
C HIS A 15 -15.42 -6.04 9.22
N LYS A 16 -14.96 -6.65 8.13
CA LYS A 16 -13.87 -7.61 8.19
C LYS A 16 -12.66 -7.12 7.39
N THR A 17 -12.93 -6.51 6.24
CA THR A 17 -11.88 -5.99 5.39
C THR A 17 -11.16 -4.81 6.05
N ILE A 18 -10.07 -4.37 5.43
CA ILE A 18 -9.30 -3.25 5.95
C ILE A 18 -9.29 -2.07 4.97
N SER A 19 -9.22 -0.86 5.50
CA SER A 19 -9.21 0.34 4.68
C SER A 19 -8.47 1.48 5.38
N PHE A 20 -7.84 2.33 4.59
CA PHE A 20 -7.09 3.47 5.14
C PHE A 20 -7.13 4.65 4.17
N GLY A 21 -7.33 5.85 4.72
CA GLY A 21 -7.38 7.04 3.91
C GLY A 21 -8.41 6.94 2.79
N SER A 22 -7.93 6.74 1.57
CA SER A 22 -8.82 6.63 0.41
C SER A 22 -8.56 5.32 -0.34
N LEU A 23 -8.23 4.28 0.41
CA LEU A 23 -7.97 2.97 -0.18
C LEU A 23 -8.57 1.85 0.67
N THR A 24 -9.14 0.85 0.02
CA THR A 24 -9.76 -0.27 0.71
C THR A 24 -9.29 -1.60 0.13
N ILE A 25 -8.78 -2.47 0.98
CA ILE A 25 -8.30 -3.78 0.54
C ILE A 25 -9.18 -4.90 1.10
N ASP A 26 -9.76 -5.69 0.20
CA ASP A 26 -10.61 -6.80 0.61
C ASP A 26 -9.99 -8.15 0.20
N PRO A 27 -9.73 -9.00 1.21
CA PRO A 27 -9.13 -10.32 0.99
C PRO A 27 -10.10 -11.28 0.30
N VAL A 28 -11.39 -11.03 0.47
CA VAL A 28 -12.41 -11.88 -0.14
C VAL A 28 -12.48 -11.65 -1.65
N ASN A 29 -12.45 -10.39 -2.05
CA ASN A 29 -12.51 -10.04 -3.47
C ASN A 29 -11.11 -9.97 -4.07
N ARG A 30 -10.10 -9.93 -3.21
CA ARG A 30 -8.72 -9.85 -3.65
C ARG A 30 -8.53 -8.72 -4.66
N GLN A 31 -8.96 -7.53 -4.28
CA GLN A 31 -8.84 -6.36 -5.15
C GLN A 31 -8.71 -5.09 -4.33
N VAL A 32 -8.18 -4.04 -4.97
CA VAL A 32 -8.00 -2.75 -4.30
C VAL A 32 -8.88 -1.68 -4.93
N LEU A 33 -9.40 -0.78 -4.08
CA LEU A 33 -10.26 0.30 -4.56
C LEU A 33 -9.79 1.64 -4.01
N LEU A 34 -9.55 2.59 -4.89
CA LEU A 34 -9.11 3.92 -4.49
C LEU A 34 -9.99 5.00 -5.10
N GLY A 35 -10.68 5.76 -4.25
CA GLY A 35 -11.55 6.82 -4.73
C GLY A 35 -12.84 6.28 -5.30
N GLY A 36 -13.07 4.98 -5.15
CA GLY A 36 -14.28 4.37 -5.67
C GLY A 36 -14.02 3.50 -6.88
N GLU A 37 -12.86 3.68 -7.50
CA GLU A 37 -12.49 2.91 -8.69
C GLU A 37 -11.34 1.95 -8.37
N ASN A 38 -11.46 0.71 -8.83
CA ASN A 38 -10.44 -0.29 -8.61
C ASN A 38 -9.12 0.12 -9.23
N VAL A 39 -8.02 -0.18 -8.55
CA VAL A 39 -6.69 0.16 -9.04
C VAL A 39 -6.00 -1.05 -9.66
N ALA A 40 -5.59 -0.91 -10.91
CA ALA A 40 -4.91 -1.99 -11.62
C ALA A 40 -3.50 -2.20 -11.10
N LEU A 41 -3.28 -3.29 -10.38
CA LEU A 41 -1.97 -3.59 -9.83
C LEU A 41 -1.65 -5.08 -9.95
N SER A 42 -0.48 -5.39 -10.47
CA SER A 42 -0.05 -6.78 -10.65
C SER A 42 -0.14 -7.53 -9.33
N THR A 43 -0.27 -8.85 -9.42
CA THR A 43 -0.36 -9.70 -8.23
C THR A 43 0.57 -9.20 -7.13
N ALA A 44 1.87 -9.16 -7.43
CA ALA A 44 2.86 -8.70 -6.47
C ALA A 44 2.51 -7.32 -5.93
N ASP A 45 2.25 -6.38 -6.84
CA ASP A 45 1.89 -5.02 -6.46
C ASP A 45 0.72 -5.02 -5.48
N PHE A 46 -0.26 -5.88 -5.74
CA PHE A 46 -1.44 -5.97 -4.89
C PHE A 46 -1.07 -6.48 -3.50
N ASP A 47 -0.22 -7.50 -3.45
CA ASP A 47 0.22 -8.08 -2.19
C ASP A 47 0.95 -7.04 -1.34
N LEU A 48 1.80 -6.25 -1.99
CA LEU A 48 2.57 -5.22 -1.31
C LEU A 48 1.65 -4.34 -0.46
N LEU A 49 0.61 -3.81 -1.08
CA LEU A 49 -0.34 -2.95 -0.39
C LEU A 49 -0.97 -3.68 0.80
N TRP A 50 -1.37 -4.93 0.58
CA TRP A 50 -1.98 -5.73 1.63
C TRP A 50 -1.22 -5.57 2.94
N GLU A 51 0.09 -5.75 2.89
CA GLU A 51 0.93 -5.62 4.08
C GLU A 51 1.24 -4.16 4.38
N LEU A 52 1.41 -3.37 3.33
CA LEU A 52 1.69 -1.94 3.48
C LEU A 52 0.68 -1.27 4.39
N ALA A 53 -0.60 -1.47 4.09
CA ALA A 53 -1.67 -0.89 4.88
C ALA A 53 -1.76 -1.54 6.25
N THR A 54 -1.85 -2.86 6.27
CA THR A 54 -1.94 -3.61 7.52
C THR A 54 -0.88 -3.15 8.51
N HIS A 55 0.26 -2.70 7.98
CA HIS A 55 1.35 -2.23 8.83
C HIS A 55 1.52 -0.71 8.72
N ALA A 56 0.39 0.00 8.71
CA ALA A 56 0.41 1.44 8.61
C ALA A 56 1.07 2.07 9.84
N GLY A 57 1.57 3.30 9.68
CA GLY A 57 2.22 3.98 10.77
C GLY A 57 3.62 3.46 11.03
N GLN A 58 3.79 2.15 10.95
CA GLN A 58 5.09 1.52 11.18
C GLN A 58 5.94 1.57 9.92
N ILE A 59 7.25 1.74 10.10
CA ILE A 59 8.17 1.79 8.98
C ILE A 59 8.32 0.43 8.30
N MET A 60 7.84 0.33 7.07
CA MET A 60 7.92 -0.92 6.33
C MET A 60 9.23 -1.01 5.56
N ASP A 61 10.17 -1.78 6.09
CA ASP A 61 11.48 -1.96 5.47
C ASP A 61 11.38 -2.93 4.30
N ARG A 62 12.16 -2.66 3.25
CA ARG A 62 12.16 -3.51 2.07
C ARG A 62 12.28 -4.99 2.45
N ASP A 63 13.28 -5.29 3.28
CA ASP A 63 13.50 -6.66 3.72
C ASP A 63 12.23 -7.26 4.33
N ALA A 64 11.46 -6.41 5.00
CA ALA A 64 10.22 -6.85 5.63
C ALA A 64 9.06 -6.84 4.63
N LEU A 65 9.22 -6.06 3.56
CA LEU A 65 8.20 -5.96 2.53
C LEU A 65 8.19 -7.20 1.64
N LEU A 66 9.34 -7.46 1.01
CA LEU A 66 9.47 -8.62 0.12
C LEU A 66 8.98 -9.89 0.81
N LYS A 67 9.29 -10.01 2.10
CA LYS A 67 8.87 -11.18 2.88
C LYS A 67 7.38 -11.46 2.68
N ASN A 68 6.61 -10.40 2.49
CA ASN A 68 5.17 -10.53 2.29
C ASN A 68 4.85 -10.97 0.86
N LEU A 69 5.62 -10.45 -0.09
CA LEU A 69 5.42 -10.79 -1.50
C LEU A 69 5.78 -12.24 -1.77
N ARG A 70 7.00 -12.63 -1.40
CA ARG A 70 7.47 -13.99 -1.60
C ARG A 70 7.61 -14.72 -0.25
N GLY A 71 8.61 -14.32 0.52
CA GLY A 71 8.83 -14.94 1.82
C GLY A 71 9.79 -16.11 1.73
N VAL A 72 10.61 -16.13 0.69
CA VAL A 72 11.58 -17.21 0.49
C VAL A 72 12.84 -16.96 1.31
N THR A 73 13.70 -17.97 1.38
CA THR A 73 14.94 -17.86 2.13
C THR A 73 15.99 -17.06 1.36
N TYR A 74 15.63 -16.64 0.14
CA TYR A 74 16.53 -15.86 -0.69
C TYR A 74 16.59 -14.41 -0.23
N ASP A 75 17.64 -14.07 0.51
CA ASP A 75 17.82 -12.71 1.00
C ASP A 75 18.45 -11.82 -0.05
N GLY A 76 18.49 -10.51 0.23
CA GLY A 76 19.07 -9.58 -0.72
C GLY A 76 18.29 -9.51 -2.02
N MET A 77 16.99 -9.77 -1.96
CA MET A 77 16.14 -9.75 -3.14
C MET A 77 15.26 -8.50 -3.14
N ASP A 78 15.83 -7.37 -2.75
CA ASP A 78 15.09 -6.11 -2.70
C ASP A 78 14.85 -5.58 -4.11
N ARG A 79 15.64 -6.06 -5.07
CA ARG A 79 15.51 -5.63 -6.46
C ARG A 79 14.04 -5.50 -6.85
N SER A 80 13.23 -6.48 -6.45
CA SER A 80 11.81 -6.47 -6.75
C SER A 80 11.10 -5.35 -6.01
N VAL A 81 11.20 -5.36 -4.69
CA VAL A 81 10.57 -4.35 -3.85
C VAL A 81 10.73 -2.96 -4.46
N ASP A 82 11.97 -2.60 -4.79
CA ASP A 82 12.26 -1.30 -5.38
C ASP A 82 11.33 -1.02 -6.56
N VAL A 83 11.36 -1.91 -7.55
CA VAL A 83 10.52 -1.75 -8.74
C VAL A 83 9.06 -1.61 -8.36
N ALA A 84 8.59 -2.50 -7.49
CA ALA A 84 7.20 -2.46 -7.05
C ALA A 84 6.88 -1.14 -6.36
N ILE A 85 7.83 -0.62 -5.60
CA ILE A 85 7.65 0.64 -4.89
C ILE A 85 7.42 1.79 -5.87
N SER A 86 8.41 2.05 -6.71
CA SER A 86 8.31 3.12 -7.70
C SER A 86 7.02 3.00 -8.51
N ARG A 87 6.60 1.76 -8.74
CA ARG A 87 5.38 1.50 -9.52
C ARG A 87 4.14 1.83 -8.69
N LEU A 88 4.12 1.36 -7.45
CA LEU A 88 2.99 1.59 -6.56
C LEU A 88 2.70 3.08 -6.43
N ARG A 89 3.75 3.86 -6.19
CA ARG A 89 3.60 5.30 -6.05
C ARG A 89 3.19 5.95 -7.37
N LYS A 90 3.92 5.62 -8.43
CA LYS A 90 3.63 6.16 -9.76
C LYS A 90 2.16 5.97 -10.11
N LYS A 91 1.60 4.83 -9.70
CA LYS A 91 0.21 4.52 -9.99
C LYS A 91 -0.70 5.05 -8.87
N LEU A 92 -0.18 5.08 -7.66
CA LEU A 92 -0.94 5.56 -6.51
C LEU A 92 -0.51 6.98 -6.13
N LEU A 93 -0.08 7.74 -7.13
CA LEU A 93 0.36 9.11 -6.90
C LEU A 93 -0.83 10.04 -6.67
N ASP A 94 -1.73 9.63 -5.77
CA ASP A 94 -2.91 10.41 -5.44
C ASP A 94 -2.67 11.90 -5.74
N ASN A 95 -3.29 12.38 -6.81
CA ASN A 95 -3.15 13.78 -7.21
C ASN A 95 -4.49 14.49 -7.17
N ALA A 96 -5.30 14.16 -6.18
CA ALA A 96 -6.61 14.77 -6.03
C ALA A 96 -6.52 16.13 -5.35
N THR A 97 -6.01 16.13 -4.11
CA THR A 97 -5.86 17.36 -3.35
C THR A 97 -4.40 17.59 -2.95
N GLU A 98 -3.56 16.60 -3.24
CA GLU A 98 -2.14 16.70 -2.90
C GLU A 98 -1.29 16.01 -3.96
N PRO A 99 0.03 16.27 -3.92
CA PRO A 99 0.98 15.69 -4.87
C PRO A 99 1.18 14.19 -4.66
N TYR A 100 2.10 13.84 -3.78
CA TYR A 100 2.39 12.44 -3.49
C TYR A 100 2.51 12.21 -1.98
N ARG A 101 1.37 12.14 -1.30
CA ARG A 101 1.34 11.93 0.14
C ARG A 101 2.36 10.87 0.55
N ILE A 102 2.24 9.68 -0.04
CA ILE A 102 3.16 8.59 0.26
C ILE A 102 4.61 9.00 0.03
N LYS A 103 5.37 9.13 1.10
CA LYS A 103 6.77 9.53 1.02
C LYS A 103 7.67 8.42 1.56
N THR A 104 8.93 8.42 1.11
CA THR A 104 9.89 7.41 1.54
C THR A 104 10.77 7.94 2.66
N VAL A 105 11.29 7.05 3.49
CA VAL A 105 12.16 7.43 4.60
C VAL A 105 13.63 7.35 4.20
N ARG A 106 14.49 7.93 5.03
CA ARG A 106 15.93 7.92 4.76
C ARG A 106 16.42 6.51 4.46
N ASN A 107 16.32 6.12 3.19
CA ASN A 107 16.75 4.78 2.77
C ASN A 107 16.43 3.75 3.83
N LYS A 108 15.26 3.88 4.45
CA LYS A 108 14.84 2.95 5.50
C LYS A 108 13.47 2.36 5.17
N GLY A 109 13.06 2.51 3.91
CA GLY A 109 11.77 1.99 3.49
C GLY A 109 10.80 3.08 3.10
N TYR A 110 9.52 2.88 3.42
CA TYR A 110 8.48 3.86 3.10
C TYR A 110 7.64 4.17 4.32
N LEU A 111 7.09 5.39 4.35
CA LEU A 111 6.25 5.82 5.47
C LEU A 111 5.16 6.78 4.99
N PHE A 112 3.98 6.67 5.61
CA PHE A 112 2.86 7.53 5.24
C PHE A 112 3.06 8.94 5.79
N ALA A 113 2.62 9.94 5.03
CA ALA A 113 2.74 11.33 5.43
C ALA A 113 2.04 11.58 6.77
N PRO A 114 2.51 12.59 7.51
CA PRO A 114 1.94 12.96 8.81
C PRO A 114 0.55 13.58 8.68
N HIS A 115 0.37 14.42 7.66
CA HIS A 115 -0.92 15.07 7.43
C HIS A 115 -1.95 14.07 6.92
N ALA A 116 -1.47 12.93 6.45
CA ALA A 116 -2.35 11.88 5.93
C ALA A 116 -3.32 11.40 7.01
N TRP A 117 -2.94 11.57 8.26
CA TRP A 117 -3.78 11.16 9.38
C TRP A 117 -5.09 11.92 9.40
N ASP A 118 -6.18 11.23 9.12
CA ASP A 118 -7.50 11.85 9.09
C ASP A 118 -8.60 10.83 9.38
N ASN A 119 -9.65 11.26 10.06
CA ASN A 119 -10.76 10.37 10.40
C ASN A 119 -11.71 10.22 9.21
N GLY A 10 -22.69 0.71 0.06
CA GLY A 10 -23.49 1.46 1.01
C GLY A 10 -24.29 0.55 1.94
N THR A 11 -23.65 -0.49 2.44
CA THR A 11 -24.30 -1.43 3.34
C THR A 11 -23.61 -1.48 4.69
N LEU A 12 -24.11 -2.34 5.58
CA LEU A 12 -23.54 -2.48 6.91
C LEU A 12 -23.10 -3.92 7.17
N THR A 13 -22.45 -4.52 6.18
CA THR A 13 -21.97 -5.89 6.29
C THR A 13 -20.63 -5.95 7.00
N PRO A 14 -20.55 -6.77 8.06
CA PRO A 14 -19.33 -6.93 8.85
C PRO A 14 -18.24 -7.67 8.08
N HIS A 15 -17.19 -6.95 7.70
CA HIS A 15 -16.07 -7.54 6.96
C HIS A 15 -14.77 -7.37 7.72
N LYS A 16 -14.76 -6.47 8.70
CA LYS A 16 -13.58 -6.22 9.50
C LYS A 16 -12.36 -5.95 8.62
N THR A 17 -12.60 -5.33 7.47
CA THR A 17 -11.53 -5.01 6.54
C THR A 17 -10.78 -3.75 6.97
N ILE A 18 -9.75 -3.39 6.20
CA ILE A 18 -8.96 -2.21 6.50
C ILE A 18 -9.14 -1.13 5.44
N SER A 19 -9.38 0.10 5.89
CA SER A 19 -9.58 1.22 4.98
C SER A 19 -8.74 2.42 5.41
N PHE A 20 -8.45 3.31 4.45
CA PHE A 20 -7.66 4.50 4.73
C PHE A 20 -7.96 5.59 3.71
N GLY A 21 -8.41 6.74 4.20
CA GLY A 21 -8.73 7.86 3.32
C GLY A 21 -9.80 7.50 2.32
N SER A 22 -9.41 7.41 1.05
CA SER A 22 -10.34 7.09 -0.02
C SER A 22 -9.98 5.76 -0.68
N LEU A 23 -9.52 4.81 0.14
CA LEU A 23 -9.14 3.50 -0.37
C LEU A 23 -9.60 2.40 0.60
N THR A 24 -10.01 1.27 0.03
CA THR A 24 -10.48 0.14 0.84
C THR A 24 -9.76 -1.14 0.44
N ILE A 25 -9.10 -1.77 1.41
CA ILE A 25 -8.38 -3.02 1.16
C ILE A 25 -9.01 -4.17 1.91
N ASP A 26 -9.35 -5.24 1.18
CA ASP A 26 -9.96 -6.42 1.78
C ASP A 26 -9.09 -7.65 1.56
N PRO A 27 -8.81 -8.39 2.64
CA PRO A 27 -7.99 -9.60 2.59
C PRO A 27 -8.69 -10.75 1.88
N VAL A 28 -10.00 -10.87 2.12
CA VAL A 28 -10.79 -11.93 1.51
C VAL A 28 -10.96 -11.68 0.01
N ASN A 29 -11.36 -10.46 -0.34
CA ASN A 29 -11.56 -10.09 -1.74
C ASN A 29 -10.24 -9.69 -2.40
N ARG A 30 -9.18 -9.62 -1.60
CA ARG A 30 -7.86 -9.26 -2.09
C ARG A 30 -7.98 -8.26 -3.24
N GLN A 31 -8.74 -7.19 -3.02
CA GLN A 31 -8.93 -6.17 -4.04
C GLN A 31 -8.93 -4.78 -3.42
N VAL A 32 -8.76 -3.75 -4.26
CA VAL A 32 -8.75 -2.37 -3.79
C VAL A 32 -9.75 -1.53 -4.56
N LEU A 33 -10.40 -0.60 -3.85
CA LEU A 33 -11.39 0.29 -4.47
C LEU A 33 -11.12 1.74 -4.10
N LEU A 34 -11.06 2.59 -5.11
CA LEU A 34 -10.81 4.02 -4.90
C LEU A 34 -11.89 4.86 -5.56
N GLY A 35 -12.70 5.54 -4.74
CA GLY A 35 -13.76 6.37 -5.26
C GLY A 35 -14.93 5.57 -5.78
N GLY A 36 -14.87 4.25 -5.60
CA GLY A 36 -15.94 3.39 -6.05
C GLY A 36 -15.51 2.49 -7.20
N GLU A 37 -14.37 2.80 -7.79
CA GLU A 37 -13.85 2.01 -8.90
C GLU A 37 -12.64 1.18 -8.46
N ASN A 38 -12.68 -0.11 -8.75
CA ASN A 38 -11.59 -1.01 -8.40
C ASN A 38 -10.32 -0.67 -9.17
N VAL A 39 -9.17 -0.91 -8.54
CA VAL A 39 -7.89 -0.62 -9.17
C VAL A 39 -7.09 -1.91 -9.38
N ALA A 40 -6.57 -2.08 -10.59
CA ALA A 40 -5.78 -3.26 -10.93
C ALA A 40 -4.28 -2.98 -10.81
N LEU A 41 -3.56 -3.87 -10.16
CA LEU A 41 -2.12 -3.71 -9.98
C LEU A 41 -1.41 -5.06 -10.06
N SER A 42 -0.18 -5.04 -10.54
CA SER A 42 0.61 -6.26 -10.67
C SER A 42 0.63 -7.04 -9.36
N THR A 43 0.70 -8.37 -9.47
CA THR A 43 0.72 -9.23 -8.29
C THR A 43 1.57 -8.63 -7.19
N ALA A 44 2.86 -8.43 -7.47
CA ALA A 44 3.78 -7.86 -6.50
C ALA A 44 3.26 -6.54 -5.96
N ASP A 45 2.87 -5.64 -6.85
CA ASP A 45 2.34 -4.33 -6.46
C ASP A 45 1.20 -4.49 -5.47
N PHE A 46 0.31 -5.44 -5.74
CA PHE A 46 -0.84 -5.69 -4.89
C PHE A 46 -0.39 -6.18 -3.51
N ASP A 47 0.65 -7.01 -3.49
CA ASP A 47 1.17 -7.55 -2.25
C ASP A 47 1.79 -6.44 -1.39
N LEU A 48 2.54 -5.56 -2.03
CA LEU A 48 3.17 -4.45 -1.33
C LEU A 48 2.16 -3.64 -0.54
N LEU A 49 0.98 -3.46 -1.11
CA LEU A 49 -0.08 -2.70 -0.46
C LEU A 49 -0.58 -3.43 0.79
N TRP A 50 -0.79 -4.73 0.65
CA TRP A 50 -1.26 -5.54 1.78
C TRP A 50 -0.54 -5.16 3.06
N GLU A 51 0.78 -5.07 2.99
CA GLU A 51 1.59 -4.71 4.16
C GLU A 51 1.68 -3.20 4.31
N LEU A 52 1.62 -2.49 3.20
CA LEU A 52 1.69 -1.03 3.21
C LEU A 52 0.60 -0.44 4.09
N ALA A 53 -0.65 -0.81 3.81
CA ALA A 53 -1.78 -0.32 4.58
C ALA A 53 -1.74 -0.86 6.01
N THR A 54 -1.75 -2.18 6.14
CA THR A 54 -1.72 -2.82 7.45
C THR A 54 -0.65 -2.21 8.34
N HIS A 55 0.44 -1.73 7.72
CA HIS A 55 1.54 -1.12 8.45
C HIS A 55 1.62 0.37 8.15
N ALA A 56 0.47 1.03 8.11
CA ALA A 56 0.41 2.46 7.83
C ALA A 56 1.08 3.26 8.95
N GLY A 57 1.51 4.48 8.63
CA GLY A 57 2.16 5.33 9.61
C GLY A 57 3.41 4.69 10.19
N GLN A 58 3.91 3.65 9.52
CA GLN A 58 5.11 2.96 9.97
C GLN A 58 6.15 2.89 8.86
N ILE A 59 7.37 3.29 9.17
CA ILE A 59 8.46 3.28 8.20
C ILE A 59 8.85 1.85 7.84
N MET A 60 8.77 1.51 6.56
CA MET A 60 9.13 0.18 6.10
C MET A 60 10.29 0.23 5.12
N ASP A 61 11.36 -0.49 5.43
CA ASP A 61 12.54 -0.52 4.58
C ASP A 61 12.29 -1.35 3.32
N ARG A 62 12.92 -0.97 2.22
CA ARG A 62 12.77 -1.67 0.96
C ARG A 62 12.88 -3.18 1.16
N ASP A 63 14.01 -3.61 1.71
CA ASP A 63 14.24 -5.03 1.96
C ASP A 63 13.17 -5.61 2.87
N ALA A 64 12.64 -4.77 3.76
CA ALA A 64 11.60 -5.20 4.70
C ALA A 64 10.24 -5.29 4.00
N LEU A 65 10.10 -4.58 2.88
CA LEU A 65 8.86 -4.58 2.14
C LEU A 65 8.80 -5.76 1.17
N LEU A 66 9.83 -5.88 0.34
CA LEU A 66 9.91 -6.96 -0.64
C LEU A 66 9.78 -8.32 0.05
N LYS A 67 10.21 -8.39 1.30
CA LYS A 67 10.15 -9.63 2.07
C LYS A 67 8.73 -10.18 2.09
N ASN A 68 7.75 -9.30 1.99
CA ASN A 68 6.34 -9.70 1.99
C ASN A 68 5.93 -10.22 0.62
N LEU A 69 6.57 -9.70 -0.43
CA LEU A 69 6.27 -10.12 -1.79
C LEU A 69 6.61 -11.59 -2.00
N ARG A 70 7.85 -11.95 -1.68
CA ARG A 70 8.31 -13.33 -1.84
C ARG A 70 8.59 -13.96 -0.48
N GLY A 71 9.57 -13.42 0.23
CA GLY A 71 9.92 -13.95 1.54
C GLY A 71 11.20 -14.75 1.52
N VAL A 72 12.05 -14.49 0.52
CA VAL A 72 13.32 -15.20 0.39
C VAL A 72 14.40 -14.54 1.23
N THR A 73 15.59 -15.15 1.24
CA THR A 73 16.71 -14.62 2.00
C THR A 73 17.51 -13.61 1.18
N TYR A 74 17.28 -13.60 -0.12
CA TYR A 74 17.97 -12.69 -1.02
C TYR A 74 17.61 -11.24 -0.71
N ASP A 75 18.58 -10.49 -0.21
CA ASP A 75 18.36 -9.09 0.13
C ASP A 75 18.84 -8.18 -0.99
N GLY A 76 18.68 -6.87 -0.80
CA GLY A 76 19.09 -5.92 -1.81
C GLY A 76 18.27 -6.02 -3.08
N MET A 77 17.10 -6.63 -2.97
CA MET A 77 16.21 -6.79 -4.12
C MET A 77 15.19 -5.66 -4.20
N ASP A 78 15.66 -4.44 -3.93
CA ASP A 78 14.78 -3.27 -3.97
C ASP A 78 14.35 -2.96 -5.39
N ARG A 79 15.09 -3.48 -6.36
CA ARG A 79 14.79 -3.26 -7.76
C ARG A 79 13.28 -3.35 -8.01
N SER A 80 12.67 -4.41 -7.51
CA SER A 80 11.24 -4.62 -7.68
C SER A 80 10.44 -3.57 -6.90
N VAL A 81 10.82 -3.36 -5.65
CA VAL A 81 10.15 -2.39 -4.79
C VAL A 81 10.04 -1.03 -5.49
N ASP A 82 11.19 -0.50 -5.92
CA ASP A 82 11.22 0.79 -6.59
C ASP A 82 10.14 0.88 -7.66
N VAL A 83 10.21 -0.01 -8.64
CA VAL A 83 9.24 -0.03 -9.73
C VAL A 83 7.82 -0.13 -9.18
N ALA A 84 7.64 -0.95 -8.15
CA ALA A 84 6.32 -1.13 -7.54
C ALA A 84 5.79 0.20 -6.99
N ILE A 85 6.50 0.76 -6.03
CA ILE A 85 6.10 2.02 -5.42
C ILE A 85 5.76 3.07 -6.49
N SER A 86 6.73 3.32 -7.37
CA SER A 86 6.52 4.30 -8.44
C SER A 86 5.25 4.01 -9.22
N ARG A 87 4.87 2.73 -9.27
CA ARG A 87 3.67 2.32 -9.97
C ARG A 87 2.42 2.63 -9.15
N LEU A 88 2.44 2.23 -7.88
CA LEU A 88 1.31 2.46 -6.99
C LEU A 88 0.96 3.95 -6.93
N ARG A 89 1.98 4.78 -6.82
CA ARG A 89 1.78 6.23 -6.75
C ARG A 89 1.39 6.78 -8.12
N LYS A 90 2.12 6.37 -9.15
CA LYS A 90 1.85 6.82 -10.51
C LYS A 90 0.35 6.80 -10.80
N LYS A 91 -0.31 5.73 -10.38
CA LYS A 91 -1.74 5.58 -10.61
C LYS A 91 -2.54 6.21 -9.47
N LEU A 92 -2.01 6.12 -8.26
CA LEU A 92 -2.66 6.69 -7.08
C LEU A 92 -2.18 8.11 -6.83
N LEU A 93 -1.68 8.76 -7.88
CA LEU A 93 -1.19 10.13 -7.76
C LEU A 93 -2.35 11.12 -7.63
N ASP A 94 -3.19 10.91 -6.63
CA ASP A 94 -4.35 11.78 -6.40
C ASP A 94 -4.14 12.62 -5.15
N ASN A 95 -2.90 13.03 -4.92
CA ASN A 95 -2.57 13.84 -3.74
C ASN A 95 -3.27 15.20 -3.81
N ALA A 96 -3.92 15.47 -4.94
CA ALA A 96 -4.63 16.73 -5.13
C ALA A 96 -5.96 16.73 -4.36
N THR A 97 -6.73 15.67 -4.54
CA THR A 97 -8.02 15.55 -3.87
C THR A 97 -7.99 14.47 -2.80
N GLU A 98 -7.41 13.32 -3.14
CA GLU A 98 -7.31 12.20 -2.21
C GLU A 98 -5.95 11.52 -2.33
N PRO A 99 -5.00 11.92 -1.46
CA PRO A 99 -3.65 11.36 -1.44
C PRO A 99 -3.63 9.92 -0.94
N TYR A 100 -2.72 9.13 -1.49
CA TYR A 100 -2.59 7.73 -1.10
C TYR A 100 -1.76 7.59 0.18
N ARG A 101 -1.33 8.74 0.72
CA ARG A 101 -0.53 8.75 1.93
C ARG A 101 0.65 7.79 1.82
N ILE A 102 1.42 7.94 0.74
CA ILE A 102 2.58 7.09 0.51
C ILE A 102 3.80 7.92 0.09
N LYS A 103 4.24 8.79 0.97
CA LYS A 103 5.39 9.64 0.70
C LYS A 103 6.70 8.90 0.95
N THR A 104 7.79 9.43 0.43
CA THR A 104 9.11 8.81 0.59
C THR A 104 9.90 9.49 1.69
N VAL A 105 10.70 8.71 2.41
CA VAL A 105 11.51 9.25 3.50
C VAL A 105 12.97 9.39 3.07
N ARG A 106 13.73 10.17 3.83
CA ARG A 106 15.14 10.39 3.53
C ARG A 106 15.86 9.07 3.30
N ASN A 107 15.84 8.58 2.07
CA ASN A 107 16.48 7.32 1.73
C ASN A 107 16.39 6.33 2.88
N LYS A 108 15.26 6.33 3.57
CA LYS A 108 15.05 5.43 4.70
C LYS A 108 13.84 4.53 4.45
N GLY A 109 13.34 4.54 3.22
CA GLY A 109 12.19 3.72 2.88
C GLY A 109 10.99 4.54 2.49
N TYR A 110 9.81 4.08 2.90
CA TYR A 110 8.56 4.77 2.58
C TYR A 110 7.69 4.91 3.82
N LEU A 111 7.13 6.10 4.03
CA LEU A 111 6.27 6.35 5.18
C LEU A 111 5.07 7.19 4.77
N PHE A 112 3.97 7.04 5.51
CA PHE A 112 2.74 7.78 5.23
C PHE A 112 2.92 9.26 5.56
N ALA A 113 2.18 10.10 4.85
CA ALA A 113 2.25 11.55 5.07
C ALA A 113 2.01 11.89 6.54
N PRO A 114 2.66 12.96 7.01
CA PRO A 114 2.52 13.42 8.40
C PRO A 114 1.14 14.00 8.69
N HIS A 115 0.43 14.38 7.64
CA HIS A 115 -0.91 14.95 7.79
C HIS A 115 -1.97 13.86 7.64
N ALA A 116 -1.54 12.64 7.37
CA ALA A 116 -2.45 11.52 7.20
C ALA A 116 -2.89 10.96 8.55
N TRP A 117 -3.61 11.78 9.31
CA TRP A 117 -4.10 11.37 10.63
C TRP A 117 -5.61 11.52 10.72
N ASP A 118 -6.29 10.42 11.00
CA ASP A 118 -7.75 10.43 11.11
C ASP A 118 -8.17 10.58 12.57
N ASN A 119 -7.24 11.01 13.42
CA ASN A 119 -7.52 11.20 14.84
C ASN A 119 -7.89 9.88 15.50
N GLY A 10 -26.04 2.86 0.42
CA GLY A 10 -24.96 3.11 -0.51
C GLY A 10 -23.87 2.06 -0.42
N THR A 11 -23.09 2.12 0.65
CA THR A 11 -21.99 1.16 0.84
C THR A 11 -22.53 -0.23 1.15
N LEU A 12 -23.13 -0.38 2.33
CA LEU A 12 -23.69 -1.66 2.75
C LEU A 12 -22.62 -2.75 2.74
N THR A 13 -21.52 -2.49 3.46
CA THR A 13 -20.43 -3.45 3.54
C THR A 13 -19.94 -3.61 4.98
N PRO A 14 -19.39 -4.79 5.30
CA PRO A 14 -18.87 -5.09 6.63
C PRO A 14 -17.60 -4.30 6.95
N HIS A 15 -17.08 -4.50 8.16
CA HIS A 15 -15.86 -3.81 8.59
C HIS A 15 -14.73 -4.80 8.82
N LYS A 16 -15.00 -6.07 8.55
CA LYS A 16 -13.99 -7.12 8.73
C LYS A 16 -12.72 -6.79 7.96
N THR A 17 -12.86 -6.04 6.87
CA THR A 17 -11.73 -5.66 6.04
C THR A 17 -11.08 -4.38 6.55
N ILE A 18 -10.02 -3.95 5.87
CA ILE A 18 -9.31 -2.73 6.26
C ILE A 18 -9.45 -1.66 5.19
N SER A 19 -9.68 -0.42 5.62
CA SER A 19 -9.84 0.69 4.71
C SER A 19 -9.63 2.03 5.43
N PHE A 20 -9.04 2.99 4.72
CA PHE A 20 -8.78 4.30 5.30
C PHE A 20 -8.65 5.36 4.20
N GLY A 21 -8.80 6.62 4.58
CA GLY A 21 -8.71 7.71 3.62
C GLY A 21 -9.64 7.52 2.44
N SER A 22 -9.07 7.22 1.27
CA SER A 22 -9.85 7.03 0.06
C SER A 22 -9.51 5.70 -0.60
N LEU A 23 -9.11 4.72 0.21
CA LEU A 23 -8.75 3.40 -0.30
C LEU A 23 -9.28 2.31 0.62
N THR A 24 -9.69 1.19 0.02
CA THR A 24 -10.22 0.07 0.78
C THR A 24 -9.62 -1.25 0.30
N ILE A 25 -9.11 -2.03 1.24
CA ILE A 25 -8.50 -3.33 0.92
C ILE A 25 -9.31 -4.47 1.51
N ASP A 26 -9.75 -5.39 0.65
CA ASP A 26 -10.53 -6.53 1.08
C ASP A 26 -9.82 -7.84 0.72
N PRO A 27 -9.55 -8.65 1.75
CA PRO A 27 -8.88 -9.95 1.58
C PRO A 27 -9.75 -10.97 0.86
N VAL A 28 -11.06 -10.81 0.99
CA VAL A 28 -12.01 -11.73 0.35
C VAL A 28 -12.04 -11.51 -1.16
N ASN A 29 -12.08 -10.25 -1.57
CA ASN A 29 -12.10 -9.91 -2.99
C ASN A 29 -10.70 -9.75 -3.55
N ARG A 30 -9.72 -9.68 -2.65
CA ARG A 30 -8.33 -9.52 -3.05
C ARG A 30 -8.17 -8.39 -4.06
N GLN A 31 -8.94 -7.33 -3.86
CA GLN A 31 -8.89 -6.18 -4.76
C GLN A 31 -8.89 -4.87 -3.97
N VAL A 32 -8.54 -3.78 -4.63
CA VAL A 32 -8.50 -2.47 -3.98
C VAL A 32 -9.43 -1.48 -4.68
N LEU A 33 -10.06 -0.62 -3.90
CA LEU A 33 -10.97 0.38 -4.45
C LEU A 33 -10.59 1.78 -3.98
N LEU A 34 -10.38 2.68 -4.94
CA LEU A 34 -10.01 4.06 -4.63
C LEU A 34 -10.94 5.05 -5.32
N GLY A 35 -11.73 5.76 -4.53
CA GLY A 35 -12.66 6.73 -5.09
C GLY A 35 -13.90 6.08 -5.64
N GLY A 36 -14.04 4.77 -5.43
CA GLY A 36 -15.20 4.06 -5.93
C GLY A 36 -14.86 3.16 -7.11
N GLU A 37 -13.67 3.34 -7.66
CA GLU A 37 -13.23 2.54 -8.80
C GLU A 37 -12.08 1.62 -8.41
N ASN A 38 -12.15 0.37 -8.84
CA ASN A 38 -11.12 -0.62 -8.54
C ASN A 38 -9.77 -0.20 -9.14
N VAL A 39 -8.70 -0.42 -8.38
CA VAL A 39 -7.36 -0.07 -8.84
C VAL A 39 -6.62 -1.29 -9.36
N ALA A 40 -6.23 -1.25 -10.63
CA ALA A 40 -5.51 -2.35 -11.24
C ALA A 40 -4.01 -2.26 -10.95
N LEU A 41 -3.51 -3.20 -10.16
CA LEU A 41 -2.09 -3.22 -9.80
C LEU A 41 -1.53 -4.64 -9.91
N SER A 42 -0.28 -4.73 -10.33
CA SER A 42 0.38 -6.03 -10.47
C SER A 42 0.25 -6.85 -9.19
N THR A 43 0.21 -8.17 -9.33
CA THR A 43 0.10 -9.06 -8.18
C THR A 43 0.93 -8.56 -7.01
N ALA A 44 2.23 -8.40 -7.24
CA ALA A 44 3.13 -7.93 -6.20
C ALA A 44 2.64 -6.61 -5.60
N ASP A 45 2.32 -5.66 -6.46
CA ASP A 45 1.84 -4.36 -6.02
C ASP A 45 0.67 -4.51 -5.05
N PHE A 46 -0.25 -5.40 -5.38
CA PHE A 46 -1.42 -5.65 -4.54
C PHE A 46 -1.00 -6.25 -3.19
N ASP A 47 -0.11 -7.22 -3.24
CA ASP A 47 0.38 -7.88 -2.03
C ASP A 47 1.09 -6.88 -1.13
N LEU A 48 1.97 -6.08 -1.71
CA LEU A 48 2.73 -5.08 -0.96
C LEU A 48 1.80 -4.28 -0.05
N LEU A 49 0.68 -3.82 -0.60
CA LEU A 49 -0.28 -3.04 0.17
C LEU A 49 -0.85 -3.87 1.32
N TRP A 50 -1.09 -5.14 1.06
CA TRP A 50 -1.63 -6.04 2.08
C TRP A 50 -0.95 -5.82 3.43
N GLU A 51 0.38 -5.80 3.42
CA GLU A 51 1.15 -5.58 4.64
C GLU A 51 1.33 -4.10 4.92
N LEU A 52 1.41 -3.31 3.86
CA LEU A 52 1.59 -1.86 3.99
C LEU A 52 0.46 -1.25 4.82
N ALA A 53 -0.77 -1.51 4.40
CA ALA A 53 -1.94 -0.99 5.10
C ALA A 53 -2.05 -1.57 6.50
N THR A 54 -2.13 -2.91 6.58
CA THR A 54 -2.24 -3.59 7.85
C THR A 54 -1.21 -3.06 8.86
N HIS A 55 -0.06 -2.66 8.34
CA HIS A 55 1.00 -2.12 9.19
C HIS A 55 1.17 -0.62 8.99
N ALA A 56 0.04 0.08 8.89
CA ALA A 56 0.06 1.52 8.69
C ALA A 56 0.64 2.24 9.92
N GLY A 57 1.13 3.45 9.69
CA GLY A 57 1.71 4.22 10.79
C GLY A 57 3.10 3.74 11.16
N GLN A 58 3.28 2.42 11.16
CA GLN A 58 4.58 1.84 11.50
C GLN A 58 5.48 1.74 10.28
N ILE A 59 6.70 2.24 10.41
CA ILE A 59 7.66 2.21 9.31
C ILE A 59 8.06 0.78 8.96
N MET A 60 8.17 0.50 7.67
CA MET A 60 8.56 -0.82 7.21
C MET A 60 9.72 -0.75 6.23
N ASP A 61 10.74 -1.59 6.45
CA ASP A 61 11.91 -1.61 5.59
C ASP A 61 11.65 -2.45 4.34
N ARG A 62 12.39 -2.15 3.28
CA ARG A 62 12.24 -2.88 2.02
C ARG A 62 12.42 -4.37 2.24
N ASP A 63 13.51 -4.75 2.90
CA ASP A 63 13.80 -6.14 3.18
C ASP A 63 12.64 -6.81 3.90
N ALA A 64 11.99 -6.07 4.79
CA ALA A 64 10.86 -6.59 5.55
C ALA A 64 9.58 -6.58 4.71
N LEU A 65 9.57 -5.73 3.68
CA LEU A 65 8.41 -5.62 2.80
C LEU A 65 8.37 -6.78 1.79
N LEU A 66 9.46 -6.95 1.06
CA LEU A 66 9.56 -8.02 0.07
C LEU A 66 9.28 -9.38 0.70
N LYS A 67 9.56 -9.48 2.00
CA LYS A 67 9.34 -10.73 2.72
C LYS A 67 7.90 -11.19 2.59
N ASN A 68 7.00 -10.26 2.27
CA ASN A 68 5.59 -10.58 2.10
C ASN A 68 5.30 -11.02 0.67
N LEU A 69 6.08 -10.51 -0.27
CA LEU A 69 5.92 -10.85 -1.68
C LEU A 69 6.28 -12.31 -1.93
N ARG A 70 7.48 -12.69 -1.52
CA ARG A 70 7.95 -14.06 -1.71
C ARG A 70 7.82 -14.86 -0.41
N GLY A 71 8.66 -14.53 0.56
CA GLY A 71 8.62 -15.22 1.83
C GLY A 71 9.70 -16.27 1.95
N VAL A 72 10.67 -16.24 1.04
CA VAL A 72 11.77 -17.19 1.05
C VAL A 72 12.93 -16.69 1.92
N THR A 73 14.02 -17.45 1.92
CA THR A 73 15.20 -17.08 2.70
C THR A 73 16.10 -16.13 1.92
N TYR A 74 15.71 -15.83 0.68
CA TYR A 74 16.49 -14.93 -0.17
C TYR A 74 16.27 -13.48 0.23
N ASP A 75 17.29 -12.88 0.83
CA ASP A 75 17.21 -11.49 1.26
C ASP A 75 17.84 -10.57 0.22
N GLY A 76 17.75 -9.26 0.48
CA GLY A 76 18.31 -8.29 -0.45
C GLY A 76 17.60 -8.28 -1.78
N MET A 77 16.33 -8.66 -1.77
CA MET A 77 15.53 -8.70 -3.00
C MET A 77 14.70 -7.43 -3.14
N ASP A 78 15.30 -6.29 -2.84
CA ASP A 78 14.60 -5.00 -2.93
C ASP A 78 14.23 -4.70 -4.38
N ARG A 79 14.88 -5.38 -5.32
CA ARG A 79 14.60 -5.18 -6.73
C ARG A 79 13.10 -5.14 -7.00
N SER A 80 12.40 -6.15 -6.50
CA SER A 80 10.96 -6.24 -6.69
C SER A 80 10.24 -5.10 -5.95
N VAL A 81 10.77 -4.73 -4.79
CA VAL A 81 10.19 -3.66 -4.00
C VAL A 81 10.18 -2.35 -4.76
N ASP A 82 11.36 -1.94 -5.23
CA ASP A 82 11.48 -0.69 -5.98
C ASP A 82 10.39 -0.59 -7.04
N VAL A 83 10.34 -1.57 -7.93
CA VAL A 83 9.33 -1.58 -8.99
C VAL A 83 7.92 -1.47 -8.42
N ALA A 84 7.64 -2.26 -7.40
CA ALA A 84 6.32 -2.24 -6.76
C ALA A 84 6.00 -0.85 -6.22
N ILE A 85 6.83 -0.37 -5.30
CA ILE A 85 6.63 0.94 -4.70
C ILE A 85 6.30 1.99 -5.77
N SER A 86 7.15 2.06 -6.79
CA SER A 86 6.95 3.03 -7.87
C SER A 86 5.59 2.83 -8.53
N ARG A 87 5.13 1.58 -8.56
CA ARG A 87 3.84 1.28 -9.16
C ARG A 87 2.69 1.73 -8.26
N LEU A 88 2.92 1.69 -6.95
CA LEU A 88 1.91 2.10 -5.98
C LEU A 88 1.71 3.60 -6.01
N ARG A 89 2.81 4.36 -5.95
CA ARG A 89 2.75 5.81 -5.97
C ARG A 89 2.25 6.31 -7.33
N LYS A 90 2.93 5.87 -8.39
CA LYS A 90 2.56 6.27 -9.74
C LYS A 90 1.06 6.13 -9.96
N LYS A 91 0.45 5.14 -9.31
CA LYS A 91 -0.98 4.90 -9.43
C LYS A 91 -1.76 5.72 -8.40
N LEU A 92 -1.13 5.98 -7.25
CA LEU A 92 -1.77 6.75 -6.19
C LEU A 92 -1.15 8.13 -6.08
N LEU A 93 -0.68 8.66 -7.21
CA LEU A 93 -0.06 9.98 -7.25
C LEU A 93 -1.13 11.07 -7.18
N ASP A 94 -2.06 10.93 -6.25
CA ASP A 94 -3.13 11.91 -6.08
C ASP A 94 -2.55 13.29 -5.77
N ASN A 95 -3.18 14.32 -6.32
CA ASN A 95 -2.73 15.69 -6.10
C ASN A 95 -3.92 16.61 -5.81
N ALA A 96 -4.90 16.61 -6.70
CA ALA A 96 -6.09 17.43 -6.53
C ALA A 96 -7.02 16.84 -5.48
N THR A 97 -7.34 15.56 -5.63
CA THR A 97 -8.22 14.88 -4.69
C THR A 97 -7.56 14.71 -3.33
N GLU A 98 -6.34 14.22 -3.32
CA GLU A 98 -5.60 14.00 -2.08
C GLU A 98 -4.09 14.13 -2.31
N PRO A 99 -3.34 14.35 -1.23
CA PRO A 99 -1.89 14.50 -1.28
C PRO A 99 -1.19 13.19 -1.63
N TYR A 100 0.13 13.17 -1.46
CA TYR A 100 0.92 11.99 -1.75
C TYR A 100 1.31 11.25 -0.47
N ARG A 101 0.31 10.75 0.25
CA ARG A 101 0.54 10.04 1.49
C ARG A 101 1.51 8.88 1.29
N ILE A 102 1.66 8.04 2.31
CA ILE A 102 2.55 6.90 2.23
C ILE A 102 3.89 7.29 1.62
N LYS A 103 4.41 8.44 2.04
CA LYS A 103 5.69 8.92 1.55
C LYS A 103 6.83 8.00 1.96
N THR A 104 8.05 8.33 1.55
CA THR A 104 9.22 7.53 1.88
C THR A 104 10.00 8.14 3.03
N VAL A 105 10.72 7.30 3.76
CA VAL A 105 11.52 7.77 4.90
C VAL A 105 13.01 7.78 4.55
N ARG A 106 13.80 8.45 5.38
CA ARG A 106 15.23 8.55 5.17
C ARG A 106 15.84 7.17 4.90
N ASN A 107 15.80 6.76 3.64
CA ASN A 107 16.35 5.46 3.24
C ASN A 107 16.09 4.42 4.32
N LYS A 108 14.91 4.48 4.94
CA LYS A 108 14.54 3.54 5.99
C LYS A 108 13.33 2.70 5.57
N GLY A 109 12.70 3.11 4.48
CA GLY A 109 11.53 2.39 4.00
C GLY A 109 10.38 3.31 3.63
N TYR A 110 9.16 2.87 3.90
CA TYR A 110 7.98 3.68 3.60
C TYR A 110 7.25 4.10 4.86
N LEU A 111 6.52 5.20 4.78
CA LEU A 111 5.77 5.71 5.92
C LEU A 111 4.74 6.73 5.48
N PHE A 112 3.59 6.74 6.16
CA PHE A 112 2.51 7.67 5.84
C PHE A 112 2.89 9.09 6.23
N ALA A 113 2.00 10.04 5.95
CA ALA A 113 2.23 11.44 6.28
C ALA A 113 1.74 11.77 7.68
N PRO A 114 2.58 12.47 8.46
CA PRO A 114 2.25 12.86 9.83
C PRO A 114 1.16 13.93 9.87
N HIS A 115 1.05 14.70 8.80
CA HIS A 115 0.05 15.76 8.72
C HIS A 115 -1.33 15.19 8.39
N ALA A 116 -1.35 13.93 7.96
CA ALA A 116 -2.61 13.27 7.62
C ALA A 116 -3.01 12.26 8.69
N TRP A 117 -3.00 12.71 9.94
CA TRP A 117 -3.37 11.86 11.06
C TRP A 117 -4.85 11.99 11.39
N ASP A 118 -5.66 11.08 10.88
CA ASP A 118 -7.10 11.10 11.11
C ASP A 118 -7.42 10.64 12.54
N ASN A 119 -8.70 10.68 12.90
CA ASN A 119 -9.14 10.27 14.22
C ASN A 119 -9.60 8.83 14.23
N GLY A 10 -21.04 1.55 -3.45
CA GLY A 10 -21.69 2.19 -2.31
C GLY A 10 -22.24 1.18 -1.32
N THR A 11 -21.36 0.37 -0.76
CA THR A 11 -21.76 -0.64 0.21
C THR A 11 -21.18 -0.34 1.59
N LEU A 12 -22.05 -0.26 2.58
CA LEU A 12 -21.62 0.02 3.95
C LEU A 12 -21.60 -1.26 4.79
N THR A 13 -20.99 -2.30 4.24
CA THR A 13 -20.89 -3.59 4.93
C THR A 13 -19.44 -3.95 5.21
N PRO A 14 -18.98 -3.67 6.44
CA PRO A 14 -17.61 -3.96 6.87
C PRO A 14 -17.35 -5.46 7.01
N HIS A 15 -16.31 -5.94 6.34
CA HIS A 15 -15.97 -7.36 6.40
C HIS A 15 -14.73 -7.58 7.28
N LYS A 16 -14.66 -6.84 8.38
CA LYS A 16 -13.54 -6.96 9.30
C LYS A 16 -12.22 -6.70 8.59
N THR A 17 -12.25 -5.83 7.58
CA THR A 17 -11.05 -5.50 6.82
C THR A 17 -10.44 -4.19 7.29
N ILE A 18 -9.36 -3.77 6.65
CA ILE A 18 -8.68 -2.54 7.00
C ILE A 18 -8.94 -1.45 5.97
N SER A 19 -9.16 -0.23 6.44
CA SER A 19 -9.43 0.90 5.54
C SER A 19 -8.74 2.16 6.05
N PHE A 20 -8.17 2.93 5.13
CA PHE A 20 -7.48 4.16 5.48
C PHE A 20 -7.87 5.29 4.53
N GLY A 21 -8.38 6.38 5.09
CA GLY A 21 -8.78 7.52 4.28
C GLY A 21 -9.85 7.15 3.27
N SER A 22 -9.47 7.14 1.99
CA SER A 22 -10.40 6.80 0.91
C SER A 22 -10.07 5.44 0.32
N LEU A 23 -8.98 4.84 0.78
CA LEU A 23 -8.56 3.54 0.29
C LEU A 23 -8.92 2.44 1.29
N THR A 24 -9.28 1.27 0.78
CA THR A 24 -9.65 0.14 1.63
C THR A 24 -9.04 -1.16 1.10
N ILE A 25 -8.44 -1.93 2.00
CA ILE A 25 -7.82 -3.20 1.62
C ILE A 25 -8.56 -4.38 2.26
N ASP A 26 -9.08 -5.27 1.42
CA ASP A 26 -9.81 -6.44 1.90
C ASP A 26 -9.08 -7.72 1.51
N PRO A 27 -8.71 -8.52 2.53
CA PRO A 27 -8.01 -9.79 2.32
C PRO A 27 -8.90 -10.85 1.67
N VAL A 28 -10.18 -10.84 2.04
CA VAL A 28 -11.13 -11.80 1.49
C VAL A 28 -11.39 -11.53 0.02
N ASN A 29 -11.68 -10.27 -0.31
CA ASN A 29 -11.95 -9.88 -1.68
C ASN A 29 -10.65 -9.62 -2.45
N ARG A 30 -9.53 -9.76 -1.76
CA ARG A 30 -8.22 -9.53 -2.36
C ARG A 30 -8.30 -8.43 -3.41
N GLN A 31 -8.89 -7.30 -3.05
CA GLN A 31 -9.03 -6.17 -3.96
C GLN A 31 -8.96 -4.84 -3.21
N VAL A 32 -8.56 -3.79 -3.91
CA VAL A 32 -8.46 -2.47 -3.30
C VAL A 32 -9.45 -1.49 -3.92
N LEU A 33 -10.01 -0.62 -3.10
CA LEU A 33 -10.98 0.37 -3.57
C LEU A 33 -10.60 1.77 -3.10
N LEU A 34 -10.48 2.69 -4.06
CA LEU A 34 -10.11 4.06 -3.75
C LEU A 34 -11.07 5.05 -4.44
N GLY A 35 -11.76 5.84 -3.63
CA GLY A 35 -12.70 6.81 -4.18
C GLY A 35 -14.03 6.19 -4.54
N GLY A 36 -14.19 4.90 -4.24
CA GLY A 36 -15.42 4.20 -4.55
C GLY A 36 -15.27 3.24 -5.71
N GLU A 37 -14.12 3.30 -6.38
CA GLU A 37 -13.85 2.42 -7.51
C GLU A 37 -12.62 1.56 -7.25
N ASN A 38 -12.67 0.31 -7.71
CA ASN A 38 -11.56 -0.61 -7.53
C ASN A 38 -10.32 -0.12 -8.27
N VAL A 39 -9.15 -0.42 -7.72
CA VAL A 39 -7.89 -0.02 -8.34
C VAL A 39 -7.10 -1.23 -8.84
N ALA A 40 -6.68 -1.17 -10.10
CA ALA A 40 -5.93 -2.26 -10.70
C ALA A 40 -4.48 -2.26 -10.21
N LEU A 41 -4.13 -3.28 -9.43
CA LEU A 41 -2.78 -3.40 -8.90
C LEU A 41 -2.26 -4.83 -9.04
N SER A 42 -1.05 -4.96 -9.57
CA SER A 42 -0.43 -6.27 -9.77
C SER A 42 -0.46 -7.07 -8.47
N THR A 43 -0.52 -8.40 -8.60
CA THR A 43 -0.55 -9.28 -7.44
C THR A 43 0.39 -8.80 -6.36
N ALA A 44 1.68 -8.72 -6.68
CA ALA A 44 2.68 -8.27 -5.73
C ALA A 44 2.35 -6.87 -5.20
N ASP A 45 1.97 -5.97 -6.10
CA ASP A 45 1.63 -4.61 -5.73
C ASP A 45 0.55 -4.60 -4.64
N PHE A 46 -0.52 -5.35 -4.87
CA PHE A 46 -1.62 -5.43 -3.91
C PHE A 46 -1.13 -5.98 -2.58
N ASP A 47 -0.34 -7.03 -2.63
CA ASP A 47 0.19 -7.66 -1.42
C ASP A 47 1.03 -6.67 -0.63
N LEU A 48 1.78 -5.83 -1.34
CA LEU A 48 2.64 -4.84 -0.70
C LEU A 48 1.82 -3.92 0.21
N LEU A 49 0.89 -3.17 -0.40
CA LEU A 49 0.05 -2.26 0.35
C LEU A 49 -0.62 -2.96 1.52
N TRP A 50 -1.06 -4.20 1.29
CA TRP A 50 -1.71 -4.99 2.33
C TRP A 50 -0.95 -4.91 3.64
N GLU A 51 0.36 -5.11 3.57
CA GLU A 51 1.21 -5.06 4.75
C GLU A 51 1.58 -3.62 5.10
N LEU A 52 1.60 -2.76 4.08
CA LEU A 52 1.93 -1.35 4.28
C LEU A 52 0.93 -0.68 5.20
N ALA A 53 -0.36 -0.91 4.94
CA ALA A 53 -1.43 -0.33 5.75
C ALA A 53 -1.40 -0.88 7.16
N THR A 54 -1.55 -2.20 7.29
CA THR A 54 -1.54 -2.85 8.59
C THR A 54 -0.39 -2.36 9.45
N HIS A 55 0.78 -2.21 8.84
CA HIS A 55 1.96 -1.74 9.56
C HIS A 55 2.13 -0.23 9.39
N ALA A 56 1.02 0.50 9.44
CA ALA A 56 1.05 1.95 9.30
C ALA A 56 1.86 2.60 10.42
N GLY A 57 2.36 3.80 10.17
CA GLY A 57 3.14 4.51 11.17
C GLY A 57 4.53 3.94 11.32
N GLN A 58 4.64 2.62 11.29
CA GLN A 58 5.92 1.95 11.44
C GLN A 58 6.67 1.92 10.11
N ILE A 59 7.96 2.25 10.15
CA ILE A 59 8.78 2.26 8.95
C ILE A 59 9.07 0.85 8.47
N MET A 60 8.95 0.63 7.16
CA MET A 60 9.20 -0.68 6.57
C MET A 60 10.30 -0.61 5.53
N ASP A 61 11.34 -1.42 5.69
CA ASP A 61 12.45 -1.44 4.75
C ASP A 61 12.13 -2.31 3.54
N ARG A 62 12.75 -2.00 2.41
CA ARG A 62 12.53 -2.75 1.18
C ARG A 62 12.56 -4.25 1.45
N ASP A 63 13.66 -4.72 2.03
CA ASP A 63 13.82 -6.14 2.33
C ASP A 63 12.68 -6.63 3.22
N ALA A 64 12.27 -5.79 4.17
CA ALA A 64 11.18 -6.14 5.08
C ALA A 64 9.84 -6.11 4.38
N LEU A 65 9.78 -5.37 3.26
CA LEU A 65 8.54 -5.24 2.50
C LEU A 65 8.37 -6.44 1.56
N LEU A 66 9.38 -6.71 0.75
CA LEU A 66 9.33 -7.82 -0.19
C LEU A 66 9.10 -9.15 0.54
N LYS A 67 9.56 -9.22 1.78
CA LYS A 67 9.40 -10.42 2.59
C LYS A 67 7.92 -10.80 2.70
N ASN A 68 7.05 -9.82 2.54
CA ASN A 68 5.61 -10.06 2.62
C ASN A 68 5.06 -10.53 1.26
N LEU A 69 5.77 -10.19 0.19
CA LEU A 69 5.36 -10.56 -1.15
C LEU A 69 5.78 -11.99 -1.47
N ARG A 70 7.06 -12.29 -1.26
CA ARG A 70 7.58 -13.63 -1.52
C ARG A 70 7.53 -14.49 -0.25
N GLY A 71 8.40 -14.18 0.70
CA GLY A 71 8.45 -14.95 1.94
C GLY A 71 9.39 -16.13 1.86
N VAL A 72 10.12 -16.24 0.76
CA VAL A 72 11.06 -17.34 0.57
C VAL A 72 12.40 -17.03 1.22
N THR A 73 13.34 -17.95 1.07
CA THR A 73 14.68 -17.78 1.64
C THR A 73 15.50 -16.77 0.85
N TYR A 74 15.38 -16.84 -0.48
CA TYR A 74 16.10 -15.94 -1.36
C TYR A 74 15.94 -14.49 -0.92
N ASP A 75 16.98 -13.93 -0.34
CA ASP A 75 16.96 -12.55 0.12
C ASP A 75 17.59 -11.61 -0.91
N GLY A 76 17.59 -10.32 -0.60
CA GLY A 76 18.15 -9.34 -1.51
C GLY A 76 17.41 -9.28 -2.83
N MET A 77 16.09 -9.35 -2.77
CA MET A 77 15.27 -9.30 -3.98
C MET A 77 14.43 -8.03 -4.02
N ASP A 78 15.08 -6.89 -3.82
CA ASP A 78 14.40 -5.60 -3.83
C ASP A 78 13.97 -5.23 -5.24
N ARG A 79 14.63 -5.82 -6.23
CA ARG A 79 14.32 -5.54 -7.63
C ARG A 79 12.82 -5.39 -7.83
N SER A 80 12.05 -6.33 -7.27
CA SER A 80 10.60 -6.30 -7.40
C SER A 80 10.01 -5.10 -6.65
N VAL A 81 10.41 -4.95 -5.39
CA VAL A 81 9.92 -3.85 -4.57
C VAL A 81 9.95 -2.54 -5.34
N ASP A 82 11.12 -2.19 -5.87
CA ASP A 82 11.28 -0.96 -6.63
C ASP A 82 10.18 -0.82 -7.67
N VAL A 83 10.10 -1.78 -8.58
CA VAL A 83 9.09 -1.76 -9.63
C VAL A 83 7.69 -1.61 -9.06
N ALA A 84 7.39 -2.41 -8.04
CA ALA A 84 6.09 -2.37 -7.39
C ALA A 84 5.78 -0.96 -6.87
N ILE A 85 6.76 -0.37 -6.19
CA ILE A 85 6.59 0.98 -5.65
C ILE A 85 6.20 1.97 -6.74
N SER A 86 7.03 2.05 -7.77
CA SER A 86 6.79 2.96 -8.88
C SER A 86 5.38 2.77 -9.45
N ARG A 87 4.92 1.52 -9.45
CA ARG A 87 3.60 1.19 -9.96
C ARG A 87 2.51 1.61 -8.97
N LEU A 88 2.84 1.53 -7.68
CA LEU A 88 1.89 1.89 -6.64
C LEU A 88 1.58 3.39 -6.67
N ARG A 89 2.63 4.20 -6.69
CA ARG A 89 2.48 5.65 -6.72
C ARG A 89 1.93 6.10 -8.08
N LYS A 90 2.43 5.49 -9.14
CA LYS A 90 2.00 5.82 -10.49
C LYS A 90 0.48 5.86 -10.59
N LYS A 91 -0.17 4.92 -9.91
CA LYS A 91 -1.62 4.83 -9.91
C LYS A 91 -2.22 5.68 -8.79
N LEU A 92 -1.51 5.75 -7.67
CA LEU A 92 -1.97 6.53 -6.53
C LEU A 92 -1.31 7.91 -6.51
N LEU A 93 -0.94 8.39 -7.69
CA LEU A 93 -0.30 9.70 -7.81
C LEU A 93 -1.32 10.82 -7.61
N ASP A 94 -2.10 10.72 -6.54
CA ASP A 94 -3.11 11.73 -6.24
C ASP A 94 -2.45 13.04 -5.84
N ASN A 95 -3.00 14.15 -6.34
CA ASN A 95 -2.48 15.47 -6.03
C ASN A 95 -3.59 16.43 -5.62
N ALA A 96 -4.72 16.33 -6.32
CA ALA A 96 -5.87 17.19 -6.04
C ALA A 96 -6.72 16.60 -4.92
N THR A 97 -7.05 15.31 -5.04
CA THR A 97 -7.87 14.64 -4.04
C THR A 97 -7.10 14.46 -2.73
N GLU A 98 -5.88 13.94 -2.83
CA GLU A 98 -5.04 13.73 -1.65
C GLU A 98 -3.57 13.62 -2.04
N PRO A 99 -2.68 13.94 -1.09
CA PRO A 99 -1.23 13.88 -1.30
C PRO A 99 -0.72 12.46 -1.44
N TYR A 100 0.59 12.31 -1.58
CA TYR A 100 1.20 11.01 -1.73
C TYR A 100 1.37 10.32 -0.38
N ARG A 101 0.26 10.17 0.33
CA ARG A 101 0.28 9.53 1.65
C ARG A 101 1.48 8.60 1.78
N ILE A 102 1.52 7.57 0.94
CA ILE A 102 2.60 6.60 0.97
C ILE A 102 3.91 7.22 0.45
N LYS A 103 4.45 8.15 1.21
CA LYS A 103 5.69 8.83 0.84
C LYS A 103 6.91 7.95 1.17
N THR A 104 8.07 8.37 0.70
CA THR A 104 9.31 7.63 0.95
C THR A 104 10.08 8.25 2.10
N VAL A 105 10.72 7.40 2.91
CA VAL A 105 11.50 7.85 4.05
C VAL A 105 12.98 7.98 3.68
N ARG A 106 13.74 8.62 4.55
CA ARG A 106 15.17 8.81 4.32
C ARG A 106 15.86 7.48 4.05
N ASN A 107 15.88 7.09 2.78
CA ASN A 107 16.50 5.83 2.39
C ASN A 107 16.27 4.75 3.44
N LYS A 108 15.10 4.79 4.07
CA LYS A 108 14.76 3.81 5.10
C LYS A 108 13.66 2.87 4.61
N GLY A 109 12.95 3.30 3.57
CA GLY A 109 11.89 2.48 3.02
C GLY A 109 10.70 3.31 2.54
N TYR A 110 9.50 2.82 2.77
CA TYR A 110 8.29 3.52 2.35
C TYR A 110 7.23 3.50 3.45
N LEU A 111 6.79 4.69 3.85
CA LEU A 111 5.78 4.81 4.89
C LEU A 111 4.67 5.77 4.47
N PHE A 112 3.54 5.72 5.18
CA PHE A 112 2.41 6.58 4.87
C PHE A 112 2.67 8.00 5.37
N ALA A 113 1.65 8.86 5.26
CA ALA A 113 1.76 10.24 5.69
C ALA A 113 1.26 10.41 7.12
N PRO A 114 2.14 10.90 8.00
CA PRO A 114 1.81 11.12 9.41
C PRO A 114 0.82 12.26 9.61
N HIS A 115 0.62 13.05 8.56
CA HIS A 115 -0.31 14.17 8.62
C HIS A 115 -1.70 13.75 8.18
N ALA A 116 -1.79 12.61 7.51
CA ALA A 116 -3.07 12.09 7.03
C ALA A 116 -3.92 11.60 8.19
N TRP A 117 -5.11 12.17 8.32
CA TRP A 117 -6.03 11.79 9.39
C TRP A 117 -6.37 10.30 9.30
N ASP A 118 -6.67 9.70 10.45
CA ASP A 118 -7.01 8.28 10.51
C ASP A 118 -8.13 7.96 9.52
N ASN A 119 -9.01 8.93 9.29
CA ASN A 119 -10.13 8.74 8.37
C ASN A 119 -10.27 9.94 7.44
N GLY A 10 -23.00 2.52 4.50
CA GLY A 10 -23.94 2.98 5.50
C GLY A 10 -23.24 3.57 6.71
N THR A 11 -23.74 3.23 7.90
CA THR A 11 -23.15 3.74 9.13
C THR A 11 -22.36 2.64 9.85
N LEU A 12 -23.05 1.57 10.22
CA LEU A 12 -22.42 0.45 10.92
C LEU A 12 -21.87 -0.56 9.92
N THR A 13 -20.61 -0.37 9.53
CA THR A 13 -19.96 -1.27 8.58
C THR A 13 -19.07 -2.28 9.31
N PRO A 14 -18.75 -3.38 8.62
CA PRO A 14 -17.91 -4.44 9.18
C PRO A 14 -16.45 -4.01 9.32
N HIS A 15 -15.80 -4.50 10.38
CA HIS A 15 -14.41 -4.17 10.63
C HIS A 15 -13.47 -5.28 10.16
N LYS A 16 -13.97 -6.10 9.24
CA LYS A 16 -13.19 -7.21 8.70
C LYS A 16 -12.05 -6.69 7.82
N THR A 17 -12.41 -6.15 6.66
CA THR A 17 -11.42 -5.62 5.72
C THR A 17 -10.68 -4.44 6.33
N ILE A 18 -9.59 -4.04 5.67
CA ILE A 18 -8.79 -2.93 6.14
C ILE A 18 -8.83 -1.75 5.16
N SER A 19 -8.86 -0.54 5.70
CA SER A 19 -8.92 0.66 4.87
C SER A 19 -7.97 1.73 5.41
N PHE A 20 -7.37 2.49 4.50
CA PHE A 20 -6.44 3.55 4.89
C PHE A 20 -6.61 4.77 3.97
N GLY A 21 -6.92 5.91 4.58
CA GLY A 21 -7.09 7.13 3.81
C GLY A 21 -8.20 7.01 2.77
N SER A 22 -7.81 7.01 1.50
CA SER A 22 -8.77 6.91 0.41
C SER A 22 -8.72 5.52 -0.23
N LEU A 23 -7.69 4.75 0.13
CA LEU A 23 -7.53 3.40 -0.41
C LEU A 23 -8.07 2.36 0.56
N THR A 24 -8.65 1.29 0.01
CA THR A 24 -9.22 0.22 0.82
C THR A 24 -8.78 -1.14 0.30
N ILE A 25 -8.35 -2.01 1.21
CA ILE A 25 -7.91 -3.35 0.84
C ILE A 25 -8.79 -4.41 1.50
N ASP A 26 -9.35 -5.29 0.68
CA ASP A 26 -10.21 -6.36 1.16
C ASP A 26 -9.55 -7.72 0.98
N PRO A 27 -9.40 -8.46 2.09
CA PRO A 27 -8.79 -9.79 2.08
C PRO A 27 -9.66 -10.83 1.38
N VAL A 28 -10.96 -10.75 1.63
CA VAL A 28 -11.92 -11.69 1.03
C VAL A 28 -12.12 -11.38 -0.45
N ASN A 29 -12.36 -10.12 -0.77
CA ASN A 29 -12.57 -9.69 -2.15
C ASN A 29 -11.24 -9.48 -2.86
N ARG A 30 -10.15 -9.66 -2.13
CA ARG A 30 -8.82 -9.49 -2.70
C ARG A 30 -8.82 -8.43 -3.79
N GLN A 31 -9.40 -7.27 -3.48
CA GLN A 31 -9.47 -6.18 -4.44
C GLN A 31 -9.27 -4.83 -3.74
N VAL A 32 -8.54 -3.93 -4.41
CA VAL A 32 -8.27 -2.61 -3.85
C VAL A 32 -9.15 -1.55 -4.51
N LEU A 33 -9.65 -0.64 -3.70
CA LEU A 33 -10.52 0.44 -4.20
C LEU A 33 -10.07 1.79 -3.68
N LEU A 34 -9.80 2.72 -4.59
CA LEU A 34 -9.36 4.06 -4.22
C LEU A 34 -10.18 5.12 -4.95
N GLY A 35 -10.83 5.99 -4.18
CA GLY A 35 -11.64 7.05 -4.77
C GLY A 35 -13.03 6.58 -5.15
N GLY A 36 -13.37 5.35 -4.75
CA GLY A 36 -14.67 4.81 -5.06
C GLY A 36 -14.62 3.79 -6.19
N GLU A 37 -13.48 3.72 -6.87
CA GLU A 37 -13.31 2.79 -7.97
C GLU A 37 -12.12 1.86 -7.73
N ASN A 38 -12.23 0.63 -8.23
CA ASN A 38 -11.16 -0.36 -8.06
C ASN A 38 -9.90 0.07 -8.80
N VAL A 39 -8.75 -0.28 -8.26
CA VAL A 39 -7.48 0.06 -8.87
C VAL A 39 -6.77 -1.18 -9.42
N ALA A 40 -6.42 -1.14 -10.70
CA ALA A 40 -5.74 -2.26 -11.35
C ALA A 40 -4.29 -2.34 -10.90
N LEU A 41 -3.95 -3.44 -10.24
CA LEU A 41 -2.59 -3.66 -9.76
C LEU A 41 -2.15 -5.10 -10.00
N SER A 42 -0.98 -5.27 -10.61
CA SER A 42 -0.44 -6.60 -10.89
C SER A 42 -0.44 -7.45 -9.63
N THR A 43 -0.37 -8.77 -9.82
CA THR A 43 -0.36 -9.70 -8.70
C THR A 43 0.52 -9.18 -7.57
N ALA A 44 1.81 -9.00 -7.86
CA ALA A 44 2.76 -8.51 -6.86
C ALA A 44 2.24 -7.24 -6.19
N ASP A 45 1.98 -6.21 -7.00
CA ASP A 45 1.48 -4.94 -6.50
C ASP A 45 0.29 -5.16 -5.58
N PHE A 46 -0.54 -6.14 -5.92
CA PHE A 46 -1.74 -6.44 -5.13
C PHE A 46 -1.35 -7.04 -3.78
N ASP A 47 -0.37 -7.93 -3.79
CA ASP A 47 0.10 -8.56 -2.56
C ASP A 47 0.79 -7.56 -1.65
N LEU A 48 1.56 -6.66 -2.25
CA LEU A 48 2.29 -5.64 -1.49
C LEU A 48 1.34 -4.90 -0.54
N LEU A 49 0.30 -4.29 -1.11
CA LEU A 49 -0.67 -3.54 -0.32
C LEU A 49 -1.24 -4.41 0.80
N TRP A 50 -1.50 -5.68 0.49
CA TRP A 50 -2.04 -6.61 1.48
C TRP A 50 -1.36 -6.42 2.83
N GLU A 51 -0.04 -6.56 2.85
CA GLU A 51 0.72 -6.41 4.08
C GLU A 51 0.97 -4.94 4.39
N LEU A 52 1.12 -4.14 3.33
CA LEU A 52 1.37 -2.70 3.48
C LEU A 52 0.35 -2.07 4.42
N ALA A 53 -0.93 -2.35 4.17
CA ALA A 53 -2.00 -1.82 4.99
C ALA A 53 -2.04 -2.48 6.37
N THR A 54 -2.04 -3.82 6.38
CA THR A 54 -2.07 -4.57 7.62
C THR A 54 -1.03 -4.05 8.61
N HIS A 55 0.06 -3.52 8.07
CA HIS A 55 1.13 -2.98 8.92
C HIS A 55 1.14 -1.46 8.86
N ALA A 56 -0.04 -0.86 8.95
CA ALA A 56 -0.17 0.59 8.91
C ALA A 56 0.52 1.22 10.12
N GLY A 57 0.89 2.49 9.97
CA GLY A 57 1.56 3.20 11.06
C GLY A 57 2.90 2.58 11.41
N GLN A 58 3.35 1.66 10.58
CA GLN A 58 4.63 0.99 10.82
C GLN A 58 5.52 1.06 9.58
N ILE A 59 6.79 1.38 9.79
CA ILE A 59 7.74 1.49 8.68
C ILE A 59 7.98 0.13 8.04
N MET A 60 7.50 -0.03 6.81
CA MET A 60 7.67 -1.28 6.08
C MET A 60 9.00 -1.30 5.33
N ASP A 61 10.00 -1.96 5.92
CA ASP A 61 11.32 -2.06 5.30
C ASP A 61 11.27 -2.93 4.06
N ARG A 62 12.02 -2.52 3.03
CA ARG A 62 12.06 -3.26 1.78
C ARG A 62 12.19 -4.76 2.04
N ASP A 63 13.28 -5.15 2.71
CA ASP A 63 13.52 -6.55 3.02
C ASP A 63 12.31 -7.17 3.71
N ALA A 64 11.57 -6.36 4.46
CA ALA A 64 10.39 -6.83 5.15
C ALA A 64 9.17 -6.81 4.25
N LEU A 65 9.23 -6.01 3.19
CA LEU A 65 8.14 -5.90 2.25
C LEU A 65 8.13 -7.08 1.28
N LEU A 66 9.21 -7.21 0.52
CA LEU A 66 9.33 -8.30 -0.44
C LEU A 66 9.05 -9.66 0.21
N LYS A 67 9.18 -9.69 1.54
CA LYS A 67 8.95 -10.92 2.29
C LYS A 67 7.54 -11.45 2.04
N ASN A 68 6.65 -10.57 1.59
CA ASN A 68 5.27 -10.96 1.31
C ASN A 68 5.14 -11.51 -0.10
N LEU A 69 5.90 -10.94 -1.03
CA LEU A 69 5.87 -11.38 -2.42
C LEU A 69 6.44 -12.79 -2.56
N ARG A 70 7.65 -12.98 -2.06
CA ARG A 70 8.31 -14.28 -2.12
C ARG A 70 8.41 -14.91 -0.73
N GLY A 71 9.26 -14.34 0.10
CA GLY A 71 9.45 -14.86 1.45
C GLY A 71 10.38 -16.05 1.48
N VAL A 72 11.20 -16.20 0.46
CA VAL A 72 12.15 -17.30 0.38
C VAL A 72 13.47 -16.95 1.05
N THR A 73 14.41 -17.89 1.01
CA THR A 73 15.72 -17.68 1.63
C THR A 73 16.56 -16.71 0.81
N TYR A 74 16.08 -16.38 -0.38
CA TYR A 74 16.79 -15.46 -1.26
C TYR A 74 16.79 -14.04 -0.69
N ASP A 75 17.82 -13.72 0.08
CA ASP A 75 17.94 -12.39 0.68
C ASP A 75 18.45 -11.38 -0.32
N GLY A 76 18.30 -10.09 0.00
CA GLY A 76 18.74 -9.04 -0.89
C GLY A 76 17.99 -9.04 -2.20
N MET A 77 16.68 -9.26 -2.14
CA MET A 77 15.86 -9.28 -3.33
C MET A 77 14.98 -8.04 -3.42
N ASP A 78 15.57 -6.89 -3.14
CA ASP A 78 14.84 -5.63 -3.17
C ASP A 78 14.49 -5.25 -4.62
N ARG A 79 15.19 -5.85 -5.57
CA ARG A 79 14.95 -5.58 -6.98
C ARG A 79 13.45 -5.51 -7.27
N SER A 80 12.71 -6.46 -6.72
CA SER A 80 11.26 -6.51 -6.92
C SER A 80 10.58 -5.36 -6.22
N VAL A 81 10.75 -5.27 -4.90
CA VAL A 81 10.15 -4.20 -4.11
C VAL A 81 10.25 -2.87 -4.82
N ASP A 82 11.46 -2.51 -5.24
CA ASP A 82 11.69 -1.26 -5.93
C ASP A 82 10.70 -1.07 -7.08
N VAL A 83 10.73 -1.99 -8.03
CA VAL A 83 9.83 -1.93 -9.18
C VAL A 83 8.38 -1.82 -8.73
N ALA A 84 8.00 -2.62 -7.75
CA ALA A 84 6.64 -2.60 -7.22
C ALA A 84 6.26 -1.22 -6.74
N ILE A 85 7.08 -0.63 -5.88
CA ILE A 85 6.82 0.70 -5.34
C ILE A 85 6.63 1.70 -6.46
N SER A 86 7.62 1.82 -7.33
CA SER A 86 7.55 2.75 -8.45
C SER A 86 6.24 2.60 -9.21
N ARG A 87 5.76 1.37 -9.31
CA ARG A 87 4.51 1.08 -10.00
C ARG A 87 3.32 1.62 -9.23
N LEU A 88 3.22 1.25 -7.96
CA LEU A 88 2.13 1.69 -7.10
C LEU A 88 1.96 3.21 -7.17
N ARG A 89 3.08 3.93 -7.15
CA ARG A 89 3.06 5.38 -7.22
C ARG A 89 2.59 5.85 -8.60
N LYS A 90 3.16 5.27 -9.65
CA LYS A 90 2.81 5.63 -11.01
C LYS A 90 1.30 5.60 -11.21
N LYS A 91 0.65 4.62 -10.59
CA LYS A 91 -0.80 4.48 -10.70
C LYS A 91 -1.51 5.29 -9.61
N LEU A 92 -0.87 5.39 -8.45
CA LEU A 92 -1.44 6.14 -7.33
C LEU A 92 -0.86 7.54 -7.27
N LEU A 93 -0.45 8.06 -8.43
CA LEU A 93 0.13 9.40 -8.50
C LEU A 93 -0.95 10.47 -8.39
N ASP A 94 -1.84 10.32 -7.41
CA ASP A 94 -2.92 11.27 -7.20
C ASP A 94 -2.37 12.69 -7.06
N ASN A 95 -3.03 13.64 -7.71
CA ASN A 95 -2.62 15.03 -7.67
C ASN A 95 -3.82 15.95 -7.43
N ALA A 96 -4.77 15.92 -8.36
CA ALA A 96 -5.96 16.74 -8.25
C ALA A 96 -6.83 16.30 -7.07
N THR A 97 -7.20 15.03 -7.06
CA THR A 97 -8.03 14.49 -5.99
C THR A 97 -7.32 14.58 -4.65
N GLU A 98 -6.08 14.12 -4.60
CA GLU A 98 -5.30 14.15 -3.37
C GLU A 98 -3.80 14.11 -3.68
N PRO A 99 -2.99 14.61 -2.74
CA PRO A 99 -1.53 14.65 -2.88
C PRO A 99 -0.91 13.26 -2.79
N TYR A 100 0.38 13.17 -3.11
CA TYR A 100 1.09 11.89 -3.07
C TYR A 100 1.56 11.57 -1.65
N ARG A 101 0.63 11.56 -0.71
CA ARG A 101 0.94 11.28 0.67
C ARG A 101 1.95 10.14 0.78
N ILE A 102 1.83 9.17 -0.12
CA ILE A 102 2.74 8.02 -0.14
C ILE A 102 4.17 8.45 -0.40
N LYS A 103 4.92 8.68 0.68
CA LYS A 103 6.31 9.10 0.58
C LYS A 103 7.25 7.99 1.04
N THR A 104 8.45 7.96 0.48
CA THR A 104 9.44 6.96 0.84
C THR A 104 10.33 7.44 1.99
N VAL A 105 10.71 6.51 2.87
CA VAL A 105 11.55 6.85 4.01
C VAL A 105 13.03 6.76 3.63
N ARG A 106 13.88 7.38 4.45
CA ARG A 106 15.31 7.37 4.20
C ARG A 106 15.82 5.95 3.97
N ASN A 107 15.72 5.49 2.73
CA ASN A 107 16.16 4.14 2.37
C ASN A 107 15.88 3.16 3.50
N LYS A 108 14.72 3.32 4.14
CA LYS A 108 14.33 2.44 5.24
C LYS A 108 12.99 1.77 4.96
N GLY A 109 12.49 1.97 3.73
CA GLY A 109 11.22 1.36 3.36
C GLY A 109 10.27 2.37 2.73
N TYR A 110 8.99 2.26 3.06
CA TYR A 110 7.98 3.17 2.53
C TYR A 110 6.85 3.37 3.52
N LEU A 111 6.61 4.62 3.90
CA LEU A 111 5.54 4.95 4.85
C LEU A 111 4.62 6.02 4.28
N PHE A 112 3.50 6.25 4.97
CA PHE A 112 2.54 7.25 4.53
C PHE A 112 2.94 8.64 5.02
N ALA A 113 2.12 9.63 4.69
CA ALA A 113 2.39 11.01 5.11
C ALA A 113 1.62 11.37 6.37
N PRO A 114 2.19 12.28 7.18
CA PRO A 114 1.57 12.73 8.43
C PRO A 114 0.33 13.58 8.19
N HIS A 115 0.36 14.37 7.12
CA HIS A 115 -0.77 15.23 6.77
C HIS A 115 -1.95 14.40 6.28
N ALA A 116 -1.67 13.21 5.79
CA ALA A 116 -2.70 12.31 5.28
C ALA A 116 -3.65 11.88 6.41
N TRP A 117 -4.75 11.24 6.03
CA TRP A 117 -5.74 10.78 6.99
C TRP A 117 -5.08 9.96 8.09
N ASP A 118 -5.38 10.30 9.34
CA ASP A 118 -4.82 9.59 10.49
C ASP A 118 -5.92 9.03 11.38
N ASN A 119 -5.61 7.95 12.08
CA ASN A 119 -6.57 7.31 12.97
C ASN A 119 -6.02 7.22 14.40
N GLY A 10 -24.78 4.99 2.45
CA GLY A 10 -24.21 4.97 3.78
C GLY A 10 -22.71 4.71 3.78
N THR A 11 -21.93 5.79 3.83
CA THR A 11 -20.48 5.68 3.82
C THR A 11 -19.96 5.35 5.21
N LEU A 12 -20.69 5.75 6.23
CA LEU A 12 -20.31 5.50 7.62
C LEU A 12 -20.99 4.25 8.16
N THR A 13 -21.02 3.20 7.35
CA THR A 13 -21.64 1.94 7.75
C THR A 13 -20.68 1.09 8.57
N PRO A 14 -21.25 0.15 9.34
CA PRO A 14 -20.46 -0.76 10.19
C PRO A 14 -19.65 -1.77 9.38
N HIS A 15 -18.35 -1.80 9.62
CA HIS A 15 -17.47 -2.72 8.91
C HIS A 15 -16.23 -3.06 9.74
N LYS A 16 -15.46 -4.04 9.29
CA LYS A 16 -14.26 -4.45 10.00
C LYS A 16 -13.06 -4.48 9.05
N THR A 17 -13.29 -4.12 7.79
CA THR A 17 -12.23 -4.10 6.79
C THR A 17 -11.28 -2.94 7.02
N ILE A 18 -10.30 -2.80 6.13
CA ILE A 18 -9.32 -1.72 6.23
C ILE A 18 -9.44 -0.76 5.05
N SER A 19 -9.46 0.53 5.35
CA SER A 19 -9.57 1.56 4.31
C SER A 19 -8.80 2.82 4.71
N PHE A 20 -8.28 3.52 3.71
CA PHE A 20 -7.52 4.74 3.95
C PHE A 20 -7.77 5.77 2.85
N GLY A 21 -8.21 6.95 3.24
CA GLY A 21 -8.48 8.00 2.27
C GLY A 21 -9.60 7.63 1.31
N SER A 22 -9.25 7.39 0.06
CA SER A 22 -10.23 7.03 -0.96
C SER A 22 -10.07 5.57 -1.36
N LEU A 23 -9.07 4.90 -0.80
CA LEU A 23 -8.81 3.50 -1.10
C LEU A 23 -9.39 2.59 -0.02
N THR A 24 -9.92 1.45 -0.43
CA THR A 24 -10.49 0.49 0.50
C THR A 24 -10.06 -0.94 0.19
N ILE A 25 -9.60 -1.65 1.21
CA ILE A 25 -9.14 -3.03 1.03
C ILE A 25 -9.97 -3.98 1.89
N ASP A 26 -10.48 -5.03 1.26
CA ASP A 26 -11.28 -6.03 1.95
C ASP A 26 -10.73 -7.44 1.72
N PRO A 27 -10.43 -8.14 2.82
CA PRO A 27 -9.90 -9.50 2.77
C PRO A 27 -10.93 -10.52 2.27
N VAL A 28 -12.20 -10.23 2.53
CA VAL A 28 -13.29 -11.12 2.12
C VAL A 28 -13.38 -11.18 0.60
N ASN A 29 -13.10 -10.06 -0.06
CA ASN A 29 -13.15 -10.00 -1.51
C ASN A 29 -11.75 -10.02 -2.11
N ARG A 30 -10.74 -9.86 -1.26
CA ARG A 30 -9.36 -9.86 -1.71
C ARG A 30 -9.16 -8.92 -2.88
N GLN A 31 -9.90 -7.80 -2.87
CA GLN A 31 -9.81 -6.82 -3.94
C GLN A 31 -9.62 -5.41 -3.37
N VAL A 32 -9.19 -4.49 -4.23
CA VAL A 32 -8.98 -3.11 -3.81
C VAL A 32 -9.85 -2.15 -4.61
N LEU A 33 -10.35 -1.11 -3.93
CA LEU A 33 -11.20 -0.12 -4.59
C LEU A 33 -10.75 1.30 -4.24
N LEU A 34 -10.53 2.11 -5.27
CA LEU A 34 -10.10 3.49 -5.06
C LEU A 34 -10.95 4.45 -5.89
N GLY A 35 -11.59 5.39 -5.23
CA GLY A 35 -12.43 6.36 -5.91
C GLY A 35 -13.71 5.75 -6.42
N GLY A 36 -13.96 4.49 -6.07
CA GLY A 36 -15.16 3.83 -6.50
C GLY A 36 -14.90 2.76 -7.55
N GLU A 37 -13.71 2.80 -8.13
CA GLU A 37 -13.32 1.82 -9.16
C GLU A 37 -12.22 0.90 -8.64
N ASN A 38 -12.38 -0.40 -8.87
CA ASN A 38 -11.39 -1.38 -8.44
C ASN A 38 -10.06 -1.16 -9.15
N VAL A 39 -8.96 -1.39 -8.43
CA VAL A 39 -7.63 -1.21 -8.99
C VAL A 39 -7.01 -2.56 -9.34
N ALA A 40 -6.63 -2.73 -10.60
CA ALA A 40 -6.03 -3.97 -11.07
C ALA A 40 -4.51 -3.83 -11.17
N LEU A 41 -3.80 -4.72 -10.49
CA LEU A 41 -2.34 -4.70 -10.50
C LEU A 41 -1.77 -6.12 -10.51
N SER A 42 -0.55 -6.27 -11.00
CA SER A 42 0.11 -7.57 -11.06
C SER A 42 0.14 -8.22 -9.68
N THR A 43 0.15 -9.55 -9.66
CA THR A 43 0.18 -10.29 -8.40
C THR A 43 1.06 -9.60 -7.37
N ALA A 44 2.34 -9.45 -7.70
CA ALA A 44 3.29 -8.80 -6.82
C ALA A 44 2.76 -7.46 -6.33
N ASP A 45 2.32 -6.63 -7.27
CA ASP A 45 1.78 -5.31 -6.93
C ASP A 45 0.62 -5.43 -5.95
N PHE A 46 -0.19 -6.47 -6.12
CA PHE A 46 -1.34 -6.70 -5.25
C PHE A 46 -0.89 -7.15 -3.86
N ASP A 47 0.11 -8.03 -3.83
CA ASP A 47 0.63 -8.55 -2.57
C ASP A 47 1.24 -7.43 -1.73
N LEU A 48 2.00 -6.56 -2.39
CA LEU A 48 2.65 -5.43 -1.72
C LEU A 48 1.63 -4.61 -0.94
N LEU A 49 0.55 -4.23 -1.61
CA LEU A 49 -0.50 -3.43 -0.99
C LEU A 49 -1.10 -4.16 0.22
N TRP A 50 -1.40 -5.44 0.03
CA TRP A 50 -1.98 -6.26 1.09
C TRP A 50 -1.24 -6.03 2.40
N GLU A 51 0.09 -6.12 2.36
CA GLU A 51 0.91 -5.92 3.54
C GLU A 51 1.04 -4.44 3.87
N LEU A 52 1.02 -3.61 2.85
CA LEU A 52 1.14 -2.16 3.02
C LEU A 52 0.00 -1.62 3.87
N ALA A 53 -1.22 -2.02 3.53
CA ALA A 53 -2.40 -1.58 4.27
C ALA A 53 -2.36 -2.05 5.72
N THR A 54 -2.31 -3.36 5.91
CA THR A 54 -2.26 -3.94 7.25
C THR A 54 -1.21 -3.24 8.11
N HIS A 55 -0.08 -2.89 7.50
CA HIS A 55 0.99 -2.21 8.21
C HIS A 55 0.92 -0.71 7.99
N ALA A 56 -0.28 -0.17 7.97
CA ALA A 56 -0.49 1.26 7.76
C ALA A 56 0.06 2.07 8.93
N GLY A 57 0.36 3.34 8.68
CA GLY A 57 0.90 4.19 9.72
C GLY A 57 2.22 3.68 10.26
N GLN A 58 2.83 2.75 9.54
CA GLN A 58 4.11 2.17 9.96
C GLN A 58 5.13 2.25 8.83
N ILE A 59 6.37 2.55 9.19
CA ILE A 59 7.44 2.65 8.21
C ILE A 59 7.75 1.29 7.59
N MET A 60 7.28 1.09 6.36
CA MET A 60 7.50 -0.17 5.65
C MET A 60 8.82 -0.14 4.90
N ASP A 61 9.86 -0.70 5.51
CA ASP A 61 11.18 -0.74 4.90
C ASP A 61 11.22 -1.75 3.76
N ARG A 62 11.94 -1.41 2.70
CA ARG A 62 12.06 -2.28 1.54
C ARG A 62 12.40 -3.71 1.96
N ASP A 63 13.41 -3.84 2.81
CA ASP A 63 13.84 -5.15 3.30
C ASP A 63 12.68 -5.88 3.98
N ALA A 64 11.83 -5.11 4.67
CA ALA A 64 10.70 -5.68 5.37
C ALA A 64 9.51 -5.86 4.43
N LEU A 65 9.50 -5.10 3.34
CA LEU A 65 8.42 -5.18 2.36
C LEU A 65 8.65 -6.34 1.39
N LEU A 66 9.76 -6.28 0.67
CA LEU A 66 10.10 -7.32 -0.30
C LEU A 66 10.06 -8.70 0.36
N LYS A 67 10.15 -8.73 1.68
CA LYS A 67 10.12 -9.98 2.44
C LYS A 67 8.79 -10.69 2.26
N ASN A 68 7.80 -9.95 1.77
CA ASN A 68 6.46 -10.52 1.56
C ASN A 68 6.33 -11.10 0.15
N LEU A 69 6.95 -10.42 -0.82
CA LEU A 69 6.90 -10.87 -2.20
C LEU A 69 7.76 -12.11 -2.41
N ARG A 70 9.02 -12.03 -1.97
CA ARG A 70 9.94 -13.14 -2.09
C ARG A 70 9.60 -14.25 -1.09
N GLY A 71 9.81 -13.97 0.19
CA GLY A 71 9.53 -14.95 1.22
C GLY A 71 10.72 -15.84 1.50
N VAL A 72 11.72 -15.80 0.63
CA VAL A 72 12.91 -16.63 0.79
C VAL A 72 13.90 -15.97 1.75
N THR A 73 15.09 -16.56 1.86
CA THR A 73 16.12 -16.03 2.74
C THR A 73 17.14 -15.22 1.95
N TYR A 74 16.68 -14.51 0.93
CA TYR A 74 17.56 -13.70 0.10
C TYR A 74 17.25 -12.22 0.27
N ASP A 75 18.28 -11.45 0.62
CA ASP A 75 18.12 -10.01 0.82
C ASP A 75 18.77 -9.23 -0.32
N GLY A 76 18.76 -7.90 -0.21
CA GLY A 76 19.35 -7.06 -1.22
C GLY A 76 18.60 -7.13 -2.54
N MET A 77 17.34 -7.53 -2.47
CA MET A 77 16.50 -7.64 -3.66
C MET A 77 15.34 -6.64 -3.60
N ASP A 78 15.63 -5.43 -3.17
CA ASP A 78 14.62 -4.39 -3.07
C ASP A 78 14.40 -3.71 -4.43
N ARG A 79 15.36 -3.86 -5.31
CA ARG A 79 15.28 -3.26 -6.64
C ARG A 79 13.86 -3.36 -7.19
N SER A 80 13.25 -4.53 -7.00
CA SER A 80 11.89 -4.77 -7.49
C SER A 80 10.89 -3.90 -6.73
N VAL A 81 10.94 -3.95 -5.41
CA VAL A 81 10.04 -3.17 -4.57
C VAL A 81 9.99 -1.72 -5.03
N ASP A 82 11.17 -1.12 -5.18
CA ASP A 82 11.26 0.27 -5.61
C ASP A 82 10.37 0.53 -6.83
N VAL A 83 10.66 -0.17 -7.92
CA VAL A 83 9.88 -0.01 -9.15
C VAL A 83 8.39 -0.24 -8.89
N ALA A 84 8.09 -1.27 -8.10
CA ALA A 84 6.70 -1.60 -7.77
C ALA A 84 6.01 -0.42 -7.11
N ILE A 85 6.63 0.10 -6.04
CA ILE A 85 6.06 1.23 -5.32
C ILE A 85 5.79 2.41 -6.25
N SER A 86 6.84 2.89 -6.89
CA SER A 86 6.71 4.03 -7.81
C SER A 86 5.61 3.77 -8.84
N ARG A 87 5.32 2.49 -9.08
CA ARG A 87 4.28 2.11 -10.03
C ARG A 87 2.89 2.35 -9.45
N LEU A 88 2.62 1.74 -8.30
CA LEU A 88 1.33 1.88 -7.64
C LEU A 88 1.01 3.35 -7.39
N ARG A 89 2.04 4.13 -7.05
CA ARG A 89 1.86 5.55 -6.78
C ARG A 89 1.56 6.31 -8.08
N LYS A 90 2.44 6.17 -9.05
CA LYS A 90 2.28 6.84 -10.34
C LYS A 90 0.83 6.80 -10.79
N LYS A 91 0.17 5.67 -10.54
CA LYS A 91 -1.23 5.50 -10.92
C LYS A 91 -2.16 5.97 -9.80
N LEU A 92 -1.80 5.66 -8.56
CA LEU A 92 -2.59 6.06 -7.41
C LEU A 92 -2.02 7.30 -6.74
N LEU A 93 -1.37 8.14 -7.54
CA LEU A 93 -0.77 9.38 -7.03
C LEU A 93 -1.85 10.41 -6.69
N ASP A 94 -3.11 10.00 -6.81
CA ASP A 94 -4.23 10.88 -6.51
C ASP A 94 -3.81 11.97 -5.53
N ASN A 95 -4.11 13.22 -5.88
CA ASN A 95 -3.77 14.36 -5.03
C ASN A 95 -4.96 15.30 -4.87
N ALA A 96 -5.76 15.41 -5.91
CA ALA A 96 -6.94 16.28 -5.90
C ALA A 96 -7.92 15.82 -4.82
N THR A 97 -8.35 14.57 -4.89
CA THR A 97 -9.29 14.02 -3.92
C THR A 97 -8.62 13.76 -2.59
N GLU A 98 -7.45 13.14 -2.63
CA GLU A 98 -6.70 12.84 -1.41
C GLU A 98 -5.19 12.88 -1.66
N PRO A 99 -4.42 13.16 -0.61
CA PRO A 99 -2.96 13.25 -0.70
C PRO A 99 -2.33 11.88 -0.91
N TYR A 100 -0.99 11.86 -1.02
CA TYR A 100 -0.27 10.62 -1.23
C TYR A 100 0.04 9.93 0.10
N ARG A 101 -1.01 9.61 0.85
CA ARG A 101 -0.86 8.95 2.13
C ARG A 101 0.45 8.16 2.19
N ILE A 102 0.59 7.18 1.31
CA ILE A 102 1.79 6.36 1.25
C ILE A 102 2.96 7.14 0.69
N LYS A 103 3.38 8.18 1.39
CA LYS A 103 4.50 9.01 0.95
C LYS A 103 5.82 8.29 1.17
N THR A 104 6.91 8.91 0.74
CA THR A 104 8.24 8.33 0.88
C THR A 104 9.01 9.00 2.01
N VAL A 105 9.62 8.18 2.86
CA VAL A 105 10.39 8.70 3.99
C VAL A 105 11.84 8.96 3.60
N ARG A 106 12.57 9.67 4.45
CA ARG A 106 13.96 10.00 4.20
C ARG A 106 14.76 8.73 3.87
N ASN A 107 14.74 8.33 2.60
CA ASN A 107 15.46 7.14 2.18
C ASN A 107 15.41 6.05 3.24
N LYS A 108 14.24 5.90 3.87
CA LYS A 108 14.06 4.90 4.91
C LYS A 108 12.89 3.98 4.57
N GLY A 109 12.31 4.18 3.40
CA GLY A 109 11.19 3.36 2.97
C GLY A 109 9.96 4.18 2.62
N TYR A 110 8.79 3.65 2.93
CA TYR A 110 7.53 4.34 2.64
C TYR A 110 6.59 4.30 3.85
N LEU A 111 6.21 5.48 4.32
CA LEU A 111 5.31 5.58 5.47
C LEU A 111 4.04 6.33 5.10
N PHE A 112 2.95 6.02 5.80
CA PHE A 112 1.67 6.67 5.55
C PHE A 112 1.62 8.04 6.21
N ALA A 113 0.94 8.98 5.56
CA ALA A 113 0.80 10.33 6.09
C ALA A 113 0.13 10.34 7.46
N PRO A 114 0.41 11.37 8.25
CA PRO A 114 -0.16 11.51 9.60
C PRO A 114 -1.65 11.81 9.57
N HIS A 115 -2.16 12.12 8.38
CA HIS A 115 -3.58 12.42 8.21
C HIS A 115 -4.38 11.15 7.95
N ALA A 116 -3.68 10.07 7.66
CA ALA A 116 -4.32 8.79 7.39
C ALA A 116 -4.76 8.10 8.68
N TRP A 117 -5.69 7.16 8.56
CA TRP A 117 -6.19 6.43 9.71
C TRP A 117 -5.14 5.44 10.23
N ASP A 118 -4.45 5.83 11.30
CA ASP A 118 -3.43 4.98 11.89
C ASP A 118 -4.02 4.12 13.01
N ASN A 119 -4.92 3.21 12.64
CA ASN A 119 -5.55 2.32 13.60
C ASN A 119 -4.58 1.25 14.07
N GLY A 10 -26.79 -0.42 0.40
CA GLY A 10 -26.77 0.82 1.13
C GLY A 10 -25.38 1.43 1.19
N THR A 11 -25.31 2.69 1.63
CA THR A 11 -24.04 3.40 1.74
C THR A 11 -23.51 3.36 3.16
N LEU A 12 -22.83 2.27 3.51
CA LEU A 12 -22.27 2.11 4.85
C LEU A 12 -20.83 1.57 4.77
N THR A 13 -20.15 1.56 5.91
CA THR A 13 -18.78 1.08 5.98
C THR A 13 -18.65 -0.10 6.93
N PRO A 14 -17.91 -1.14 6.50
CA PRO A 14 -17.70 -2.34 7.30
C PRO A 14 -16.82 -2.08 8.52
N HIS A 15 -16.70 -3.09 9.38
CA HIS A 15 -15.88 -2.98 10.59
C HIS A 15 -15.00 -4.21 10.77
N LYS A 16 -15.00 -5.07 9.77
CA LYS A 16 -14.20 -6.30 9.82
C LYS A 16 -12.97 -6.18 8.91
N THR A 17 -13.14 -5.50 7.78
CA THR A 17 -12.06 -5.32 6.83
C THR A 17 -11.14 -4.17 7.25
N ILE A 18 -10.14 -3.88 6.43
CA ILE A 18 -9.20 -2.81 6.72
C ILE A 18 -9.31 -1.69 5.70
N SER A 19 -9.37 -0.45 6.19
CA SER A 19 -9.49 0.71 5.32
C SER A 19 -8.59 1.85 5.82
N PHE A 20 -8.24 2.75 4.91
CA PHE A 20 -7.40 3.89 5.27
C PHE A 20 -7.51 5.00 4.22
N GLY A 21 -7.82 6.21 4.67
CA GLY A 21 -7.97 7.33 3.77
C GLY A 21 -9.03 7.09 2.71
N SER A 22 -8.62 7.03 1.45
CA SER A 22 -9.54 6.81 0.35
C SER A 22 -9.42 5.39 -0.20
N LEU A 23 -8.45 4.65 0.32
CA LEU A 23 -8.22 3.28 -0.11
C LEU A 23 -8.80 2.29 0.90
N THR A 24 -9.34 1.19 0.40
CA THR A 24 -9.91 0.16 1.26
C THR A 24 -9.53 -1.24 0.78
N ILE A 25 -9.14 -2.09 1.73
CA ILE A 25 -8.74 -3.46 1.40
C ILE A 25 -9.64 -4.46 2.11
N ASP A 26 -10.19 -5.40 1.35
CA ASP A 26 -11.06 -6.43 1.90
C ASP A 26 -10.53 -7.82 1.59
N PRO A 27 -10.37 -8.65 2.63
CA PRO A 27 -9.86 -10.02 2.49
C PRO A 27 -10.88 -10.93 1.80
N VAL A 28 -12.15 -10.69 2.04
CA VAL A 28 -13.22 -11.49 1.44
C VAL A 28 -13.28 -11.28 -0.06
N ASN A 29 -13.24 -10.01 -0.48
CA ASN A 29 -13.30 -9.66 -1.89
C ASN A 29 -11.90 -9.69 -2.52
N ARG A 30 -10.89 -9.70 -1.66
CA ARG A 30 -9.50 -9.72 -2.13
C ARG A 30 -9.29 -8.69 -3.24
N GLN A 31 -9.73 -7.46 -2.98
CA GLN A 31 -9.59 -6.39 -3.96
C GLN A 31 -9.40 -5.04 -3.25
N VAL A 32 -8.96 -4.04 -4.01
CA VAL A 32 -8.73 -2.71 -3.45
C VAL A 32 -9.62 -1.68 -4.15
N LEU A 33 -10.14 -0.74 -3.37
CA LEU A 33 -11.00 0.31 -3.91
C LEU A 33 -10.50 1.69 -3.50
N LEU A 34 -10.29 2.56 -4.48
CA LEU A 34 -9.81 3.91 -4.23
C LEU A 34 -10.58 4.93 -5.06
N GLY A 35 -11.20 5.89 -4.40
CA GLY A 35 -11.96 6.92 -5.09
C GLY A 35 -13.34 6.44 -5.47
N GLY A 36 -13.68 5.21 -5.10
CA GLY A 36 -14.98 4.66 -5.42
C GLY A 36 -14.92 3.57 -6.47
N GLU A 37 -13.74 3.41 -7.08
CA GLU A 37 -13.55 2.39 -8.11
C GLU A 37 -12.38 1.47 -7.76
N ASN A 38 -12.48 0.22 -8.19
CA ASN A 38 -11.44 -0.76 -7.93
C ASN A 38 -10.15 -0.39 -8.64
N VAL A 39 -9.02 -0.71 -8.02
CA VAL A 39 -7.72 -0.42 -8.60
C VAL A 39 -7.07 -1.67 -9.19
N ALA A 40 -6.73 -1.60 -10.47
CA ALA A 40 -6.10 -2.73 -11.16
C ALA A 40 -4.59 -2.67 -11.03
N LEU A 41 -4.02 -3.61 -10.29
CA LEU A 41 -2.58 -3.66 -10.09
C LEU A 41 -2.05 -5.09 -10.26
N SER A 42 -0.84 -5.21 -10.78
CA SER A 42 -0.23 -6.52 -11.00
C SER A 42 -0.25 -7.34 -9.72
N THR A 43 -0.28 -8.66 -9.86
CA THR A 43 -0.30 -9.56 -8.72
C THR A 43 0.61 -9.06 -7.61
N ALA A 44 1.90 -8.95 -7.91
CA ALA A 44 2.88 -8.48 -6.94
C ALA A 44 2.42 -7.18 -6.29
N ASP A 45 2.04 -6.21 -7.11
CA ASP A 45 1.58 -4.91 -6.61
C ASP A 45 0.44 -5.09 -5.61
N PHE A 46 -0.43 -6.07 -5.89
CA PHE A 46 -1.57 -6.34 -5.03
C PHE A 46 -1.11 -6.96 -3.71
N ASP A 47 -0.15 -7.88 -3.79
CA ASP A 47 0.37 -8.54 -2.61
C ASP A 47 1.09 -7.55 -1.69
N LEU A 48 1.80 -6.60 -2.29
CA LEU A 48 2.53 -5.59 -1.52
C LEU A 48 1.60 -4.85 -0.58
N LEU A 49 0.62 -4.16 -1.15
CA LEU A 49 -0.35 -3.40 -0.37
C LEU A 49 -0.94 -4.26 0.75
N TRP A 50 -1.26 -5.51 0.42
CA TRP A 50 -1.82 -6.43 1.39
C TRP A 50 -1.04 -6.40 2.70
N GLU A 51 0.29 -6.39 2.59
CA GLU A 51 1.16 -6.35 3.76
C GLU A 51 1.32 -4.93 4.27
N LEU A 52 1.35 -3.98 3.35
CA LEU A 52 1.50 -2.57 3.71
C LEU A 52 0.36 -2.12 4.63
N ALA A 53 -0.87 -2.45 4.25
CA ALA A 53 -2.04 -2.08 5.03
C ALA A 53 -1.99 -2.72 6.41
N THR A 54 -1.97 -4.06 6.45
CA THR A 54 -1.93 -4.79 7.70
C THR A 54 -0.86 -4.24 8.63
N HIS A 55 0.27 -3.84 8.05
CA HIS A 55 1.38 -3.29 8.83
C HIS A 55 1.40 -1.77 8.76
N ALA A 56 0.20 -1.17 8.78
CA ALA A 56 0.08 0.28 8.72
C ALA A 56 0.69 0.93 9.96
N GLY A 57 1.06 2.20 9.83
CA GLY A 57 1.64 2.92 10.93
C GLY A 57 3.04 2.43 11.29
N GLN A 58 3.54 1.49 10.48
CA GLN A 58 4.87 0.92 10.71
C GLN A 58 5.71 1.00 9.45
N ILE A 59 6.95 1.45 9.59
CA ILE A 59 7.87 1.57 8.46
C ILE A 59 8.33 0.19 7.98
N MET A 60 8.41 0.03 6.66
CA MET A 60 8.84 -1.24 6.08
C MET A 60 9.92 -1.02 5.02
N ASP A 61 10.98 -1.81 5.09
CA ASP A 61 12.08 -1.69 4.14
C ASP A 61 11.90 -2.66 2.98
N ARG A 62 12.74 -2.52 1.96
CA ARG A 62 12.67 -3.39 0.79
C ARG A 62 13.04 -4.83 1.15
N ASP A 63 13.94 -4.97 2.12
CA ASP A 63 14.38 -6.29 2.55
C ASP A 63 13.29 -6.99 3.35
N ALA A 64 12.57 -6.21 4.15
CA ALA A 64 11.50 -6.75 4.98
C ALA A 64 10.18 -6.81 4.20
N LEU A 65 10.09 -5.99 3.16
CA LEU A 65 8.88 -5.94 2.34
C LEU A 65 8.92 -7.01 1.25
N LEU A 66 9.98 -6.99 0.44
CA LEU A 66 10.14 -7.96 -0.63
C LEU A 66 10.02 -9.39 -0.10
N LYS A 67 10.15 -9.53 1.21
CA LYS A 67 10.05 -10.85 1.84
C LYS A 67 8.64 -11.41 1.74
N ASN A 68 7.69 -10.52 1.47
CA ASN A 68 6.29 -10.92 1.34
C ASN A 68 5.96 -11.32 -0.10
N LEU A 69 6.55 -10.58 -1.05
CA LEU A 69 6.32 -10.84 -2.47
C LEU A 69 7.05 -12.11 -2.91
N ARG A 70 8.35 -12.18 -2.60
CA ARG A 70 9.16 -13.33 -2.96
C ARG A 70 8.97 -14.47 -1.95
N GLY A 71 9.50 -14.27 -0.74
CA GLY A 71 9.38 -15.28 0.28
C GLY A 71 10.42 -16.38 0.15
N VAL A 72 11.22 -16.30 -0.92
CA VAL A 72 12.25 -17.29 -1.17
C VAL A 72 13.54 -16.93 -0.44
N THR A 73 14.53 -17.82 -0.51
CA THR A 73 15.81 -17.60 0.14
C THR A 73 16.66 -16.58 -0.62
N TYR A 74 16.15 -16.16 -1.78
CA TYR A 74 16.85 -15.20 -2.61
C TYR A 74 16.83 -13.81 -1.97
N ASP A 75 17.76 -13.58 -1.05
CA ASP A 75 17.85 -12.28 -0.37
C ASP A 75 18.26 -11.18 -1.33
N GLY A 76 18.03 -9.94 -0.93
CA GLY A 76 18.37 -8.81 -1.78
C GLY A 76 17.57 -8.77 -3.07
N MET A 77 16.35 -9.30 -3.01
CA MET A 77 15.48 -9.33 -4.18
C MET A 77 14.57 -8.11 -4.21
N ASP A 78 15.12 -6.95 -3.88
CA ASP A 78 14.36 -5.71 -3.87
C ASP A 78 13.92 -5.34 -5.28
N ARG A 79 14.55 -5.94 -6.27
CA ARG A 79 14.22 -5.67 -7.67
C ARG A 79 12.71 -5.61 -7.87
N SER A 80 12.00 -6.59 -7.30
CA SER A 80 10.56 -6.65 -7.42
C SER A 80 9.90 -5.51 -6.65
N VAL A 81 10.51 -5.12 -5.54
CA VAL A 81 9.99 -4.03 -4.72
C VAL A 81 10.03 -2.71 -5.47
N ASP A 82 11.21 -2.35 -5.97
CA ASP A 82 11.39 -1.11 -6.72
C ASP A 82 10.27 -0.93 -7.74
N VAL A 83 10.17 -1.86 -8.67
CA VAL A 83 9.15 -1.81 -9.71
C VAL A 83 7.75 -1.74 -9.10
N ALA A 84 7.50 -2.60 -8.12
CA ALA A 84 6.21 -2.63 -7.46
C ALA A 84 5.83 -1.27 -6.90
N ILE A 85 6.65 -0.76 -5.98
CA ILE A 85 6.40 0.54 -5.36
C ILE A 85 6.12 1.60 -6.42
N SER A 86 7.02 1.71 -7.40
CA SER A 86 6.87 2.68 -8.46
C SER A 86 5.49 2.58 -9.11
N ARG A 87 4.96 1.36 -9.16
CA ARG A 87 3.65 1.11 -9.74
C ARG A 87 2.54 1.61 -8.82
N LEU A 88 2.67 1.31 -7.53
CA LEU A 88 1.69 1.73 -6.54
C LEU A 88 1.51 3.24 -6.55
N ARG A 89 2.62 3.96 -6.52
CA ARG A 89 2.58 5.43 -6.53
C ARG A 89 2.10 5.95 -7.88
N LYS A 90 2.65 5.39 -8.96
CA LYS A 90 2.28 5.80 -10.30
C LYS A 90 0.76 5.76 -10.49
N LYS A 91 0.13 4.75 -9.91
CA LYS A 91 -1.32 4.59 -10.00
C LYS A 91 -2.02 5.35 -8.88
N LEU A 92 -1.36 5.43 -7.74
CA LEU A 92 -1.93 6.13 -6.59
C LEU A 92 -1.37 7.55 -6.48
N LEU A 93 -0.98 8.11 -7.62
CA LEU A 93 -0.42 9.46 -7.65
C LEU A 93 -1.52 10.51 -7.52
N ASP A 94 -2.43 10.30 -6.56
CA ASP A 94 -3.53 11.22 -6.33
C ASP A 94 -3.03 12.66 -6.25
N ASN A 95 -3.78 13.58 -6.83
CA ASN A 95 -3.41 15.00 -6.82
C ASN A 95 -4.60 15.87 -6.47
N ALA A 96 -5.65 15.79 -7.30
CA ALA A 96 -6.85 16.58 -7.08
C ALA A 96 -7.62 16.08 -5.86
N THR A 97 -7.92 14.77 -5.85
CA THR A 97 -8.65 14.16 -4.75
C THR A 97 -7.86 14.25 -3.45
N GLU A 98 -6.59 13.83 -3.49
CA GLU A 98 -5.72 13.87 -2.32
C GLU A 98 -4.25 13.85 -2.74
N PRO A 99 -3.38 14.25 -1.80
CA PRO A 99 -1.93 14.29 -2.04
C PRO A 99 -1.32 12.89 -2.15
N TYR A 100 0.00 12.83 -2.16
CA TYR A 100 0.70 11.56 -2.26
C TYR A 100 0.93 10.95 -0.88
N ARG A 101 -0.15 10.73 -0.15
CA ARG A 101 -0.07 10.15 1.19
C ARG A 101 1.13 9.22 1.30
N ILE A 102 1.22 8.26 0.37
CA ILE A 102 2.32 7.31 0.38
C ILE A 102 3.65 8.00 0.11
N LYS A 103 4.27 8.49 1.17
CA LYS A 103 5.56 9.18 1.06
C LYS A 103 6.71 8.23 1.36
N THR A 104 7.90 8.57 0.87
CA THR A 104 9.08 7.75 1.09
C THR A 104 9.87 8.23 2.30
N VAL A 105 10.22 7.30 3.19
CA VAL A 105 10.98 7.62 4.38
C VAL A 105 12.45 7.86 4.06
N ARG A 106 13.18 8.42 5.02
CA ARG A 106 14.61 8.69 4.83
C ARG A 106 15.36 7.42 4.43
N ASN A 107 15.39 7.15 3.14
CA ASN A 107 16.07 5.96 2.62
C ASN A 107 15.86 4.77 3.54
N LYS A 108 14.67 4.67 4.11
CA LYS A 108 14.34 3.58 5.02
C LYS A 108 13.23 2.70 4.43
N GLY A 109 12.56 3.21 3.40
CA GLY A 109 11.49 2.47 2.78
C GLY A 109 10.35 3.37 2.32
N TYR A 110 9.12 2.92 2.53
CA TYR A 110 7.94 3.68 2.13
C TYR A 110 6.87 3.62 3.21
N LEU A 111 6.28 4.77 3.51
CA LEU A 111 5.23 4.86 4.53
C LEU A 111 4.18 5.89 4.13
N PHE A 112 3.06 5.89 4.86
CA PHE A 112 1.98 6.83 4.59
C PHE A 112 2.37 8.25 4.99
N ALA A 113 1.43 9.18 4.88
CA ALA A 113 1.68 10.57 5.23
C ALA A 113 1.24 10.85 6.66
N PRO A 114 1.96 11.77 7.33
CA PRO A 114 1.67 12.16 8.71
C PRO A 114 0.37 12.95 8.83
N HIS A 115 0.21 13.94 7.97
CA HIS A 115 -0.99 14.77 7.98
C HIS A 115 -2.20 13.98 7.51
N ALA A 116 -1.96 12.81 6.93
CA ALA A 116 -3.03 11.95 6.44
C ALA A 116 -4.05 11.66 7.53
N TRP A 117 -3.55 11.18 8.67
CA TRP A 117 -4.42 10.85 9.81
C TRP A 117 -3.64 10.90 11.11
N ASP A 118 -4.35 10.84 12.23
CA ASP A 118 -3.73 10.87 13.54
C ASP A 118 -2.98 12.18 13.76
N ASN A 119 -3.50 13.26 13.19
CA ASN A 119 -2.87 14.57 13.31
C ASN A 119 -3.29 15.25 14.61
N GLY A 10 -27.04 2.01 7.80
CA GLY A 10 -26.96 1.79 9.23
C GLY A 10 -25.65 2.30 9.82
N THR A 11 -25.64 2.55 11.12
CA THR A 11 -24.46 3.04 11.81
C THR A 11 -23.50 1.90 12.12
N LEU A 12 -24.01 0.67 12.07
CA LEU A 12 -23.19 -0.51 12.35
C LEU A 12 -22.82 -1.23 11.07
N THR A 13 -21.82 -0.71 10.37
CA THR A 13 -21.36 -1.32 9.12
C THR A 13 -20.41 -2.48 9.38
N PRO A 14 -20.26 -3.36 8.39
CA PRO A 14 -19.38 -4.53 8.49
C PRO A 14 -17.91 -4.14 8.49
N HIS A 15 -17.29 -4.21 9.67
CA HIS A 15 -15.88 -3.87 9.80
C HIS A 15 -14.99 -5.09 9.56
N LYS A 16 -15.12 -5.68 8.37
CA LYS A 16 -14.34 -6.86 8.02
C LYS A 16 -13.08 -6.47 7.26
N THR A 17 -13.28 -5.79 6.13
CA THR A 17 -12.15 -5.35 5.30
C THR A 17 -11.73 -3.94 5.65
N ILE A 18 -10.71 -3.43 4.96
CA ILE A 18 -10.21 -2.09 5.20
C ILE A 18 -10.58 -1.16 4.05
N SER A 19 -11.13 0.00 4.38
CA SER A 19 -11.53 0.99 3.37
C SER A 19 -11.11 2.38 3.79
N PHE A 20 -10.38 3.07 2.90
CA PHE A 20 -9.92 4.42 3.17
C PHE A 20 -10.16 5.33 1.97
N GLY A 21 -10.57 6.57 2.24
CA GLY A 21 -10.82 7.51 1.16
C GLY A 21 -9.76 7.46 0.08
N SER A 22 -8.53 7.10 0.47
CA SER A 22 -7.43 7.02 -0.48
C SER A 22 -7.47 5.71 -1.25
N LEU A 23 -7.41 4.60 -0.51
CA LEU A 23 -7.44 3.27 -1.13
C LEU A 23 -8.24 2.29 -0.27
N THR A 24 -8.94 1.38 -0.93
CA THR A 24 -9.75 0.39 -0.24
C THR A 24 -9.38 -1.02 -0.66
N ILE A 25 -9.10 -1.88 0.32
CA ILE A 25 -8.73 -3.26 0.04
C ILE A 25 -9.69 -4.24 0.72
N ASP A 26 -10.26 -5.14 -0.07
CA ASP A 26 -11.20 -6.13 0.45
C ASP A 26 -10.84 -7.52 -0.04
N PRO A 27 -10.49 -8.41 0.90
CA PRO A 27 -10.12 -9.79 0.59
C PRO A 27 -11.31 -10.62 0.12
N VAL A 28 -12.51 -10.09 0.31
CA VAL A 28 -13.73 -10.78 -0.09
C VAL A 28 -13.84 -10.83 -1.61
N ASN A 29 -13.46 -9.74 -2.27
CA ASN A 29 -13.52 -9.66 -3.72
C ASN A 29 -12.13 -9.63 -4.33
N ARG A 30 -11.11 -9.66 -3.46
CA ARG A 30 -9.72 -9.62 -3.91
C ARG A 30 -9.51 -8.52 -4.96
N GLN A 31 -9.88 -7.30 -4.58
CA GLN A 31 -9.74 -6.16 -5.48
C GLN A 31 -9.49 -4.87 -4.69
N VAL A 32 -8.91 -3.88 -5.35
CA VAL A 32 -8.62 -2.60 -4.72
C VAL A 32 -9.40 -1.47 -5.37
N LEU A 33 -9.84 -0.51 -4.55
CA LEU A 33 -10.61 0.62 -5.05
C LEU A 33 -9.98 1.94 -4.61
N LEU A 34 -9.53 2.73 -5.58
CA LEU A 34 -8.91 4.02 -5.28
C LEU A 34 -9.71 5.16 -5.92
N GLY A 35 -10.28 6.01 -5.07
CA GLY A 35 -11.06 7.13 -5.55
C GLY A 35 -12.40 6.71 -6.10
N GLY A 36 -12.82 5.49 -5.78
CA GLY A 36 -14.10 4.98 -6.25
C GLY A 36 -13.94 4.05 -7.44
N GLU A 37 -12.80 4.13 -8.11
CA GLU A 37 -12.53 3.28 -9.27
C GLU A 37 -11.52 2.19 -8.93
N ASN A 38 -11.84 0.96 -9.34
CA ASN A 38 -10.95 -0.17 -9.07
C ASN A 38 -9.63 -0.02 -9.83
N VAL A 39 -8.55 -0.47 -9.20
CA VAL A 39 -7.23 -0.39 -9.81
C VAL A 39 -6.63 -1.78 -10.02
N ALA A 40 -6.12 -2.02 -11.22
CA ALA A 40 -5.51 -3.31 -11.55
C ALA A 40 -3.99 -3.24 -11.46
N LEU A 41 -3.41 -4.10 -10.62
CA LEU A 41 -1.96 -4.13 -10.45
C LEU A 41 -1.45 -5.56 -10.46
N SER A 42 -0.22 -5.74 -10.92
CA SER A 42 0.38 -7.06 -10.99
C SER A 42 0.27 -7.79 -9.65
N THR A 43 0.22 -9.11 -9.71
CA THR A 43 0.11 -9.92 -8.50
C THR A 43 0.98 -9.34 -7.37
N ALA A 44 2.27 -9.26 -7.62
CA ALA A 44 3.20 -8.74 -6.63
C ALA A 44 2.74 -7.39 -6.11
N ASP A 45 2.44 -6.47 -7.02
CA ASP A 45 1.99 -5.14 -6.65
C ASP A 45 0.83 -5.22 -5.66
N PHE A 46 -0.08 -6.15 -5.90
CA PHE A 46 -1.24 -6.33 -5.02
C PHE A 46 -0.81 -6.80 -3.64
N ASP A 47 0.12 -7.75 -3.61
CA ASP A 47 0.62 -8.28 -2.34
C ASP A 47 1.25 -7.18 -1.50
N LEU A 48 2.16 -6.41 -2.12
CA LEU A 48 2.83 -5.32 -1.43
C LEU A 48 1.83 -4.36 -0.80
N LEU A 49 0.79 -4.05 -1.54
CA LEU A 49 -0.25 -3.14 -1.06
C LEU A 49 -0.99 -3.74 0.13
N TRP A 50 -1.43 -4.98 -0.02
CA TRP A 50 -2.15 -5.66 1.05
C TRP A 50 -1.47 -5.44 2.39
N GLU A 51 -0.17 -5.67 2.45
CA GLU A 51 0.59 -5.48 3.69
C GLU A 51 0.82 -4.00 3.97
N LEU A 52 0.87 -3.20 2.90
CA LEU A 52 1.08 -1.77 3.03
C LEU A 52 -0.04 -1.12 3.84
N ALA A 53 -1.28 -1.42 3.47
CA ALA A 53 -2.44 -0.88 4.17
C ALA A 53 -2.46 -1.31 5.63
N THR A 54 -2.51 -2.61 5.86
CA THR A 54 -2.53 -3.16 7.22
C THR A 54 -1.47 -2.49 8.08
N HIS A 55 -0.28 -2.30 7.52
CA HIS A 55 0.82 -1.67 8.25
C HIS A 55 0.90 -0.19 7.93
N ALA A 56 -0.26 0.46 7.81
CA ALA A 56 -0.31 1.88 7.51
C ALA A 56 0.22 2.72 8.68
N GLY A 57 0.67 3.93 8.39
CA GLY A 57 1.20 4.80 9.41
C GLY A 57 2.39 4.19 10.13
N GLN A 58 2.94 3.13 9.56
CA GLN A 58 4.09 2.45 10.15
C GLN A 58 5.22 2.30 9.14
N ILE A 59 6.46 2.42 9.62
CA ILE A 59 7.62 2.29 8.75
C ILE A 59 7.94 0.83 8.47
N MET A 60 7.95 0.47 7.18
CA MET A 60 8.25 -0.90 6.78
C MET A 60 9.50 -0.95 5.92
N ASP A 61 10.49 -1.73 6.36
CA ASP A 61 11.74 -1.86 5.62
C ASP A 61 11.57 -2.79 4.42
N ARG A 62 12.33 -2.54 3.36
CA ARG A 62 12.26 -3.34 2.16
C ARG A 62 12.31 -4.83 2.49
N ASP A 63 13.36 -5.23 3.20
CA ASP A 63 13.52 -6.64 3.59
C ASP A 63 12.25 -7.16 4.24
N ALA A 64 11.52 -6.29 4.90
CA ALA A 64 10.29 -6.67 5.58
C ALA A 64 9.11 -6.62 4.62
N LEU A 65 9.24 -5.81 3.57
CA LEU A 65 8.17 -5.66 2.58
C LEU A 65 8.17 -6.84 1.60
N LEU A 66 9.26 -7.00 0.86
CA LEU A 66 9.38 -8.09 -0.11
C LEU A 66 9.20 -9.44 0.59
N LYS A 67 9.31 -9.45 1.91
CA LYS A 67 9.15 -10.68 2.69
C LYS A 67 7.76 -11.27 2.49
N ASN A 68 6.79 -10.42 2.17
CA ASN A 68 5.42 -10.86 1.96
C ASN A 68 5.25 -11.44 0.56
N LEU A 69 5.91 -10.82 -0.42
CA LEU A 69 5.84 -11.27 -1.80
C LEU A 69 6.30 -12.72 -1.93
N ARG A 70 7.51 -12.99 -1.46
CA ARG A 70 8.08 -14.34 -1.52
C ARG A 70 7.93 -15.05 -0.17
N GLY A 71 8.77 -14.68 0.77
CA GLY A 71 8.72 -15.29 2.10
C GLY A 71 9.85 -16.27 2.32
N VAL A 72 10.85 -16.23 1.45
CA VAL A 72 12.00 -17.13 1.55
C VAL A 72 13.10 -16.50 2.41
N THR A 73 14.24 -17.18 2.47
CA THR A 73 15.38 -16.69 3.24
C THR A 73 16.32 -15.84 2.39
N TYR A 74 15.92 -15.62 1.14
CA TYR A 74 16.73 -14.82 0.22
C TYR A 74 16.67 -13.34 0.56
N ASP A 75 17.74 -12.84 1.18
CA ASP A 75 17.80 -11.43 1.56
C ASP A 75 18.42 -10.59 0.45
N GLY A 76 18.34 -9.27 0.59
CA GLY A 76 18.90 -8.38 -0.41
C GLY A 76 18.14 -8.46 -1.72
N MET A 77 16.91 -8.95 -1.68
CA MET A 77 16.10 -9.08 -2.88
C MET A 77 15.21 -7.85 -3.07
N ASP A 78 15.77 -6.68 -2.81
CA ASP A 78 15.03 -5.43 -2.93
C ASP A 78 14.65 -5.18 -4.40
N ARG A 79 15.35 -5.84 -5.31
CA ARG A 79 15.09 -5.69 -6.73
C ARG A 79 13.59 -5.63 -7.01
N SER A 80 12.83 -6.49 -6.34
CA SER A 80 11.39 -6.54 -6.51
C SER A 80 10.72 -5.35 -5.83
N VAL A 81 11.11 -5.08 -4.59
CA VAL A 81 10.56 -3.98 -3.83
C VAL A 81 10.71 -2.65 -4.58
N ASP A 82 11.95 -2.33 -4.95
CA ASP A 82 12.23 -1.11 -5.68
C ASP A 82 11.26 -0.92 -6.84
N VAL A 83 11.28 -1.86 -7.78
CA VAL A 83 10.40 -1.80 -8.94
C VAL A 83 8.94 -1.68 -8.51
N ALA A 84 8.57 -2.42 -7.47
CA ALA A 84 7.21 -2.39 -6.96
C ALA A 84 6.83 -1.00 -6.47
N ILE A 85 7.57 -0.50 -5.49
CA ILE A 85 7.32 0.83 -4.94
C ILE A 85 7.14 1.86 -6.04
N SER A 86 8.13 1.95 -6.92
CA SER A 86 8.09 2.90 -8.03
C SER A 86 6.83 2.70 -8.87
N ARG A 87 6.38 1.45 -8.96
CA ARG A 87 5.19 1.13 -9.74
C ARG A 87 3.93 1.58 -9.00
N LEU A 88 3.82 1.19 -7.74
CA LEU A 88 2.66 1.55 -6.93
C LEU A 88 2.45 3.06 -6.91
N ARG A 89 3.53 3.81 -6.74
CA ARG A 89 3.48 5.27 -6.72
C ARG A 89 3.13 5.82 -8.09
N LYS A 90 3.88 5.40 -9.10
CA LYS A 90 3.66 5.85 -10.46
C LYS A 90 2.16 5.85 -10.80
N LYS A 91 1.45 4.85 -10.31
CA LYS A 91 0.02 4.73 -10.54
C LYS A 91 -0.78 5.50 -9.49
N LEU A 92 -0.24 5.54 -8.27
CA LEU A 92 -0.90 6.25 -7.17
C LEU A 92 -0.35 7.66 -7.02
N LEU A 93 0.16 8.21 -8.13
CA LEU A 93 0.71 9.56 -8.11
C LEU A 93 -0.40 10.61 -8.07
N ASP A 94 -1.35 10.42 -7.16
CA ASP A 94 -2.47 11.35 -7.02
C ASP A 94 -2.00 12.69 -6.47
N ASN A 95 -2.59 13.77 -6.95
CA ASN A 95 -2.23 15.11 -6.51
C ASN A 95 -3.47 15.95 -6.23
N ALA A 96 -4.49 15.79 -7.09
CA ALA A 96 -5.73 16.53 -6.93
C ALA A 96 -6.65 15.86 -5.92
N THR A 97 -6.92 14.56 -6.13
CA THR A 97 -7.78 13.80 -5.24
C THR A 97 -7.12 13.59 -3.88
N GLU A 98 -5.87 13.13 -3.90
CA GLU A 98 -5.13 12.88 -2.67
C GLU A 98 -3.63 12.97 -2.90
N PRO A 99 -2.90 13.45 -1.89
CA PRO A 99 -1.44 13.59 -1.97
C PRO A 99 -0.72 12.24 -1.99
N TYR A 100 0.60 12.28 -1.98
CA TYR A 100 1.41 11.06 -2.00
C TYR A 100 1.67 10.55 -0.58
N ARG A 101 0.59 10.31 0.16
CA ARG A 101 0.70 9.82 1.53
C ARG A 101 1.83 8.81 1.66
N ILE A 102 1.94 7.92 0.66
CA ILE A 102 2.98 6.90 0.67
C ILE A 102 4.34 7.50 0.36
N LYS A 103 4.87 8.28 1.29
CA LYS A 103 6.18 8.91 1.11
C LYS A 103 7.29 7.96 1.50
N THR A 104 8.50 8.25 1.01
CA THR A 104 9.66 7.41 1.29
C THR A 104 10.50 8.02 2.41
N VAL A 105 11.06 7.16 3.26
CA VAL A 105 11.89 7.61 4.36
C VAL A 105 13.36 7.58 3.99
N ARG A 106 14.18 8.32 4.74
CA ARG A 106 15.61 8.37 4.49
C ARG A 106 16.19 6.97 4.34
N ASN A 107 16.19 6.46 3.11
CA ASN A 107 16.71 5.13 2.83
C ASN A 107 16.41 4.18 3.98
N LYS A 108 15.23 4.32 4.57
CA LYS A 108 14.82 3.47 5.68
C LYS A 108 13.50 2.76 5.36
N GLY A 109 13.10 2.81 4.10
CA GLY A 109 11.87 2.16 3.68
C GLY A 109 10.82 3.15 3.24
N TYR A 110 9.57 2.90 3.62
CA TYR A 110 8.47 3.79 3.25
C TYR A 110 7.54 4.02 4.43
N LEU A 111 7.06 5.25 4.56
CA LEU A 111 6.15 5.60 5.65
C LEU A 111 4.97 6.43 5.13
N PHE A 112 3.80 6.21 5.73
CA PHE A 112 2.60 6.93 5.34
C PHE A 112 2.57 8.33 5.96
N ALA A 113 1.98 9.28 5.24
CA ALA A 113 1.89 10.65 5.72
C ALA A 113 0.96 10.74 6.94
N PRO A 114 1.21 11.75 7.80
CA PRO A 114 0.42 11.97 9.00
C PRO A 114 -0.99 12.44 8.70
N HIS A 115 -1.22 12.83 7.44
CA HIS A 115 -2.54 13.31 7.01
C HIS A 115 -3.45 12.14 6.67
N ALA A 116 -2.86 10.99 6.41
CA ALA A 116 -3.62 9.79 6.07
C ALA A 116 -3.99 9.00 7.31
N TRP A 117 -3.72 9.57 8.48
CA TRP A 117 -4.02 8.93 9.74
C TRP A 117 -4.79 9.87 10.67
N ASP A 118 -6.06 9.56 10.89
CA ASP A 118 -6.90 10.37 11.76
C ASP A 118 -6.40 10.33 13.20
N ASN A 119 -7.08 11.06 14.08
CA ASN A 119 -6.70 11.11 15.49
C ASN A 119 -5.22 11.46 15.64
N GLY A 10 -31.16 2.88 8.83
CA GLY A 10 -30.04 2.32 9.54
C GLY A 10 -29.00 1.73 8.61
N THR A 11 -27.77 1.63 9.09
CA THR A 11 -26.68 1.08 8.28
C THR A 11 -25.90 0.02 9.06
N LEU A 12 -26.59 -1.05 9.45
CA LEU A 12 -25.97 -2.12 10.21
C LEU A 12 -25.39 -3.19 9.27
N THR A 13 -24.11 -3.02 8.93
CA THR A 13 -23.43 -3.96 8.04
C THR A 13 -22.06 -4.34 8.58
N PRO A 14 -21.69 -5.61 8.41
CA PRO A 14 -20.39 -6.12 8.87
C PRO A 14 -19.22 -5.56 8.07
N HIS A 15 -18.13 -5.25 8.76
CA HIS A 15 -16.95 -4.71 8.11
C HIS A 15 -15.68 -5.29 8.72
N LYS A 16 -14.97 -6.11 7.95
CA LYS A 16 -13.74 -6.73 8.42
C LYS A 16 -12.56 -6.31 7.54
N THR A 17 -12.85 -5.95 6.30
CA THR A 17 -11.81 -5.53 5.37
C THR A 17 -11.15 -4.23 5.82
N ILE A 18 -10.07 -3.86 5.16
CA ILE A 18 -9.35 -2.63 5.49
C ILE A 18 -9.35 -1.65 4.32
N SER A 19 -9.44 -0.36 4.63
CA SER A 19 -9.46 0.67 3.61
C SER A 19 -8.83 1.96 4.13
N PHE A 20 -8.46 2.84 3.20
CA PHE A 20 -7.84 4.12 3.57
C PHE A 20 -8.21 5.20 2.56
N GLY A 21 -8.81 6.27 3.04
CA GLY A 21 -9.19 7.37 2.17
C GLY A 21 -10.29 6.98 1.20
N SER A 22 -9.89 6.60 -0.01
CA SER A 22 -10.85 6.19 -1.04
C SER A 22 -10.52 4.81 -1.58
N LEU A 23 -9.47 4.20 -1.04
CA LEU A 23 -9.05 2.87 -1.46
C LEU A 23 -9.50 1.82 -0.46
N THR A 24 -9.82 0.63 -0.98
CA THR A 24 -10.28 -0.47 -0.13
C THR A 24 -9.60 -1.78 -0.51
N ILE A 25 -9.02 -2.46 0.48
CA ILE A 25 -8.34 -3.72 0.24
C ILE A 25 -9.16 -4.90 0.76
N ASP A 26 -9.70 -5.69 -0.17
CA ASP A 26 -10.51 -6.85 0.19
C ASP A 26 -9.75 -8.15 -0.08
N PRO A 27 -9.48 -8.90 0.98
CA PRO A 27 -8.76 -10.18 0.88
C PRO A 27 -9.59 -11.26 0.20
N VAL A 28 -10.91 -11.17 0.35
CA VAL A 28 -11.82 -12.14 -0.26
C VAL A 28 -11.85 -12.00 -1.78
N ASN A 29 -11.94 -10.75 -2.24
CA ASN A 29 -11.98 -10.47 -3.67
C ASN A 29 -10.57 -10.30 -4.23
N ARG A 30 -9.60 -10.18 -3.34
CA ARG A 30 -8.21 -10.00 -3.75
C ARG A 30 -8.08 -8.90 -4.79
N GLN A 31 -8.80 -7.80 -4.58
CA GLN A 31 -8.76 -6.67 -5.50
C GLN A 31 -8.89 -5.35 -4.76
N VAL A 32 -8.48 -4.27 -5.41
CA VAL A 32 -8.55 -2.94 -4.81
C VAL A 32 -9.56 -2.06 -5.52
N LEU A 33 -10.26 -1.23 -4.77
CA LEU A 33 -11.27 -0.34 -5.33
C LEU A 33 -11.00 1.11 -4.92
N LEU A 34 -10.87 1.98 -5.91
CA LEU A 34 -10.62 3.40 -5.65
C LEU A 34 -11.54 4.27 -6.49
N GLY A 35 -12.35 5.07 -5.81
CA GLY A 35 -13.28 5.96 -6.50
C GLY A 35 -14.53 5.24 -6.97
N GLY A 36 -14.62 3.95 -6.65
CA GLY A 36 -15.77 3.16 -7.05
C GLY A 36 -15.44 2.16 -8.14
N GLU A 37 -14.24 2.27 -8.70
CA GLU A 37 -13.80 1.37 -9.76
C GLU A 37 -12.53 0.62 -9.35
N ASN A 38 -12.43 -0.63 -9.77
CA ASN A 38 -11.27 -1.45 -9.45
C ASN A 38 -10.00 -0.88 -10.07
N VAL A 39 -8.88 -1.04 -9.39
CA VAL A 39 -7.60 -0.55 -9.88
C VAL A 39 -6.70 -1.69 -10.34
N ALA A 40 -6.18 -1.57 -11.56
CA ALA A 40 -5.31 -2.59 -12.12
C ALA A 40 -3.93 -2.55 -11.47
N LEU A 41 -3.62 -3.56 -10.66
CA LEU A 41 -2.35 -3.64 -9.98
C LEU A 41 -1.78 -5.06 -10.02
N SER A 42 -0.54 -5.19 -10.47
CA SER A 42 0.12 -6.49 -10.56
C SER A 42 0.06 -7.22 -9.23
N THR A 43 0.09 -8.55 -9.28
CA THR A 43 0.05 -9.37 -8.07
C THR A 43 0.87 -8.74 -6.95
N ALA A 44 2.16 -8.57 -7.19
CA ALA A 44 3.05 -7.98 -6.20
C ALA A 44 2.47 -6.67 -5.64
N ASP A 45 2.08 -5.78 -6.55
CA ASP A 45 1.52 -4.49 -6.15
C ASP A 45 0.36 -4.69 -5.19
N PHE A 46 -0.53 -5.62 -5.52
CA PHE A 46 -1.69 -5.91 -4.68
C PHE A 46 -1.26 -6.38 -3.30
N ASP A 47 -0.27 -7.27 -3.28
CA ASP A 47 0.24 -7.81 -2.02
C ASP A 47 0.94 -6.73 -1.21
N LEU A 48 1.60 -5.81 -1.90
CA LEU A 48 2.32 -4.72 -1.24
C LEU A 48 1.36 -3.86 -0.42
N LEU A 49 0.43 -3.21 -1.11
CA LEU A 49 -0.56 -2.36 -0.45
C LEU A 49 -1.25 -3.11 0.69
N TRP A 50 -1.58 -4.37 0.44
CA TRP A 50 -2.26 -5.19 1.44
C TRP A 50 -1.60 -5.03 2.80
N GLU A 51 -0.27 -5.08 2.83
CA GLU A 51 0.47 -4.94 4.08
C GLU A 51 0.69 -3.47 4.41
N LEU A 52 1.00 -2.67 3.39
CA LEU A 52 1.24 -1.24 3.57
C LEU A 52 0.15 -0.62 4.43
N ALA A 53 -1.10 -0.94 4.13
CA ALA A 53 -2.23 -0.41 4.87
C ALA A 53 -2.33 -1.04 6.25
N THR A 54 -2.34 -2.37 6.29
CA THR A 54 -2.42 -3.11 7.54
C THR A 54 -1.44 -2.56 8.56
N HIS A 55 -0.33 -2.00 8.08
CA HIS A 55 0.69 -1.45 8.97
C HIS A 55 0.81 0.06 8.76
N ALA A 56 -0.33 0.73 8.69
CA ALA A 56 -0.36 2.18 8.50
C ALA A 56 0.29 2.90 9.68
N GLY A 57 0.77 4.12 9.43
CA GLY A 57 1.39 4.89 10.49
C GLY A 57 2.72 4.30 10.92
N GLN A 58 3.18 3.27 10.21
CA GLN A 58 4.43 2.62 10.54
C GLN A 58 5.33 2.53 9.30
N ILE A 59 6.60 2.90 9.46
CA ILE A 59 7.55 2.85 8.36
C ILE A 59 7.89 1.42 8.00
N MET A 60 7.94 1.14 6.70
CA MET A 60 8.27 -0.20 6.22
C MET A 60 9.57 -0.19 5.41
N ASP A 61 10.57 -0.91 5.90
CA ASP A 61 11.86 -0.97 5.23
C ASP A 61 11.81 -1.92 4.04
N ARG A 62 12.55 -1.59 2.99
CA ARG A 62 12.57 -2.42 1.78
C ARG A 62 12.73 -3.89 2.13
N ASP A 63 13.72 -4.20 2.96
CA ASP A 63 13.98 -5.58 3.38
C ASP A 63 12.79 -6.13 4.16
N ALA A 64 12.10 -5.26 4.89
CA ALA A 64 10.95 -5.67 5.68
C ALA A 64 9.68 -5.70 4.83
N LEU A 65 9.71 -4.96 3.72
CA LEU A 65 8.56 -4.90 2.83
C LEU A 65 8.60 -6.05 1.82
N LEU A 66 9.69 -6.14 1.07
CA LEU A 66 9.86 -7.19 0.08
C LEU A 66 9.70 -8.57 0.71
N LYS A 67 9.77 -8.62 2.03
CA LYS A 67 9.63 -9.87 2.76
C LYS A 67 8.23 -10.44 2.61
N ASN A 68 7.31 -9.61 2.12
CA ASN A 68 5.93 -10.04 1.93
C ASN A 68 5.73 -10.61 0.53
N LEU A 69 6.47 -10.08 -0.44
CA LEU A 69 6.38 -10.55 -1.82
C LEU A 69 7.14 -11.86 -2.01
N ARG A 70 8.37 -11.90 -1.51
CA ARG A 70 9.20 -13.09 -1.62
C ARG A 70 9.51 -13.67 -0.24
N GLY A 71 10.14 -12.85 0.59
CA GLY A 71 10.48 -13.30 1.94
C GLY A 71 11.40 -14.51 1.93
N VAL A 72 12.13 -14.69 0.83
CA VAL A 72 13.04 -15.83 0.70
C VAL A 72 14.42 -15.48 1.26
N THR A 73 15.35 -16.41 1.13
CA THR A 73 16.71 -16.21 1.62
C THR A 73 17.40 -15.08 0.87
N TYR A 74 17.15 -14.98 -0.43
CA TYR A 74 17.74 -13.94 -1.25
C TYR A 74 17.38 -12.55 -0.72
N ASP A 75 18.30 -11.96 0.03
CA ASP A 75 18.08 -10.64 0.59
C ASP A 75 18.50 -9.54 -0.39
N GLY A 76 18.22 -8.30 -0.04
CA GLY A 76 18.57 -7.18 -0.90
C GLY A 76 17.85 -7.23 -2.24
N MET A 77 16.72 -7.93 -2.27
CA MET A 77 15.94 -8.05 -3.49
C MET A 77 14.82 -7.01 -3.53
N ASP A 78 15.14 -5.80 -3.09
CA ASP A 78 14.17 -4.71 -3.07
C ASP A 78 13.92 -4.18 -4.48
N ARG A 79 14.84 -4.47 -5.38
CA ARG A 79 14.72 -4.02 -6.77
C ARG A 79 13.27 -4.05 -7.23
N SER A 80 12.57 -5.14 -6.93
CA SER A 80 11.17 -5.29 -7.31
C SER A 80 10.30 -4.30 -6.55
N VAL A 81 10.48 -4.23 -5.24
CA VAL A 81 9.71 -3.32 -4.40
C VAL A 81 9.72 -1.91 -4.97
N ASP A 82 10.91 -1.38 -5.20
CA ASP A 82 11.06 -0.03 -5.75
C ASP A 82 10.11 0.18 -6.92
N VAL A 83 10.22 -0.66 -7.93
CA VAL A 83 9.37 -0.57 -9.11
C VAL A 83 7.89 -0.55 -8.73
N ALA A 84 7.52 -1.42 -7.79
CA ALA A 84 6.14 -1.50 -7.33
C ALA A 84 5.69 -0.18 -6.72
N ILE A 85 6.45 0.32 -5.76
CA ILE A 85 6.12 1.58 -5.10
C ILE A 85 5.86 2.68 -6.11
N SER A 86 6.86 2.96 -6.95
CA SER A 86 6.74 4.00 -7.97
C SER A 86 5.49 3.76 -8.83
N ARG A 87 5.10 2.51 -8.96
CA ARG A 87 3.93 2.15 -9.75
C ARG A 87 2.65 2.48 -9.01
N LEU A 88 2.58 2.07 -7.74
CA LEU A 88 1.40 2.32 -6.92
C LEU A 88 1.08 3.81 -6.87
N ARG A 89 2.10 4.62 -6.65
CA ARG A 89 1.93 6.07 -6.58
C ARG A 89 1.61 6.65 -7.95
N LYS A 90 2.38 6.24 -8.96
CA LYS A 90 2.19 6.72 -10.32
C LYS A 90 0.72 6.61 -10.72
N LYS A 91 0.07 5.54 -10.27
CA LYS A 91 -1.34 5.31 -10.58
C LYS A 91 -2.24 5.98 -9.55
N LEU A 92 -1.71 6.19 -8.35
CA LEU A 92 -2.47 6.82 -7.27
C LEU A 92 -1.94 8.21 -6.98
N LEU A 93 -1.35 8.85 -7.99
CA LEU A 93 -0.80 10.19 -7.84
C LEU A 93 -1.91 11.23 -7.90
N ASP A 94 -2.87 11.13 -6.99
CA ASP A 94 -3.98 12.06 -6.94
C ASP A 94 -4.19 12.58 -5.51
N ASN A 95 -3.57 13.71 -5.20
CA ASN A 95 -3.68 14.29 -3.87
C ASN A 95 -4.72 15.42 -3.87
N ALA A 96 -5.51 15.49 -4.92
CA ALA A 96 -6.55 16.52 -5.04
C ALA A 96 -7.83 16.08 -4.35
N THR A 97 -8.36 14.93 -4.75
CA THR A 97 -9.59 14.41 -4.16
C THR A 97 -9.29 13.49 -2.98
N GLU A 98 -8.40 12.52 -3.20
CA GLU A 98 -8.03 11.58 -2.15
C GLU A 98 -6.54 11.24 -2.23
N PRO A 99 -5.73 12.00 -1.49
CA PRO A 99 -4.28 11.80 -1.46
C PRO A 99 -3.89 10.51 -0.74
N TYR A 100 -2.93 9.79 -1.31
CA TYR A 100 -2.47 8.53 -0.73
C TYR A 100 -1.32 8.77 0.23
N ARG A 101 -0.89 10.02 0.32
CA ARG A 101 0.21 10.38 1.21
C ARG A 101 1.39 9.43 1.03
N ILE A 102 1.54 8.90 -0.18
CA ILE A 102 2.63 7.98 -0.49
C ILE A 102 3.94 8.73 -0.68
N LYS A 103 4.63 9.00 0.42
CA LYS A 103 5.90 9.71 0.38
C LYS A 103 7.05 8.78 0.76
N THR A 104 8.25 9.10 0.28
CA THR A 104 9.43 8.29 0.57
C THR A 104 10.23 8.89 1.71
N VAL A 105 10.70 8.02 2.61
CA VAL A 105 11.48 8.47 3.75
C VAL A 105 12.98 8.44 3.44
N ARG A 106 13.76 9.14 4.25
CA ARG A 106 15.20 9.19 4.06
C ARG A 106 15.79 7.79 3.93
N ASN A 107 15.83 7.28 2.70
CA ASN A 107 16.37 5.95 2.44
C ASN A 107 15.99 4.98 3.57
N LYS A 108 14.79 5.15 4.11
CA LYS A 108 14.30 4.29 5.18
C LYS A 108 13.21 3.36 4.69
N GLY A 109 12.68 3.64 3.51
CA GLY A 109 11.63 2.82 2.94
C GLY A 109 10.41 3.62 2.54
N TYR A 110 9.23 3.03 2.71
CA TYR A 110 7.98 3.69 2.35
C TYR A 110 7.21 4.10 3.60
N LEU A 111 6.88 5.38 3.69
CA LEU A 111 6.14 5.91 4.84
C LEU A 111 5.12 6.95 4.40
N PHE A 112 4.01 7.02 5.11
CA PHE A 112 2.95 7.97 4.79
C PHE A 112 3.37 9.39 5.15
N ALA A 113 2.94 10.35 4.34
CA ALA A 113 3.27 11.75 4.57
C ALA A 113 2.94 12.17 6.00
N PRO A 114 3.59 13.24 6.47
CA PRO A 114 3.37 13.77 7.82
C PRO A 114 1.99 14.40 7.99
N HIS A 115 1.32 14.64 6.86
CA HIS A 115 -0.01 15.25 6.88
C HIS A 115 -1.09 14.19 6.67
N ALA A 116 -0.67 12.94 6.55
CA ALA A 116 -1.60 11.83 6.34
C ALA A 116 -2.54 11.67 7.55
N TRP A 117 -1.97 11.26 8.67
CA TRP A 117 -2.76 11.07 9.89
C TRP A 117 -1.87 11.19 11.13
N ASP A 118 -2.51 11.37 12.29
CA ASP A 118 -1.77 11.48 13.54
C ASP A 118 -0.82 10.31 13.73
N ASN A 119 0.45 10.63 13.99
CA ASN A 119 1.46 9.60 14.19
C ASN A 119 1.91 9.56 15.65
N GLY A 10 -21.28 8.72 8.17
CA GLY A 10 -21.82 7.50 8.76
C GLY A 10 -21.48 6.27 7.95
N THR A 11 -21.37 6.43 6.64
CA THR A 11 -21.05 5.32 5.75
C THR A 11 -19.56 5.30 5.42
N LEU A 12 -19.16 4.32 4.61
CA LEU A 12 -17.77 4.18 4.22
C LEU A 12 -16.87 3.99 5.44
N THR A 13 -17.19 2.98 6.25
CA THR A 13 -16.42 2.69 7.45
C THR A 13 -16.08 1.21 7.54
N PRO A 14 -14.77 0.90 7.47
CA PRO A 14 -14.28 -0.49 7.54
C PRO A 14 -14.47 -1.10 8.93
N HIS A 15 -15.44 -1.99 9.05
CA HIS A 15 -15.72 -2.65 10.33
C HIS A 15 -14.91 -3.94 10.46
N LYS A 16 -14.59 -4.56 9.32
CA LYS A 16 -13.82 -5.79 9.30
C LYS A 16 -12.62 -5.67 8.37
N THR A 17 -12.83 -5.08 7.20
CA THR A 17 -11.77 -4.91 6.23
C THR A 17 -10.86 -3.74 6.60
N ILE A 18 -9.92 -3.42 5.73
CA ILE A 18 -8.98 -2.33 5.97
C ILE A 18 -9.09 -1.27 4.87
N SER A 19 -9.15 -0.01 5.29
CA SER A 19 -9.26 1.10 4.34
C SER A 19 -8.60 2.35 4.90
N PHE A 20 -7.95 3.11 4.01
CA PHE A 20 -7.27 4.34 4.42
C PHE A 20 -7.30 5.37 3.30
N GLY A 21 -7.49 6.63 3.67
CA GLY A 21 -7.53 7.69 2.68
C GLY A 21 -8.72 7.57 1.75
N SER A 22 -8.46 7.18 0.50
CA SER A 22 -9.52 7.03 -0.49
C SER A 22 -9.53 5.61 -1.05
N LEU A 23 -8.55 4.80 -0.65
CA LEU A 23 -8.45 3.42 -1.11
C LEU A 23 -9.02 2.46 -0.08
N THR A 24 -9.55 1.33 -0.56
CA THR A 24 -10.13 0.33 0.33
C THR A 24 -9.65 -1.07 -0.05
N ILE A 25 -9.12 -1.78 0.94
CA ILE A 25 -8.62 -3.13 0.72
C ILE A 25 -9.46 -4.17 1.47
N ASP A 26 -9.98 -5.14 0.73
CA ASP A 26 -10.80 -6.18 1.32
C ASP A 26 -10.18 -7.56 1.11
N PRO A 27 -9.96 -8.30 2.20
CA PRO A 27 -9.37 -9.65 2.15
C PRO A 27 -10.31 -10.67 1.52
N VAL A 28 -11.61 -10.44 1.68
CA VAL A 28 -12.61 -11.34 1.12
C VAL A 28 -12.67 -11.23 -0.40
N ASN A 29 -12.69 -9.99 -0.89
CA ASN A 29 -12.76 -9.74 -2.33
C ASN A 29 -11.35 -9.73 -2.94
N ARG A 30 -10.34 -9.64 -2.09
CA ARG A 30 -8.95 -9.63 -2.54
C ARG A 30 -8.77 -8.60 -3.65
N GLN A 31 -9.44 -7.47 -3.53
CA GLN A 31 -9.34 -6.40 -4.53
C GLN A 31 -9.32 -5.03 -3.87
N VAL A 32 -8.84 -4.04 -4.60
CA VAL A 32 -8.77 -2.68 -4.08
C VAL A 32 -9.74 -1.76 -4.80
N LEU A 33 -10.35 -0.83 -4.05
CA LEU A 33 -11.30 0.11 -4.62
C LEU A 33 -10.93 1.54 -4.27
N LEU A 34 -10.80 2.38 -5.30
CA LEU A 34 -10.45 3.78 -5.11
C LEU A 34 -11.43 4.70 -5.83
N GLY A 35 -12.19 5.47 -5.05
CA GLY A 35 -13.16 6.38 -5.63
C GLY A 35 -14.40 5.67 -6.12
N GLY A 36 -14.48 4.36 -5.87
CA GLY A 36 -15.63 3.59 -6.30
C GLY A 36 -15.28 2.62 -7.42
N GLU A 37 -14.11 2.81 -8.02
CA GLU A 37 -13.67 1.95 -9.12
C GLU A 37 -12.48 1.10 -8.69
N ASN A 38 -12.53 -0.19 -9.02
CA ASN A 38 -11.45 -1.11 -8.67
C ASN A 38 -10.16 -0.73 -9.38
N VAL A 39 -9.03 -0.98 -8.73
CA VAL A 39 -7.73 -0.66 -9.30
C VAL A 39 -6.98 -1.93 -9.69
N ALA A 40 -6.52 -1.98 -10.94
CA ALA A 40 -5.78 -3.13 -11.42
C ALA A 40 -4.31 -3.07 -11.01
N LEU A 41 -3.86 -4.12 -10.33
CA LEU A 41 -2.48 -4.18 -9.86
C LEU A 41 -1.94 -5.61 -9.97
N SER A 42 -0.72 -5.73 -10.49
CA SER A 42 -0.08 -7.04 -10.66
C SER A 42 -0.11 -7.82 -9.35
N THR A 43 -0.11 -9.14 -9.45
CA THR A 43 -0.14 -10.01 -8.27
C THR A 43 0.75 -9.45 -7.17
N ALA A 44 2.04 -9.36 -7.46
CA ALA A 44 3.01 -8.84 -6.49
C ALA A 44 2.55 -7.50 -5.92
N ASP A 45 2.21 -6.57 -6.80
CA ASP A 45 1.75 -5.25 -6.39
C ASP A 45 0.57 -5.36 -5.42
N PHE A 46 -0.31 -6.32 -5.67
CA PHE A 46 -1.48 -6.52 -4.83
C PHE A 46 -1.06 -7.04 -3.45
N ASP A 47 -0.13 -7.98 -3.43
CA ASP A 47 0.35 -8.56 -2.18
C ASP A 47 1.01 -7.50 -1.32
N LEU A 48 1.87 -6.69 -1.94
CA LEU A 48 2.57 -5.62 -1.22
C LEU A 48 1.60 -4.78 -0.41
N LEU A 49 0.47 -4.42 -1.02
CA LEU A 49 -0.54 -3.62 -0.34
C LEU A 49 -1.05 -4.33 0.91
N TRP A 50 -1.32 -5.62 0.78
CA TRP A 50 -1.82 -6.41 1.90
C TRP A 50 -1.07 -6.07 3.19
N GLU A 51 0.25 -6.00 3.08
CA GLU A 51 1.09 -5.68 4.24
C GLU A 51 1.20 -4.17 4.43
N LEU A 52 1.16 -3.45 3.32
CA LEU A 52 1.27 -1.99 3.36
C LEU A 52 0.15 -1.38 4.21
N ALA A 53 -1.10 -1.71 3.87
CA ALA A 53 -2.24 -1.20 4.60
C ALA A 53 -2.24 -1.70 6.04
N THR A 54 -2.25 -3.02 6.20
CA THR A 54 -2.26 -3.62 7.53
C THR A 54 -1.19 -3.00 8.42
N HIS A 55 -0.08 -2.61 7.81
CA HIS A 55 1.01 -1.99 8.56
C HIS A 55 1.03 -0.47 8.34
N ALA A 56 -0.15 0.13 8.32
CA ALA A 56 -0.27 1.57 8.13
C ALA A 56 0.34 2.33 9.29
N GLY A 57 0.71 3.58 9.04
CA GLY A 57 1.31 4.40 10.09
C GLY A 57 2.59 3.80 10.63
N GLN A 58 3.14 2.82 9.92
CA GLN A 58 4.36 2.16 10.35
C GLN A 58 5.40 2.16 9.22
N ILE A 59 6.65 2.45 9.58
CA ILE A 59 7.73 2.49 8.60
C ILE A 59 8.00 1.09 8.03
N MET A 60 7.58 0.87 6.79
CA MET A 60 7.77 -0.41 6.13
C MET A 60 9.02 -0.38 5.26
N ASP A 61 10.06 -1.08 5.68
CA ASP A 61 11.31 -1.14 4.93
C ASP A 61 11.22 -2.17 3.81
N ARG A 62 12.11 -2.03 2.82
CA ARG A 62 12.13 -2.95 1.69
C ARG A 62 12.39 -4.38 2.15
N ASP A 63 13.33 -4.54 3.08
CA ASP A 63 13.67 -5.86 3.61
C ASP A 63 12.46 -6.49 4.28
N ALA A 64 11.69 -5.69 5.01
CA ALA A 64 10.50 -6.17 5.70
C ALA A 64 9.30 -6.22 4.77
N LEU A 65 9.35 -5.43 3.70
CA LEU A 65 8.26 -5.39 2.73
C LEU A 65 8.34 -6.57 1.76
N LEU A 66 9.46 -6.66 1.05
CA LEU A 66 9.66 -7.74 0.09
C LEU A 66 9.53 -9.10 0.77
N LYS A 67 9.65 -9.11 2.10
CA LYS A 67 9.54 -10.34 2.86
C LYS A 67 8.19 -11.02 2.64
N ASN A 68 7.23 -10.25 2.13
CA ASN A 68 5.90 -10.77 1.87
C ASN A 68 5.83 -11.39 0.47
N LEU A 69 6.57 -10.81 -0.47
CA LEU A 69 6.60 -11.31 -1.84
C LEU A 69 7.33 -12.64 -1.92
N ARG A 70 8.53 -12.69 -1.35
CA ARG A 70 9.34 -13.90 -1.36
C ARG A 70 9.94 -14.16 0.01
N GLY A 71 9.12 -14.68 0.92
CA GLY A 71 9.59 -14.97 2.27
C GLY A 71 10.46 -16.21 2.32
N VAL A 72 11.16 -16.48 1.22
CA VAL A 72 12.04 -17.65 1.15
C VAL A 72 13.42 -17.33 1.69
N THR A 73 14.34 -18.29 1.58
CA THR A 73 15.71 -18.10 2.06
C THR A 73 16.43 -17.04 1.25
N TYR A 74 16.19 -17.02 -0.05
CA TYR A 74 16.83 -16.05 -0.93
C TYR A 74 16.42 -14.63 -0.57
N ASP A 75 17.37 -13.84 -0.07
CA ASP A 75 17.11 -12.46 0.31
C ASP A 75 17.68 -11.49 -0.70
N GLY A 76 17.60 -10.20 -0.41
CA GLY A 76 18.12 -9.19 -1.31
C GLY A 76 17.39 -9.18 -2.63
N MET A 77 16.06 -9.24 -2.59
CA MET A 77 15.24 -9.23 -3.80
C MET A 77 14.30 -8.03 -3.80
N ASP A 78 14.83 -6.86 -3.46
CA ASP A 78 14.04 -5.64 -3.42
C ASP A 78 13.76 -5.14 -4.84
N ARG A 79 14.61 -5.55 -5.79
CA ARG A 79 14.45 -5.14 -7.17
C ARG A 79 12.98 -5.07 -7.56
N SER A 80 12.25 -6.14 -7.26
CA SER A 80 10.82 -6.19 -7.58
C SER A 80 10.04 -5.14 -6.80
N VAL A 81 10.31 -5.05 -5.50
CA VAL A 81 9.64 -4.09 -4.64
C VAL A 81 9.68 -2.69 -5.25
N ASP A 82 10.88 -2.23 -5.57
CA ASP A 82 11.06 -0.91 -6.16
C ASP A 82 10.06 -0.68 -7.29
N VAL A 83 10.13 -1.52 -8.31
CA VAL A 83 9.24 -1.40 -9.45
C VAL A 83 7.78 -1.34 -9.01
N ALA A 84 7.42 -2.19 -8.05
CA ALA A 84 6.07 -2.23 -7.53
C ALA A 84 5.67 -0.89 -6.92
N ILE A 85 6.51 -0.38 -6.03
CA ILE A 85 6.25 0.89 -5.37
C ILE A 85 5.98 1.99 -6.38
N SER A 86 6.94 2.21 -7.28
CA SER A 86 6.80 3.24 -8.31
C SER A 86 5.52 3.04 -9.12
N ARG A 87 5.06 1.78 -9.19
CA ARG A 87 3.86 1.45 -9.94
C ARG A 87 2.61 1.83 -9.14
N LEU A 88 2.58 1.42 -7.87
CA LEU A 88 1.45 1.71 -7.00
C LEU A 88 1.19 3.21 -6.94
N ARG A 89 2.25 3.98 -6.79
CA ARG A 89 2.15 5.44 -6.72
C ARG A 89 1.83 6.03 -8.09
N LYS A 90 2.55 5.57 -9.10
CA LYS A 90 2.36 6.05 -10.47
C LYS A 90 0.87 6.19 -10.79
N LYS A 91 0.07 5.25 -10.29
CA LYS A 91 -1.36 5.26 -10.52
C LYS A 91 -2.07 6.07 -9.45
N LEU A 92 -1.66 5.88 -8.20
CA LEU A 92 -2.26 6.59 -7.07
C LEU A 92 -1.57 7.94 -6.85
N LEU A 93 -0.93 8.45 -7.90
CA LEU A 93 -0.23 9.73 -7.81
C LEU A 93 -1.22 10.89 -7.85
N ASP A 94 -2.11 10.93 -6.85
CA ASP A 94 -3.10 11.99 -6.76
C ASP A 94 -3.00 12.72 -5.43
N ASN A 95 -1.86 13.37 -5.20
CA ASN A 95 -1.64 14.12 -3.97
C ASN A 95 -2.37 15.46 -3.99
N ALA A 96 -3.18 15.66 -5.03
CA ALA A 96 -3.93 16.90 -5.17
C ALA A 96 -5.25 16.82 -4.42
N THR A 97 -6.06 15.81 -4.76
CA THR A 97 -7.35 15.63 -4.12
C THR A 97 -7.41 14.32 -3.36
N GLU A 98 -7.01 13.24 -4.03
CA GLU A 98 -7.01 11.91 -3.41
C GLU A 98 -5.59 11.37 -3.29
N PRO A 99 -4.88 11.80 -2.24
CA PRO A 99 -3.50 11.37 -1.98
C PRO A 99 -3.42 9.91 -1.56
N TYR A 100 -2.43 9.20 -2.07
CA TYR A 100 -2.23 7.79 -1.75
C TYR A 100 -1.89 7.60 -0.28
N ARG A 101 -1.45 8.69 0.36
CA ARG A 101 -1.08 8.64 1.77
C ARG A 101 0.10 7.70 2.00
N ILE A 102 0.93 7.54 0.97
CA ILE A 102 2.09 6.66 1.06
C ILE A 102 3.36 7.38 0.61
N LYS A 103 3.86 8.27 1.45
CA LYS A 103 5.07 9.03 1.14
C LYS A 103 6.31 8.20 1.42
N THR A 104 7.46 8.66 0.93
CA THR A 104 8.72 7.97 1.13
C THR A 104 9.54 8.62 2.24
N VAL A 105 10.24 7.80 3.02
CA VAL A 105 11.06 8.30 4.11
C VAL A 105 12.53 8.37 3.70
N ARG A 106 13.33 9.06 4.50
CA ARG A 106 14.75 9.21 4.23
C ARG A 106 15.40 7.85 3.97
N ASN A 107 15.34 7.40 2.73
CA ASN A 107 15.92 6.11 2.36
C ASN A 107 15.75 5.09 3.47
N LYS A 108 14.59 5.12 4.13
CA LYS A 108 14.30 4.21 5.22
C LYS A 108 13.04 3.39 4.93
N GLY A 109 12.49 3.57 3.73
CA GLY A 109 11.29 2.85 3.36
C GLY A 109 10.16 3.77 2.96
N TYR A 110 8.95 3.42 3.35
CA TYR A 110 7.77 4.24 3.03
C TYR A 110 6.83 4.32 4.22
N LEU A 111 6.50 5.55 4.62
CA LEU A 111 5.60 5.77 5.74
C LEU A 111 4.37 6.56 5.32
N PHE A 112 3.24 6.32 5.97
CA PHE A 112 2.01 7.01 5.66
C PHE A 112 2.07 8.47 6.08
N ALA A 113 1.34 9.32 5.36
CA ALA A 113 1.33 10.75 5.65
C ALA A 113 0.70 11.01 7.02
N PRO A 114 0.97 12.20 7.57
CA PRO A 114 0.45 12.61 8.88
C PRO A 114 -1.06 12.86 8.86
N HIS A 115 -1.56 13.26 7.69
CA HIS A 115 -2.99 13.53 7.54
C HIS A 115 -3.78 12.23 7.45
N ALA A 116 -3.06 11.12 7.39
CA ALA A 116 -3.70 9.80 7.29
C ALA A 116 -3.62 9.07 8.63
N TRP A 117 -4.07 9.72 9.69
CA TRP A 117 -4.06 9.13 11.03
C TRP A 117 -5.39 8.46 11.34
N ASP A 118 -5.44 7.76 12.47
CA ASP A 118 -6.66 7.07 12.89
C ASP A 118 -6.60 6.73 14.37
N ASN A 119 -7.72 6.25 14.90
CA ASN A 119 -7.80 5.87 16.31
C ASN A 119 -7.63 4.37 16.48
N GLY A 10 -26.97 -12.46 11.64
CA GLY A 10 -27.86 -11.32 11.69
C GLY A 10 -27.97 -10.60 10.35
N THR A 11 -27.93 -11.37 9.27
CA THR A 11 -28.03 -10.81 7.93
C THR A 11 -27.29 -9.48 7.84
N LEU A 12 -26.09 -9.44 8.42
CA LEU A 12 -25.27 -8.24 8.40
C LEU A 12 -24.21 -8.31 7.32
N THR A 13 -23.46 -7.23 7.14
CA THR A 13 -22.41 -7.18 6.14
C THR A 13 -21.03 -7.25 6.78
N PRO A 14 -20.07 -7.85 6.06
CA PRO A 14 -18.69 -8.00 6.55
C PRO A 14 -17.95 -6.66 6.60
N HIS A 15 -17.86 -6.09 7.80
CA HIS A 15 -17.18 -4.81 7.99
C HIS A 15 -15.91 -5.00 8.82
N LYS A 16 -14.95 -5.73 8.27
CA LYS A 16 -13.69 -5.97 8.95
C LYS A 16 -12.50 -5.57 8.08
N THR A 17 -12.79 -5.11 6.87
CA THR A 17 -11.76 -4.69 5.94
C THR A 17 -11.03 -3.44 6.44
N ILE A 18 -9.97 -3.06 5.75
CA ILE A 18 -9.20 -1.89 6.12
C ILE A 18 -9.35 -0.77 5.09
N SER A 19 -9.61 0.44 5.57
CA SER A 19 -9.78 1.59 4.69
C SER A 19 -8.73 2.66 4.99
N PHE A 20 -8.76 3.74 4.21
CA PHE A 20 -7.82 4.83 4.39
C PHE A 20 -8.36 6.13 3.77
N GLY A 21 -7.55 7.17 3.81
CA GLY A 21 -7.96 8.45 3.25
C GLY A 21 -8.92 8.29 2.09
N SER A 22 -8.40 7.92 0.92
CA SER A 22 -9.22 7.74 -0.26
C SER A 22 -9.07 6.33 -0.82
N LEU A 23 -8.12 5.58 -0.27
CA LEU A 23 -7.87 4.22 -0.70
C LEU A 23 -8.41 3.21 0.31
N THR A 24 -8.95 2.10 -0.18
CA THR A 24 -9.50 1.07 0.68
C THR A 24 -9.10 -0.32 0.19
N ILE A 25 -8.72 -1.19 1.12
CA ILE A 25 -8.32 -2.54 0.79
C ILE A 25 -9.24 -3.57 1.45
N ASP A 26 -9.81 -4.45 0.65
CA ASP A 26 -10.70 -5.48 1.16
C ASP A 26 -10.22 -6.87 0.76
N PRO A 27 -9.96 -7.72 1.76
CA PRO A 27 -9.48 -9.09 1.54
C PRO A 27 -10.55 -9.98 0.94
N VAL A 28 -11.81 -9.67 1.23
CA VAL A 28 -12.94 -10.45 0.71
C VAL A 28 -13.04 -10.32 -0.80
N ASN A 29 -12.85 -9.11 -1.30
CA ASN A 29 -12.92 -8.85 -2.73
C ASN A 29 -11.53 -8.83 -3.35
N ARG A 30 -10.51 -8.85 -2.51
CA ARG A 30 -9.13 -8.84 -2.98
C ARG A 30 -8.91 -7.74 -4.01
N GLN A 31 -9.59 -6.62 -3.83
CA GLN A 31 -9.48 -5.50 -4.75
C GLN A 31 -9.25 -4.19 -3.99
N VAL A 32 -8.79 -3.17 -4.71
CA VAL A 32 -8.54 -1.87 -4.11
C VAL A 32 -9.36 -0.78 -4.79
N LEU A 33 -9.83 0.18 -3.99
CA LEU A 33 -10.63 1.28 -4.52
C LEU A 33 -10.02 2.62 -4.15
N LEU A 34 -9.71 3.43 -5.17
CA LEU A 34 -9.11 4.74 -4.95
C LEU A 34 -9.67 5.75 -5.95
N GLY A 35 -10.05 6.93 -5.46
CA GLY A 35 -10.58 7.96 -6.33
C GLY A 35 -12.05 7.75 -6.65
N GLY A 36 -12.63 6.68 -6.12
CA GLY A 36 -14.03 6.38 -6.38
C GLY A 36 -14.21 5.18 -7.28
N GLU A 37 -13.11 4.64 -7.78
CA GLU A 37 -13.16 3.49 -8.67
C GLU A 37 -12.07 2.48 -8.31
N ASN A 38 -12.27 1.23 -8.72
CA ASN A 38 -11.30 0.17 -8.45
C ASN A 38 -9.98 0.43 -9.16
N VAL A 39 -8.89 0.04 -8.53
CA VAL A 39 -7.56 0.24 -9.10
C VAL A 39 -6.93 -1.10 -9.49
N ALA A 40 -6.46 -1.18 -10.73
CA ALA A 40 -5.84 -2.40 -11.24
C ALA A 40 -4.36 -2.43 -10.89
N LEU A 41 -3.93 -3.51 -10.24
CA LEU A 41 -2.53 -3.66 -9.85
C LEU A 41 -2.11 -5.13 -9.90
N SER A 42 -0.90 -5.38 -10.39
CA SER A 42 -0.39 -6.73 -10.49
C SER A 42 -0.44 -7.44 -9.14
N THR A 43 -0.60 -8.77 -9.18
CA THR A 43 -0.67 -9.56 -7.97
C THR A 43 0.26 -9.01 -6.89
N ALA A 44 1.56 -8.98 -7.21
CA ALA A 44 2.55 -8.48 -6.27
C ALA A 44 2.21 -7.08 -5.79
N ASP A 45 1.97 -6.17 -6.75
CA ASP A 45 1.62 -4.80 -6.42
C ASP A 45 0.46 -4.74 -5.44
N PHE A 46 -0.56 -5.55 -5.69
CA PHE A 46 -1.73 -5.61 -4.83
C PHE A 46 -1.35 -5.98 -3.40
N ASP A 47 -0.49 -6.98 -3.27
CA ASP A 47 -0.04 -7.43 -1.97
C ASP A 47 0.75 -6.35 -1.25
N LEU A 48 1.53 -5.59 -2.01
CA LEU A 48 2.34 -4.52 -1.44
C LEU A 48 1.49 -3.57 -0.60
N LEU A 49 0.36 -3.14 -1.17
CA LEU A 49 -0.55 -2.24 -0.47
C LEU A 49 -1.21 -2.95 0.71
N TRP A 50 -1.64 -4.18 0.49
CA TRP A 50 -2.30 -4.97 1.53
C TRP A 50 -1.53 -4.87 2.84
N GLU A 51 -0.20 -4.94 2.75
CA GLU A 51 0.64 -4.87 3.94
C GLU A 51 0.87 -3.42 4.35
N LEU A 52 1.09 -2.55 3.36
CA LEU A 52 1.32 -1.14 3.61
C LEU A 52 0.25 -0.57 4.54
N ALA A 53 -1.01 -0.85 4.22
CA ALA A 53 -2.13 -0.37 5.02
C ALA A 53 -2.15 -1.05 6.39
N THR A 54 -2.16 -2.38 6.39
CA THR A 54 -2.18 -3.14 7.63
C THR A 54 -1.15 -2.60 8.63
N HIS A 55 -0.07 -2.03 8.11
CA HIS A 55 0.97 -1.47 8.95
C HIS A 55 0.90 0.05 8.98
N ALA A 56 -0.32 0.57 9.07
CA ALA A 56 -0.52 2.02 9.11
C ALA A 56 0.11 2.63 10.35
N GLY A 57 0.51 3.90 10.24
CA GLY A 57 1.12 4.58 11.36
C GLY A 57 2.46 3.98 11.75
N GLN A 58 2.90 2.97 10.99
CA GLN A 58 4.16 2.31 11.26
C GLN A 58 5.01 2.23 9.99
N ILE A 59 6.28 2.61 10.12
CA ILE A 59 7.20 2.58 8.98
C ILE A 59 7.46 1.16 8.51
N MET A 60 7.43 0.96 7.20
CA MET A 60 7.66 -0.37 6.62
C MET A 60 8.94 -0.37 5.78
N ASP A 61 9.91 -1.16 6.21
CA ASP A 61 11.18 -1.25 5.49
C ASP A 61 11.09 -2.26 4.36
N ARG A 62 11.94 -2.10 3.36
CA ARG A 62 11.95 -3.00 2.21
C ARG A 62 12.09 -4.45 2.66
N ASP A 63 12.96 -4.68 3.64
CA ASP A 63 13.18 -6.02 4.17
C ASP A 63 11.89 -6.59 4.77
N ALA A 64 11.12 -5.73 5.44
CA ALA A 64 9.88 -6.14 6.06
C ALA A 64 8.72 -6.12 5.06
N LEU A 65 8.89 -5.34 3.99
CA LEU A 65 7.87 -5.24 2.96
C LEU A 65 7.95 -6.41 1.99
N LEU A 66 9.10 -6.56 1.34
CA LEU A 66 9.31 -7.65 0.38
C LEU A 66 9.00 -9.00 1.02
N LYS A 67 8.97 -9.03 2.35
CA LYS A 67 8.69 -10.25 3.09
C LYS A 67 7.22 -10.63 2.98
N ASN A 68 6.41 -9.72 2.45
CA ASN A 68 4.98 -9.96 2.28
C ASN A 68 4.69 -10.51 0.89
N LEU A 69 5.56 -10.20 -0.06
CA LEU A 69 5.39 -10.68 -1.43
C LEU A 69 6.06 -12.03 -1.63
N ARG A 70 7.27 -12.17 -1.11
CA ARG A 70 8.01 -13.42 -1.24
C ARG A 70 8.42 -13.94 0.14
N GLY A 71 9.39 -13.26 0.77
CA GLY A 71 9.85 -13.67 2.08
C GLY A 71 10.61 -14.98 2.04
N VAL A 72 11.33 -15.22 0.94
CA VAL A 72 12.10 -16.45 0.79
C VAL A 72 13.42 -16.37 1.56
N THR A 73 14.12 -17.50 1.63
CA THR A 73 15.40 -17.56 2.33
C THR A 73 16.52 -16.97 1.49
N TYR A 74 16.17 -16.49 0.30
CA TYR A 74 17.16 -15.90 -0.60
C TYR A 74 17.49 -14.47 -0.17
N ASP A 75 18.30 -13.80 -0.99
CA ASP A 75 18.70 -12.43 -0.69
C ASP A 75 17.49 -11.57 -0.35
N GLY A 76 16.32 -11.99 -0.84
CA GLY A 76 15.11 -11.24 -0.57
C GLY A 76 14.41 -10.79 -1.83
N MET A 77 15.17 -10.61 -2.90
CA MET A 77 14.61 -10.19 -4.18
C MET A 77 14.03 -8.79 -4.07
N ASP A 78 14.84 -7.84 -3.63
CA ASP A 78 14.40 -6.46 -3.49
C ASP A 78 14.17 -5.82 -4.85
N ARG A 79 15.05 -6.13 -5.79
CA ARG A 79 14.95 -5.57 -7.14
C ARG A 79 13.49 -5.44 -7.56
N SER A 80 12.69 -6.46 -7.27
CA SER A 80 11.27 -6.45 -7.62
C SER A 80 10.53 -5.40 -6.82
N VAL A 81 10.71 -5.42 -5.51
CA VAL A 81 10.04 -4.47 -4.63
C VAL A 81 10.18 -3.04 -5.16
N ASP A 82 11.42 -2.64 -5.43
CA ASP A 82 11.69 -1.29 -5.94
C ASP A 82 10.75 -0.96 -7.09
N VAL A 83 10.75 -1.80 -8.12
CA VAL A 83 9.90 -1.59 -9.28
C VAL A 83 8.45 -1.40 -8.87
N ALA A 84 7.98 -2.24 -7.97
CA ALA A 84 6.60 -2.16 -7.49
C ALA A 84 6.31 -0.78 -6.90
N ILE A 85 7.09 -0.40 -5.90
CA ILE A 85 6.92 0.90 -5.24
C ILE A 85 6.77 2.01 -6.27
N SER A 86 7.77 2.14 -7.15
CA SER A 86 7.76 3.16 -8.17
C SER A 86 6.48 3.10 -8.99
N ARG A 87 5.94 1.90 -9.14
CA ARG A 87 4.71 1.71 -9.90
C ARG A 87 3.50 2.20 -9.11
N LEU A 88 3.39 1.74 -7.86
CA LEU A 88 2.28 2.14 -7.00
C LEU A 88 2.14 3.65 -6.94
N ARG A 89 3.27 4.35 -6.81
CA ARG A 89 3.27 5.80 -6.74
C ARG A 89 2.96 6.41 -8.11
N LYS A 90 3.57 5.85 -9.14
CA LYS A 90 3.36 6.34 -10.50
C LYS A 90 1.88 6.50 -10.80
N LYS A 91 1.09 5.51 -10.38
CA LYS A 91 -0.36 5.54 -10.59
C LYS A 91 -1.06 6.27 -9.45
N LEU A 92 -0.46 6.23 -8.27
CA LEU A 92 -1.04 6.88 -7.10
C LEU A 92 -0.43 8.27 -6.90
N LEU A 93 0.08 8.85 -7.99
CA LEU A 93 0.69 10.17 -7.93
C LEU A 93 -0.38 11.26 -7.85
N ASP A 94 -1.35 11.06 -6.95
CA ASP A 94 -2.44 12.02 -6.77
C ASP A 94 -1.88 13.43 -6.60
N ASN A 95 -2.54 14.41 -7.19
CA ASN A 95 -2.13 15.80 -7.10
C ASN A 95 -3.31 16.71 -6.81
N ALA A 96 -4.28 16.71 -7.72
CA ALA A 96 -5.48 17.54 -7.56
C ALA A 96 -6.37 17.00 -6.45
N THR A 97 -6.76 15.73 -6.58
CA THR A 97 -7.63 15.10 -5.58
C THR A 97 -6.93 15.03 -4.21
N GLU A 98 -5.71 14.51 -4.21
CA GLU A 98 -4.94 14.39 -2.97
C GLU A 98 -3.44 14.46 -3.24
N PRO A 99 -2.66 14.74 -2.19
CA PRO A 99 -1.21 14.84 -2.30
C PRO A 99 -0.54 13.50 -2.55
N TYR A 100 0.78 13.50 -2.69
CA TYR A 100 1.53 12.28 -2.94
C TYR A 100 1.76 11.51 -1.64
N ARG A 101 0.67 11.21 -0.95
CA ARG A 101 0.74 10.48 0.31
C ARG A 101 1.63 9.24 0.17
N ILE A 102 2.01 8.66 1.29
CA ILE A 102 2.86 7.47 1.29
C ILE A 102 4.24 7.78 0.72
N LYS A 103 4.89 8.78 1.28
CA LYS A 103 6.22 9.18 0.83
C LYS A 103 7.27 8.17 1.27
N THR A 104 8.51 8.39 0.86
CA THR A 104 9.61 7.50 1.21
C THR A 104 10.48 8.10 2.30
N VAL A 105 11.04 7.24 3.15
CA VAL A 105 11.90 7.70 4.24
C VAL A 105 13.37 7.47 3.91
N ARG A 106 14.25 8.08 4.70
CA ARG A 106 15.68 7.95 4.49
C ARG A 106 16.07 6.47 4.38
N ASN A 107 16.08 5.96 3.16
CA ASN A 107 16.43 4.57 2.92
C ASN A 107 15.93 3.67 4.04
N LYS A 108 14.78 4.02 4.60
CA LYS A 108 14.18 3.26 5.69
C LYS A 108 12.99 2.45 5.19
N GLY A 109 12.43 2.87 4.07
CA GLY A 109 11.28 2.17 3.51
C GLY A 109 10.14 3.12 3.17
N TYR A 110 8.92 2.65 3.35
CA TYR A 110 7.74 3.45 3.06
C TYR A 110 7.20 4.12 4.32
N LEU A 111 6.50 5.24 4.14
CA LEU A 111 5.92 5.96 5.28
C LEU A 111 4.91 7.00 4.79
N PHE A 112 3.76 7.03 5.46
CA PHE A 112 2.70 7.98 5.09
C PHE A 112 3.06 9.39 5.55
N ALA A 113 2.55 10.39 4.84
CA ALA A 113 2.82 11.78 5.17
C ALA A 113 2.31 12.11 6.56
N PRO A 114 2.90 13.14 7.18
CA PRO A 114 2.52 13.60 8.53
C PRO A 114 1.14 14.25 8.55
N HIS A 115 0.80 14.94 7.47
CA HIS A 115 -0.48 15.61 7.37
C HIS A 115 -1.54 14.69 6.76
N ALA A 116 -1.09 13.58 6.21
CA ALA A 116 -1.99 12.60 5.59
C ALA A 116 -2.82 11.88 6.65
N TRP A 117 -2.31 11.87 7.88
CA TRP A 117 -3.01 11.21 8.98
C TRP A 117 -3.92 12.19 9.70
N ASP A 118 -4.71 12.95 8.94
CA ASP A 118 -5.63 13.91 9.51
C ASP A 118 -6.95 13.25 9.89
N ASN A 119 -7.39 12.30 9.07
CA ASN A 119 -8.64 11.59 9.31
C ASN A 119 -8.41 10.40 10.23
N GLY A 10 -24.33 0.35 2.96
CA GLY A 10 -24.86 -0.97 2.64
C GLY A 10 -25.66 -1.56 3.77
N THR A 11 -25.98 -2.84 3.66
CA THR A 11 -26.76 -3.52 4.69
C THR A 11 -26.09 -3.41 6.06
N LEU A 12 -24.95 -4.08 6.20
CA LEU A 12 -24.22 -4.05 7.45
C LEU A 12 -22.83 -3.44 7.26
N THR A 13 -22.09 -3.31 8.36
CA THR A 13 -20.75 -2.74 8.30
C THR A 13 -19.69 -3.75 8.76
N PRO A 14 -19.08 -4.43 7.78
CA PRO A 14 -18.05 -5.44 8.06
C PRO A 14 -16.76 -4.82 8.57
N HIS A 15 -16.27 -5.34 9.70
CA HIS A 15 -15.04 -4.84 10.30
C HIS A 15 -13.88 -5.78 10.01
N LYS A 16 -13.92 -6.44 8.85
CA LYS A 16 -12.86 -7.36 8.46
C LYS A 16 -11.81 -6.65 7.61
N THR A 17 -12.22 -6.18 6.43
CA THR A 17 -11.32 -5.49 5.52
C THR A 17 -10.83 -4.18 6.13
N ILE A 18 -9.78 -3.61 5.54
CA ILE A 18 -9.23 -2.36 6.02
C ILE A 18 -9.45 -1.22 5.02
N SER A 19 -9.92 -0.08 5.52
CA SER A 19 -10.18 1.07 4.66
C SER A 19 -9.20 2.20 4.97
N PHE A 20 -9.40 3.33 4.30
CA PHE A 20 -8.53 4.49 4.50
C PHE A 20 -9.18 5.75 3.91
N GLY A 21 -8.44 6.85 3.97
CA GLY A 21 -8.95 8.11 3.44
C GLY A 21 -9.84 7.92 2.24
N SER A 22 -9.23 7.67 1.09
CA SER A 22 -9.98 7.47 -0.15
C SER A 22 -9.59 6.15 -0.82
N LEU A 23 -9.14 5.20 0.00
CA LEU A 23 -8.73 3.90 -0.52
C LEU A 23 -9.22 2.77 0.40
N THR A 24 -9.66 1.67 -0.20
CA THR A 24 -10.15 0.53 0.57
C THR A 24 -9.50 -0.76 0.08
N ILE A 25 -8.88 -1.49 1.01
CA ILE A 25 -8.22 -2.74 0.69
C ILE A 25 -8.98 -3.92 1.27
N ASP A 26 -9.46 -4.81 0.40
CA ASP A 26 -10.21 -5.99 0.83
C ASP A 26 -9.45 -7.26 0.48
N PRO A 27 -9.12 -8.05 1.51
CA PRO A 27 -8.39 -9.31 1.34
C PRO A 27 -9.23 -10.38 0.66
N VAL A 28 -10.52 -10.42 1.00
CA VAL A 28 -11.43 -11.40 0.42
C VAL A 28 -11.64 -11.14 -1.07
N ASN A 29 -11.89 -9.87 -1.42
CA ASN A 29 -12.11 -9.50 -2.80
C ASN A 29 -10.78 -9.24 -3.52
N ARG A 30 -9.68 -9.42 -2.79
CA ARG A 30 -8.35 -9.22 -3.36
C ARG A 30 -8.38 -8.11 -4.40
N GLN A 31 -8.94 -6.96 -4.04
CA GLN A 31 -9.02 -5.82 -4.94
C GLN A 31 -8.95 -4.51 -4.18
N VAL A 32 -8.53 -3.45 -4.87
CA VAL A 32 -8.41 -2.14 -4.25
C VAL A 32 -9.37 -1.14 -4.89
N LEU A 33 -9.96 -0.27 -4.07
CA LEU A 33 -10.90 0.74 -4.56
C LEU A 33 -10.47 2.13 -4.12
N LEU A 34 -10.29 3.02 -5.10
CA LEU A 34 -9.88 4.39 -4.81
C LEU A 34 -10.85 5.39 -5.45
N GLY A 35 -11.59 6.11 -4.61
CA GLY A 35 -12.54 7.09 -5.11
C GLY A 35 -13.83 6.45 -5.59
N GLY A 36 -13.96 5.14 -5.35
CA GLY A 36 -15.16 4.44 -5.78
C GLY A 36 -14.91 3.54 -6.97
N GLU A 37 -13.74 3.70 -7.59
CA GLU A 37 -13.38 2.90 -8.76
C GLU A 37 -12.23 1.96 -8.45
N ASN A 38 -12.35 0.70 -8.88
CA ASN A 38 -11.32 -0.29 -8.64
C ASN A 38 -10.04 0.05 -9.39
N VAL A 39 -8.90 -0.32 -8.81
CA VAL A 39 -7.60 -0.04 -9.42
C VAL A 39 -6.86 -1.34 -9.73
N ALA A 40 -6.31 -1.42 -10.94
CA ALA A 40 -5.58 -2.61 -11.36
C ALA A 40 -4.11 -2.50 -10.96
N LEU A 41 -3.63 -3.51 -10.24
CA LEU A 41 -2.24 -3.55 -9.79
C LEU A 41 -1.67 -4.95 -9.91
N SER A 42 -0.40 -5.03 -10.32
CA SER A 42 0.27 -6.31 -10.47
C SER A 42 0.21 -7.12 -9.17
N THR A 43 0.16 -8.44 -9.31
CA THR A 43 0.09 -9.32 -8.16
C THR A 43 0.97 -8.81 -7.02
N ALA A 44 2.26 -8.66 -7.29
CA ALA A 44 3.21 -8.19 -6.30
C ALA A 44 2.74 -6.86 -5.69
N ASP A 45 2.38 -5.92 -6.55
CA ASP A 45 1.92 -4.61 -6.11
C ASP A 45 0.74 -4.75 -5.14
N PHE A 46 -0.18 -5.65 -5.47
CA PHE A 46 -1.35 -5.89 -4.62
C PHE A 46 -0.93 -6.41 -3.25
N ASP A 47 0.10 -7.24 -3.23
CA ASP A 47 0.60 -7.81 -1.98
C ASP A 47 1.37 -6.78 -1.17
N LEU A 48 2.09 -5.90 -1.88
CA LEU A 48 2.87 -4.85 -1.24
C LEU A 48 1.98 -3.94 -0.39
N LEU A 49 1.00 -3.33 -1.04
CA LEU A 49 0.08 -2.43 -0.35
C LEU A 49 -0.58 -3.13 0.84
N TRP A 50 -0.98 -4.38 0.63
CA TRP A 50 -1.62 -5.16 1.68
C TRP A 50 -0.90 -4.98 3.01
N GLU A 51 0.43 -5.07 2.98
CA GLU A 51 1.23 -4.92 4.19
C GLU A 51 1.52 -3.45 4.46
N LEU A 52 1.71 -2.68 3.40
CA LEU A 52 2.01 -1.25 3.53
C LEU A 52 0.96 -0.57 4.39
N ALA A 53 -0.31 -0.76 4.04
CA ALA A 53 -1.41 -0.15 4.80
C ALA A 53 -1.50 -0.74 6.19
N THR A 54 -1.63 -2.07 6.27
CA THR A 54 -1.73 -2.76 7.54
C THR A 54 -0.68 -2.26 8.53
N HIS A 55 0.46 -1.84 7.99
CA HIS A 55 1.55 -1.33 8.83
C HIS A 55 1.73 0.17 8.64
N ALA A 56 0.61 0.90 8.63
CA ALA A 56 0.65 2.35 8.45
C ALA A 56 1.35 3.02 9.63
N GLY A 57 1.86 4.22 9.39
CA GLY A 57 2.55 4.95 10.44
C GLY A 57 3.94 4.42 10.70
N GLN A 58 4.08 3.10 10.70
CA GLN A 58 5.37 2.47 10.93
C GLN A 58 6.16 2.33 9.63
N ILE A 59 7.44 2.67 9.69
CA ILE A 59 8.31 2.58 8.51
C ILE A 59 8.53 1.13 8.10
N MET A 60 8.44 0.88 6.80
CA MET A 60 8.64 -0.46 6.26
C MET A 60 9.90 -0.53 5.42
N ASP A 61 10.88 -1.32 5.89
CA ASP A 61 12.14 -1.47 5.18
C ASP A 61 11.97 -2.41 3.98
N ARG A 62 12.79 -2.20 2.96
CA ARG A 62 12.74 -3.01 1.76
C ARG A 62 12.77 -4.50 2.10
N ASP A 63 13.79 -4.90 2.85
CA ASP A 63 13.94 -6.30 3.26
C ASP A 63 12.68 -6.80 3.95
N ALA A 64 12.03 -5.92 4.72
CA ALA A 64 10.81 -6.26 5.44
C ALA A 64 9.61 -6.26 4.50
N LEU A 65 9.73 -5.53 3.39
CA LEU A 65 8.65 -5.45 2.42
C LEU A 65 8.64 -6.66 1.51
N LEU A 66 9.74 -6.89 0.81
CA LEU A 66 9.85 -8.03 -0.10
C LEU A 66 9.49 -9.32 0.61
N LYS A 67 9.87 -9.44 1.88
CA LYS A 67 9.58 -10.63 2.66
C LYS A 67 8.10 -10.99 2.58
N ASN A 68 7.26 -9.98 2.38
CA ASN A 68 5.82 -10.19 2.29
C ASN A 68 5.43 -10.61 0.87
N LEU A 69 6.13 -10.06 -0.12
CA LEU A 69 5.86 -10.38 -1.51
C LEU A 69 6.28 -11.82 -1.84
N ARG A 70 7.52 -12.15 -1.52
CA ARG A 70 8.05 -13.48 -1.77
C ARG A 70 7.79 -14.40 -0.58
N GLY A 71 8.57 -14.21 0.48
CA GLY A 71 8.42 -15.03 1.66
C GLY A 71 9.38 -16.20 1.69
N VAL A 72 10.21 -16.31 0.66
CA VAL A 72 11.19 -17.39 0.57
C VAL A 72 12.43 -17.08 1.40
N THR A 73 13.36 -18.03 1.43
CA THR A 73 14.59 -17.86 2.18
C THR A 73 15.58 -16.98 1.43
N TYR A 74 15.14 -16.40 0.32
CA TYR A 74 15.98 -15.54 -0.50
C TYR A 74 16.25 -14.22 0.22
N ASP A 75 17.18 -13.43 -0.34
CA ASP A 75 17.52 -12.14 0.25
C ASP A 75 18.15 -11.22 -0.81
N GLY A 76 18.12 -9.92 -0.54
CA GLY A 76 18.69 -8.96 -1.47
C GLY A 76 17.94 -8.92 -2.79
N MET A 77 16.62 -9.12 -2.72
CA MET A 77 15.79 -9.09 -3.92
C MET A 77 14.93 -7.84 -3.96
N ASP A 78 15.54 -6.70 -3.66
CA ASP A 78 14.84 -5.42 -3.66
C ASP A 78 14.45 -5.02 -5.08
N ARG A 79 15.15 -5.59 -6.06
CA ARG A 79 14.88 -5.29 -7.46
C ARG A 79 13.38 -5.17 -7.72
N SER A 80 12.63 -6.16 -7.25
CA SER A 80 11.18 -6.16 -7.43
C SER A 80 10.52 -5.03 -6.64
N VAL A 81 10.91 -4.91 -5.37
CA VAL A 81 10.36 -3.86 -4.52
C VAL A 81 10.38 -2.50 -5.22
N ASP A 82 11.57 -2.10 -5.67
CA ASP A 82 11.72 -0.82 -6.36
C ASP A 82 10.65 -0.65 -7.43
N VAL A 83 10.62 -1.57 -8.39
CA VAL A 83 9.64 -1.52 -9.47
C VAL A 83 8.23 -1.38 -8.92
N ALA A 84 7.90 -2.18 -7.92
CA ALA A 84 6.58 -2.15 -7.29
C ALA A 84 6.27 -0.76 -6.74
N ILE A 85 7.15 -0.27 -5.87
CA ILE A 85 6.96 1.04 -5.26
C ILE A 85 6.66 2.09 -6.32
N SER A 86 7.57 2.25 -7.28
CA SER A 86 7.39 3.22 -8.34
C SER A 86 6.04 3.05 -9.03
N ARG A 87 5.58 1.80 -9.11
CA ARG A 87 4.29 1.50 -9.73
C ARG A 87 3.13 1.99 -8.88
N LEU A 88 3.16 1.63 -7.60
CA LEU A 88 2.10 2.04 -6.68
C LEU A 88 1.92 3.56 -6.70
N ARG A 89 3.04 4.27 -6.66
CA ARG A 89 3.00 5.73 -6.67
C ARG A 89 2.44 6.26 -7.99
N LYS A 90 3.07 5.86 -9.10
CA LYS A 90 2.63 6.28 -10.42
C LYS A 90 1.14 6.06 -10.60
N LYS A 91 0.62 5.05 -9.91
CA LYS A 91 -0.80 4.72 -9.99
C LYS A 91 -1.60 5.50 -8.95
N LEU A 92 -0.93 5.88 -7.86
CA LEU A 92 -1.58 6.63 -6.79
C LEU A 92 -0.96 8.01 -6.64
N LEU A 93 -0.48 8.57 -7.75
CA LEU A 93 0.15 9.88 -7.73
C LEU A 93 -0.91 10.99 -7.74
N ASP A 94 -1.83 10.91 -6.79
CA ASP A 94 -2.90 11.91 -6.69
C ASP A 94 -2.66 12.83 -5.49
N ASN A 95 -3.28 14.00 -5.52
CA ASN A 95 -3.14 14.98 -4.44
C ASN A 95 -4.50 15.56 -4.06
N ALA A 96 -5.37 15.72 -5.05
CA ALA A 96 -6.71 16.26 -4.80
C ALA A 96 -7.57 15.28 -4.02
N THR A 97 -7.74 14.08 -4.57
CA THR A 97 -8.54 13.05 -3.92
C THR A 97 -7.80 12.43 -2.75
N GLU A 98 -6.56 12.01 -2.99
CA GLU A 98 -5.73 11.40 -1.96
C GLU A 98 -4.25 11.60 -2.25
N PRO A 99 -3.55 12.26 -1.31
CA PRO A 99 -2.12 12.52 -1.44
C PRO A 99 -1.27 11.25 -1.33
N TYR A 100 0.05 11.42 -1.33
CA TYR A 100 0.96 10.29 -1.24
C TYR A 100 1.58 10.21 0.15
N ARG A 101 0.73 10.10 1.18
CA ARG A 101 1.19 10.02 2.55
C ARG A 101 2.32 8.98 2.68
N ILE A 102 2.23 7.92 1.91
CA ILE A 102 3.23 6.86 1.94
C ILE A 102 4.52 7.31 1.25
N LYS A 103 5.06 8.43 1.71
CA LYS A 103 6.29 8.97 1.14
C LYS A 103 7.47 8.02 1.38
N THR A 104 8.62 8.36 0.83
CA THR A 104 9.82 7.54 0.98
C THR A 104 10.78 8.16 2.00
N VAL A 105 11.54 7.30 2.68
CA VAL A 105 12.51 7.76 3.66
C VAL A 105 13.94 7.54 3.18
N ARG A 106 14.88 8.25 3.78
CA ARG A 106 16.29 8.12 3.42
C ARG A 106 16.68 6.66 3.28
N ASN A 107 16.57 6.14 2.07
CA ASN A 107 16.91 4.74 1.80
C ASN A 107 16.55 3.86 2.98
N LYS A 108 15.42 4.16 3.62
CA LYS A 108 14.96 3.38 4.77
C LYS A 108 13.71 2.57 4.41
N GLY A 109 13.03 2.99 3.35
CA GLY A 109 11.82 2.28 2.93
C GLY A 109 10.65 3.21 2.73
N TYR A 110 9.46 2.77 3.15
CA TYR A 110 8.26 3.58 3.01
C TYR A 110 7.73 4.01 4.37
N LEU A 111 7.14 5.20 4.41
CA LEU A 111 6.59 5.73 5.66
C LEU A 111 5.47 6.74 5.37
N PHE A 112 4.40 6.66 6.15
CA PHE A 112 3.27 7.57 5.99
C PHE A 112 3.63 8.98 6.41
N ALA A 113 2.84 9.95 5.96
CA ALA A 113 3.09 11.35 6.30
C ALA A 113 2.58 11.67 7.70
N PRO A 114 3.36 12.46 8.45
CA PRO A 114 3.01 12.86 9.82
C PRO A 114 1.83 13.84 9.85
N HIS A 115 1.56 14.45 8.71
CA HIS A 115 0.46 15.41 8.61
C HIS A 115 -0.83 14.72 8.19
N ALA A 116 -0.70 13.49 7.69
CA ALA A 116 -1.86 12.73 7.25
C ALA A 116 -2.58 12.10 8.44
N TRP A 117 -3.00 12.94 9.37
CA TRP A 117 -3.71 12.46 10.56
C TRP A 117 -5.21 12.36 10.30
N ASP A 118 -5.64 12.91 9.17
CA ASP A 118 -7.06 12.87 8.81
C ASP A 118 -7.58 11.44 8.80
N ASN A 119 -8.86 11.27 9.14
CA ASN A 119 -9.48 9.95 9.16
C ASN A 119 -11.00 10.07 9.18
N GLY A 10 -23.90 -2.96 -0.35
CA GLY A 10 -23.16 -2.92 0.90
C GLY A 10 -23.65 -1.82 1.82
N THR A 11 -24.39 -2.20 2.86
CA THR A 11 -24.91 -1.23 3.81
C THR A 11 -24.02 -1.13 5.04
N LEU A 12 -23.59 -2.27 5.55
CA LEU A 12 -22.72 -2.30 6.73
C LEU A 12 -21.32 -1.81 6.39
N THR A 13 -20.53 -1.55 7.41
CA THR A 13 -19.17 -1.07 7.22
C THR A 13 -18.15 -2.19 7.43
N PRO A 14 -16.98 -2.06 6.80
CA PRO A 14 -15.91 -3.05 6.89
C PRO A 14 -15.27 -3.07 8.28
N HIS A 15 -15.49 -4.16 9.02
CA HIS A 15 -14.94 -4.30 10.35
C HIS A 15 -13.79 -5.32 10.36
N LYS A 16 -13.84 -6.27 9.42
CA LYS A 16 -12.81 -7.29 9.33
C LYS A 16 -11.66 -6.82 8.45
N THR A 17 -11.98 -6.13 7.37
CA THR A 17 -10.98 -5.61 6.45
C THR A 17 -10.35 -4.33 6.98
N ILE A 18 -9.34 -3.84 6.27
CA ILE A 18 -8.65 -2.61 6.68
C ILE A 18 -8.91 -1.49 5.67
N SER A 19 -9.25 -0.32 6.20
CA SER A 19 -9.52 0.84 5.35
C SER A 19 -8.57 1.98 5.67
N PHE A 20 -8.44 2.92 4.73
CA PHE A 20 -7.56 4.06 4.90
C PHE A 20 -8.19 5.33 4.35
N GLY A 21 -7.45 6.44 4.41
CA GLY A 21 -7.96 7.70 3.92
C GLY A 21 -8.95 7.53 2.79
N SER A 22 -8.43 7.28 1.59
CA SER A 22 -9.28 7.10 0.41
C SER A 22 -9.12 5.68 -0.15
N LEU A 23 -8.06 5.01 0.24
CA LEU A 23 -7.79 3.66 -0.22
C LEU A 23 -8.22 2.63 0.81
N THR A 24 -8.72 1.48 0.34
CA THR A 24 -9.17 0.42 1.23
C THR A 24 -8.77 -0.95 0.68
N ILE A 25 -8.35 -1.83 1.59
CA ILE A 25 -7.94 -3.18 1.19
C ILE A 25 -8.81 -4.24 1.88
N ASP A 26 -9.43 -5.08 1.07
CA ASP A 26 -10.29 -6.14 1.59
C ASP A 26 -9.83 -7.51 1.11
N PRO A 27 -9.39 -8.36 2.04
CA PRO A 27 -8.91 -9.71 1.73
C PRO A 27 -10.04 -10.63 1.28
N VAL A 28 -11.28 -10.21 1.52
CA VAL A 28 -12.44 -11.00 1.13
C VAL A 28 -12.63 -11.00 -0.37
N ASN A 29 -12.45 -9.82 -1.00
CA ASN A 29 -12.61 -9.69 -2.43
C ASN A 29 -11.25 -9.54 -3.12
N ARG A 30 -10.21 -9.40 -2.31
CA ARG A 30 -8.85 -9.25 -2.84
C ARG A 30 -8.79 -8.13 -3.86
N GLN A 31 -9.25 -6.95 -3.48
CA GLN A 31 -9.25 -5.79 -4.36
C GLN A 31 -9.06 -4.50 -3.58
N VAL A 32 -8.73 -3.43 -4.29
CA VAL A 32 -8.51 -2.13 -3.66
C VAL A 32 -9.44 -1.08 -4.24
N LEU A 33 -9.92 -0.17 -3.39
CA LEU A 33 -10.82 0.89 -3.81
C LEU A 33 -10.28 2.26 -3.41
N LEU A 34 -10.01 3.09 -4.41
CA LEU A 34 -9.50 4.43 -4.16
C LEU A 34 -10.37 5.49 -4.82
N GLY A 35 -10.97 6.35 -4.01
CA GLY A 35 -11.83 7.40 -4.54
C GLY A 35 -13.23 6.90 -4.84
N GLY A 36 -13.55 5.71 -4.36
CA GLY A 36 -14.87 5.14 -4.60
C GLY A 36 -14.87 4.15 -5.75
N GLU A 37 -13.77 4.10 -6.48
CA GLU A 37 -13.65 3.19 -7.61
C GLU A 37 -12.50 2.20 -7.40
N ASN A 38 -12.70 0.97 -7.88
CA ASN A 38 -11.68 -0.06 -7.73
C ASN A 38 -10.44 0.27 -8.57
N VAL A 39 -9.27 -0.12 -8.08
CA VAL A 39 -8.02 0.14 -8.77
C VAL A 39 -7.35 -1.16 -9.20
N ALA A 40 -7.02 -1.26 -10.48
CA ALA A 40 -6.37 -2.46 -11.02
C ALA A 40 -4.89 -2.47 -10.69
N LEU A 41 -4.45 -3.53 -10.01
CA LEU A 41 -3.05 -3.65 -9.63
C LEU A 41 -2.60 -5.11 -9.72
N SER A 42 -1.38 -5.32 -10.22
CA SER A 42 -0.83 -6.66 -10.36
C SER A 42 -0.87 -7.41 -9.02
N THR A 43 -0.93 -8.73 -9.09
CA THR A 43 -0.97 -9.56 -7.89
C THR A 43 -0.06 -9.00 -6.81
N ALA A 44 1.23 -8.88 -7.13
CA ALA A 44 2.21 -8.36 -6.19
C ALA A 44 1.82 -6.97 -5.70
N ASP A 45 1.49 -6.08 -6.64
CA ASP A 45 1.09 -4.73 -6.30
C ASP A 45 -0.01 -4.72 -5.24
N PHE A 46 -1.06 -5.50 -5.48
CA PHE A 46 -2.17 -5.59 -4.55
C PHE A 46 -1.70 -6.10 -3.19
N ASP A 47 -0.79 -7.06 -3.20
CA ASP A 47 -0.27 -7.63 -1.96
C ASP A 47 0.55 -6.60 -1.20
N LEU A 48 1.27 -5.76 -1.94
CA LEU A 48 2.10 -4.72 -1.34
C LEU A 48 1.26 -3.79 -0.47
N LEU A 49 0.24 -3.20 -1.07
CA LEU A 49 -0.64 -2.29 -0.35
C LEU A 49 -1.29 -2.98 0.84
N TRP A 50 -1.71 -4.22 0.64
CA TRP A 50 -2.35 -5.00 1.70
C TRP A 50 -1.58 -4.86 3.00
N GLU A 51 -0.26 -5.07 2.93
CA GLU A 51 0.58 -4.97 4.12
C GLU A 51 0.93 -3.52 4.42
N LEU A 52 1.19 -2.75 3.37
CA LEU A 52 1.54 -1.33 3.53
C LEU A 52 0.64 -0.66 4.56
N ALA A 53 -0.66 -0.96 4.49
CA ALA A 53 -1.62 -0.40 5.41
C ALA A 53 -1.57 -1.09 6.77
N THR A 54 -1.45 -2.42 6.74
CA THR A 54 -1.38 -3.21 7.96
C THR A 54 -0.31 -2.68 8.91
N HIS A 55 0.73 -2.08 8.34
CA HIS A 55 1.83 -1.53 9.13
C HIS A 55 1.87 -0.01 9.01
N ALA A 56 0.71 0.62 9.10
CA ALA A 56 0.62 2.07 9.00
C ALA A 56 1.42 2.75 10.11
N GLY A 57 1.88 3.97 9.84
CA GLY A 57 2.65 4.70 10.82
C GLY A 57 3.91 3.98 11.22
N GLN A 58 4.31 2.99 10.42
CA GLN A 58 5.51 2.21 10.70
C GLN A 58 6.44 2.20 9.50
N ILE A 59 7.74 2.41 9.75
CA ILE A 59 8.74 2.43 8.68
C ILE A 59 9.14 1.01 8.30
N MET A 60 9.08 0.71 7.01
CA MET A 60 9.45 -0.61 6.51
C MET A 60 10.44 -0.49 5.36
N ASP A 61 11.49 -1.32 5.40
CA ASP A 61 12.50 -1.32 4.36
C ASP A 61 12.08 -2.17 3.16
N ARG A 62 12.78 -2.01 2.05
CA ARG A 62 12.47 -2.77 0.84
C ARG A 62 12.65 -4.26 1.07
N ASP A 63 13.81 -4.64 1.61
CA ASP A 63 14.11 -6.04 1.89
C ASP A 63 13.05 -6.65 2.80
N ALA A 64 12.55 -5.85 3.74
CA ALA A 64 11.53 -6.32 4.67
C ALA A 64 10.13 -6.20 4.07
N LEU A 65 10.00 -5.36 3.06
CA LEU A 65 8.72 -5.17 2.39
C LEU A 65 8.38 -6.36 1.51
N LEU A 66 9.33 -6.77 0.67
CA LEU A 66 9.13 -7.90 -0.22
C LEU A 66 8.75 -9.15 0.56
N LYS A 67 9.16 -9.21 1.82
CA LYS A 67 8.86 -10.35 2.67
C LYS A 67 7.36 -10.59 2.74
N ASN A 68 6.58 -9.55 2.43
CA ASN A 68 5.12 -9.66 2.47
C ASN A 68 4.58 -10.13 1.12
N LEU A 69 5.33 -9.83 0.05
CA LEU A 69 4.92 -10.22 -1.29
C LEU A 69 5.20 -11.70 -1.54
N ARG A 70 6.43 -12.11 -1.29
CA ARG A 70 6.82 -13.51 -1.49
C ARG A 70 7.36 -14.10 -0.19
N GLY A 71 8.55 -13.67 0.22
CA GLY A 71 9.14 -14.17 1.44
C GLY A 71 10.04 -15.35 1.20
N VAL A 72 10.62 -15.43 -0.01
CA VAL A 72 11.51 -16.53 -0.36
C VAL A 72 12.90 -16.31 0.21
N THR A 73 13.71 -17.37 0.19
CA THR A 73 15.07 -17.30 0.71
C THR A 73 15.94 -16.36 -0.13
N TYR A 74 15.42 -15.98 -1.29
CA TYR A 74 16.14 -15.08 -2.19
C TYR A 74 16.22 -13.68 -1.62
N ASP A 75 17.19 -13.45 -0.74
CA ASP A 75 17.37 -12.15 -0.12
C ASP A 75 17.74 -11.10 -1.17
N GLY A 76 17.52 -9.83 -0.83
CA GLY A 76 17.83 -8.75 -1.74
C GLY A 76 17.00 -8.81 -3.02
N MET A 77 15.75 -9.23 -2.89
CA MET A 77 14.86 -9.33 -4.04
C MET A 77 14.05 -8.05 -4.21
N ASP A 78 14.71 -6.91 -4.05
CA ASP A 78 14.05 -5.62 -4.20
C ASP A 78 13.59 -5.40 -5.63
N ARG A 79 14.17 -6.15 -6.56
CA ARG A 79 13.82 -6.04 -7.97
C ARG A 79 12.30 -5.95 -8.14
N SER A 80 11.58 -6.92 -7.58
CA SER A 80 10.13 -6.94 -7.68
C SER A 80 9.52 -5.74 -6.97
N VAL A 81 10.10 -5.36 -5.83
CA VAL A 81 9.61 -4.23 -5.06
C VAL A 81 9.66 -2.95 -5.87
N ASP A 82 10.84 -2.62 -6.39
CA ASP A 82 11.02 -1.42 -7.19
C ASP A 82 9.88 -1.25 -8.19
N VAL A 83 9.71 -2.24 -9.06
CA VAL A 83 8.64 -2.20 -10.06
C VAL A 83 7.27 -2.03 -9.41
N ALA A 84 7.06 -2.76 -8.32
CA ALA A 84 5.79 -2.69 -7.59
C ALA A 84 5.51 -1.27 -7.11
N ILE A 85 6.44 -0.73 -6.33
CA ILE A 85 6.28 0.62 -5.80
C ILE A 85 5.96 1.62 -6.91
N SER A 86 6.83 1.67 -7.92
CA SER A 86 6.64 2.58 -9.05
C SER A 86 5.24 2.42 -9.64
N ARG A 87 4.69 1.21 -9.54
CA ARG A 87 3.36 0.93 -10.07
C ARG A 87 2.28 1.51 -9.16
N LEU A 88 2.47 1.35 -7.85
CA LEU A 88 1.51 1.85 -6.88
C LEU A 88 1.37 3.37 -6.98
N ARG A 89 2.51 4.07 -7.01
CA ARG A 89 2.50 5.52 -7.12
C ARG A 89 1.98 5.97 -8.48
N LYS A 90 2.57 5.41 -9.54
CA LYS A 90 2.17 5.75 -10.90
C LYS A 90 0.65 5.82 -11.02
N LYS A 91 -0.04 4.92 -10.31
CA LYS A 91 -1.49 4.88 -10.34
C LYS A 91 -2.08 5.80 -9.28
N LEU A 92 -1.43 5.84 -8.12
CA LEU A 92 -1.89 6.68 -7.01
C LEU A 92 -1.21 8.05 -7.05
N LEU A 93 -0.79 8.46 -8.23
CA LEU A 93 -0.13 9.75 -8.41
C LEU A 93 -1.13 10.89 -8.30
N ASP A 94 -1.92 10.88 -7.23
CA ASP A 94 -2.92 11.93 -7.00
C ASP A 94 -2.25 13.26 -6.73
N ASN A 95 -2.79 14.32 -7.32
CA ASN A 95 -2.24 15.66 -7.13
C ASN A 95 -3.36 16.68 -6.87
N ALA A 96 -4.44 16.56 -7.64
CA ALA A 96 -5.58 17.46 -7.48
C ALA A 96 -6.52 16.98 -6.38
N THR A 97 -6.89 15.70 -6.45
CA THR A 97 -7.79 15.13 -5.46
C THR A 97 -7.11 15.04 -4.09
N GLU A 98 -5.91 14.48 -4.07
CA GLU A 98 -5.17 14.34 -2.82
C GLU A 98 -3.68 14.16 -3.09
N PRO A 99 -2.85 14.44 -2.08
CA PRO A 99 -1.39 14.32 -2.18
C PRO A 99 -0.94 12.87 -2.28
N TYR A 100 0.35 12.65 -2.05
CA TYR A 100 0.91 11.30 -2.11
C TYR A 100 1.25 10.78 -0.72
N ARG A 101 0.22 10.54 0.08
CA ARG A 101 0.40 10.05 1.44
C ARG A 101 1.59 9.09 1.51
N ILE A 102 1.65 8.17 0.55
CA ILE A 102 2.73 7.19 0.51
C ILE A 102 4.05 7.84 0.10
N LYS A 103 4.65 8.57 1.03
CA LYS A 103 5.92 9.24 0.77
C LYS A 103 7.10 8.35 1.15
N THR A 104 8.28 8.69 0.63
CA THR A 104 9.48 7.92 0.92
C THR A 104 10.32 8.59 2.01
N VAL A 105 11.01 7.77 2.80
CA VAL A 105 11.85 8.27 3.88
C VAL A 105 13.30 8.36 3.45
N ARG A 106 14.11 9.04 4.25
CA ARG A 106 15.53 9.20 3.95
C ARG A 106 16.18 7.85 3.69
N ASN A 107 16.10 7.39 2.44
CA ASN A 107 16.69 6.11 2.06
C ASN A 107 16.59 5.11 3.21
N LYS A 108 15.47 5.14 3.92
CA LYS A 108 15.25 4.23 5.05
C LYS A 108 13.95 3.46 4.87
N GLY A 109 13.40 3.50 3.66
CA GLY A 109 12.17 2.79 3.38
C GLY A 109 11.07 3.70 2.87
N TYR A 110 9.84 3.42 3.24
CA TYR A 110 8.70 4.22 2.81
C TYR A 110 7.66 4.34 3.91
N LEU A 111 7.35 5.58 4.30
CA LEU A 111 6.37 5.82 5.35
C LEU A 111 5.20 6.65 4.82
N PHE A 112 4.05 6.54 5.48
CA PHE A 112 2.87 7.28 5.07
C PHE A 112 2.97 8.74 5.50
N ALA A 113 1.93 9.52 5.18
CA ALA A 113 1.92 10.93 5.52
C ALA A 113 1.15 11.16 6.83
N PRO A 114 1.49 12.27 7.51
CA PRO A 114 0.85 12.63 8.79
C PRO A 114 -0.60 13.06 8.60
N HIS A 115 -1.00 13.25 7.36
CA HIS A 115 -2.37 13.67 7.05
C HIS A 115 -3.25 12.45 6.75
N ALA A 116 -2.62 11.34 6.40
CA ALA A 116 -3.34 10.12 6.10
C ALA A 116 -4.01 9.55 7.35
N TRP A 117 -5.13 8.86 7.15
CA TRP A 117 -5.87 8.26 8.25
C TRP A 117 -5.02 7.23 8.98
N ASP A 118 -5.08 7.26 10.32
CA ASP A 118 -4.31 6.32 11.13
C ASP A 118 -5.23 5.50 12.03
N ASN A 119 -6.01 6.20 12.86
CA ASN A 119 -6.94 5.54 13.76
C ASN A 119 -7.97 6.53 14.30
N GLY A 10 -19.61 -2.57 -3.01
CA GLY A 10 -19.17 -3.07 -1.71
C GLY A 10 -20.34 -3.42 -0.80
N THR A 11 -20.13 -4.37 0.10
CA THR A 11 -21.17 -4.79 1.02
C THR A 11 -20.58 -5.18 2.37
N LEU A 12 -21.40 -5.09 3.42
CA LEU A 12 -20.96 -5.42 4.77
C LEU A 12 -20.49 -6.87 4.84
N THR A 13 -19.30 -7.08 5.40
CA THR A 13 -18.74 -8.42 5.54
C THR A 13 -18.14 -8.63 6.93
N PRO A 14 -18.67 -9.64 7.64
CA PRO A 14 -18.20 -9.97 8.99
C PRO A 14 -16.80 -10.56 8.99
N HIS A 15 -15.82 -9.77 8.53
CA HIS A 15 -14.44 -10.22 8.47
C HIS A 15 -13.51 -9.15 9.04
N LYS A 16 -14.09 -8.03 9.46
CA LYS A 16 -13.31 -6.93 10.03
C LYS A 16 -12.23 -6.47 9.05
N THR A 17 -12.65 -6.12 7.83
CA THR A 17 -11.73 -5.66 6.81
C THR A 17 -11.03 -4.38 7.24
N ILE A 18 -10.09 -3.91 6.41
CA ILE A 18 -9.36 -2.69 6.71
C ILE A 18 -9.71 -1.58 5.73
N SER A 19 -9.98 -0.39 6.25
CA SER A 19 -10.34 0.75 5.42
C SER A 19 -10.01 2.06 6.13
N PHE A 20 -9.28 2.93 5.43
CA PHE A 20 -8.89 4.22 5.98
C PHE A 20 -8.71 5.26 4.88
N GLY A 21 -8.72 6.53 5.27
CA GLY A 21 -8.57 7.60 4.30
C GLY A 21 -9.59 7.54 3.19
N SER A 22 -9.15 7.18 1.99
CA SER A 22 -10.04 7.09 0.84
C SER A 22 -9.95 5.71 0.20
N LEU A 23 -8.96 4.92 0.60
CA LEU A 23 -8.76 3.59 0.06
C LEU A 23 -9.27 2.53 1.04
N THR A 24 -9.77 1.42 0.50
CA THR A 24 -10.29 0.34 1.32
C THR A 24 -9.87 -1.02 0.76
N ILE A 25 -9.45 -1.91 1.65
CA ILE A 25 -9.02 -3.25 1.25
C ILE A 25 -9.80 -4.32 2.00
N ASP A 26 -10.32 -5.29 1.25
CA ASP A 26 -11.08 -6.38 1.83
C ASP A 26 -10.57 -7.74 1.34
N PRO A 27 -10.21 -8.61 2.30
CA PRO A 27 -9.70 -9.95 1.99
C PRO A 27 -10.77 -10.87 1.41
N VAL A 28 -12.03 -10.56 1.72
CA VAL A 28 -13.15 -11.36 1.24
C VAL A 28 -13.32 -11.20 -0.27
N ASN A 29 -13.28 -9.96 -0.74
CA ASN A 29 -13.42 -9.68 -2.16
C ASN A 29 -12.06 -9.52 -2.84
N ARG A 30 -11.00 -9.48 -2.02
CA ARG A 30 -9.65 -9.33 -2.54
C ARG A 30 -9.57 -8.19 -3.55
N GLN A 31 -10.26 -7.09 -3.26
CA GLN A 31 -10.27 -5.94 -4.16
C GLN A 31 -10.04 -4.65 -3.37
N VAL A 32 -9.71 -3.58 -4.09
CA VAL A 32 -9.46 -2.29 -3.47
C VAL A 32 -10.33 -1.20 -4.09
N LEU A 33 -10.80 -0.28 -3.26
CA LEU A 33 -11.64 0.81 -3.73
C LEU A 33 -11.09 2.16 -3.27
N LEU A 34 -10.83 3.04 -4.23
CA LEU A 34 -10.30 4.37 -3.93
C LEU A 34 -11.11 5.46 -4.64
N GLY A 35 -11.69 6.36 -3.86
CA GLY A 35 -12.48 7.43 -4.42
C GLY A 35 -13.87 6.97 -4.84
N GLY A 36 -14.21 5.73 -4.48
CA GLY A 36 -15.51 5.20 -4.84
C GLY A 36 -15.44 4.21 -5.99
N GLU A 37 -14.30 4.17 -6.65
CA GLU A 37 -14.10 3.26 -7.78
C GLU A 37 -13.04 2.21 -7.46
N ASN A 38 -13.32 0.96 -7.84
CA ASN A 38 -12.38 -0.13 -7.59
C ASN A 38 -11.11 0.05 -8.40
N VAL A 39 -9.98 -0.41 -7.85
CA VAL A 39 -8.70 -0.30 -8.52
C VAL A 39 -8.11 -1.68 -8.81
N ALA A 40 -7.63 -1.87 -10.03
CA ALA A 40 -7.03 -3.14 -10.43
C ALA A 40 -5.52 -3.05 -10.45
N LEU A 41 -4.87 -3.96 -9.71
CA LEU A 41 -3.41 -3.98 -9.64
C LEU A 41 -2.88 -5.39 -9.82
N SER A 42 -1.70 -5.51 -10.42
CA SER A 42 -1.09 -6.80 -10.66
C SER A 42 -0.97 -7.60 -9.36
N THR A 43 -0.91 -8.93 -9.49
CA THR A 43 -0.80 -9.80 -8.33
C THR A 43 0.10 -9.18 -7.26
N ALA A 44 1.35 -8.95 -7.62
CA ALA A 44 2.32 -8.36 -6.70
C ALA A 44 1.82 -7.02 -6.17
N ASP A 45 1.53 -6.09 -7.08
CA ASP A 45 1.05 -4.77 -6.70
C ASP A 45 -0.06 -4.87 -5.66
N PHE A 46 -1.05 -5.70 -5.95
CA PHE A 46 -2.18 -5.89 -5.04
C PHE A 46 -1.70 -6.40 -3.68
N ASP A 47 -0.67 -7.24 -3.70
CA ASP A 47 -0.12 -7.79 -2.47
C ASP A 47 0.55 -6.70 -1.64
N LEU A 48 1.19 -5.76 -2.32
CA LEU A 48 1.88 -4.66 -1.65
C LEU A 48 0.92 -3.87 -0.77
N LEU A 49 -0.22 -3.50 -1.34
CA LEU A 49 -1.23 -2.74 -0.60
C LEU A 49 -1.74 -3.53 0.60
N TRP A 50 -2.04 -4.82 0.38
CA TRP A 50 -2.53 -5.68 1.44
C TRP A 50 -1.74 -5.47 2.73
N GLU A 51 -0.41 -5.39 2.59
CA GLU A 51 0.46 -5.19 3.73
C GLU A 51 0.51 -3.71 4.14
N LEU A 52 0.55 -2.84 3.15
CA LEU A 52 0.61 -1.40 3.39
C LEU A 52 -0.47 -0.99 4.40
N ALA A 53 -1.70 -1.40 4.13
CA ALA A 53 -2.82 -1.07 5.01
C ALA A 53 -2.69 -1.78 6.36
N THR A 54 -2.55 -3.11 6.32
CA THR A 54 -2.41 -3.89 7.54
C THR A 54 -1.38 -3.28 8.48
N HIS A 55 -0.42 -2.56 7.91
CA HIS A 55 0.63 -1.92 8.70
C HIS A 55 0.60 -0.41 8.50
N ALA A 56 -0.60 0.16 8.51
CA ALA A 56 -0.77 1.60 8.33
C ALA A 56 -0.22 2.37 9.52
N GLY A 57 0.12 3.63 9.32
CA GLY A 57 0.64 4.46 10.39
C GLY A 57 2.12 4.19 10.65
N GLN A 58 2.50 2.92 10.60
CA GLN A 58 3.89 2.54 10.83
C GLN A 58 4.67 2.44 9.52
N ILE A 59 5.89 2.95 9.52
CA ILE A 59 6.73 2.91 8.33
C ILE A 59 7.12 1.49 7.96
N MET A 60 7.15 1.20 6.67
CA MET A 60 7.51 -0.14 6.19
C MET A 60 8.76 -0.07 5.31
N ASP A 61 9.79 -0.80 5.72
CA ASP A 61 11.04 -0.83 4.96
C ASP A 61 10.91 -1.73 3.74
N ARG A 62 11.70 -1.43 2.71
CA ARG A 62 11.67 -2.21 1.47
C ARG A 62 11.82 -3.70 1.78
N ASP A 63 12.91 -4.06 2.45
CA ASP A 63 13.16 -5.45 2.80
C ASP A 63 11.97 -6.05 3.55
N ALA A 64 11.27 -5.22 4.30
CA ALA A 64 10.11 -5.67 5.06
C ALA A 64 8.87 -5.73 4.18
N LEU A 65 8.89 -4.99 3.09
CA LEU A 65 7.76 -4.96 2.16
C LEU A 65 7.81 -6.14 1.20
N LEU A 66 8.90 -6.23 0.44
CA LEU A 66 9.08 -7.31 -0.53
C LEU A 66 8.84 -8.67 0.13
N LYS A 67 9.29 -8.80 1.37
CA LYS A 67 9.12 -10.05 2.11
C LYS A 67 7.65 -10.50 2.09
N ASN A 68 6.74 -9.54 2.00
CA ASN A 68 5.32 -9.83 1.98
C ASN A 68 4.87 -10.21 0.56
N LEU A 69 5.55 -9.64 -0.44
CA LEU A 69 5.22 -9.92 -1.83
C LEU A 69 5.57 -11.35 -2.20
N ARG A 70 6.84 -11.71 -1.98
CA ARG A 70 7.31 -13.06 -2.29
C ARG A 70 7.44 -13.90 -1.02
N GLY A 71 8.32 -13.47 -0.12
CA GLY A 71 8.53 -14.19 1.12
C GLY A 71 9.63 -15.22 1.02
N VAL A 72 10.44 -15.12 -0.03
CA VAL A 72 11.55 -16.05 -0.25
C VAL A 72 12.76 -15.67 0.61
N THR A 73 13.73 -16.57 0.66
CA THR A 73 14.94 -16.34 1.45
C THR A 73 15.96 -15.52 0.66
N TYR A 74 15.51 -14.91 -0.43
CA TYR A 74 16.38 -14.10 -1.27
C TYR A 74 16.42 -12.65 -0.78
N ASP A 75 17.46 -12.32 -0.03
CA ASP A 75 17.61 -10.97 0.50
C ASP A 75 18.20 -10.04 -0.56
N GLY A 76 18.17 -8.73 -0.27
CA GLY A 76 18.70 -7.75 -1.22
C GLY A 76 17.86 -7.67 -2.48
N MET A 77 16.57 -7.91 -2.35
CA MET A 77 15.66 -7.85 -3.50
C MET A 77 14.79 -6.60 -3.44
N ASP A 78 15.40 -5.48 -3.07
CA ASP A 78 14.69 -4.21 -2.98
C ASP A 78 14.42 -3.63 -4.37
N ARG A 79 15.24 -4.04 -5.34
CA ARG A 79 15.09 -3.56 -6.71
C ARG A 79 13.62 -3.56 -7.13
N SER A 80 12.91 -4.62 -6.79
CA SER A 80 11.49 -4.74 -7.13
C SER A 80 10.67 -3.69 -6.39
N VAL A 81 10.73 -3.74 -5.07
CA VAL A 81 9.98 -2.80 -4.23
C VAL A 81 10.05 -1.38 -4.82
N ASP A 82 11.26 -0.96 -5.17
CA ASP A 82 11.45 0.37 -5.74
C ASP A 82 10.51 0.61 -6.92
N VAL A 83 10.67 -0.20 -7.96
CA VAL A 83 9.83 -0.09 -9.15
C VAL A 83 8.34 -0.17 -8.79
N ALA A 84 8.00 -1.14 -7.95
CA ALA A 84 6.62 -1.33 -7.52
C ALA A 84 6.05 -0.06 -6.90
N ILE A 85 6.70 0.40 -5.82
CA ILE A 85 6.26 1.60 -5.13
C ILE A 85 6.02 2.74 -6.12
N SER A 86 7.02 3.05 -6.92
CA SER A 86 6.93 4.12 -7.90
C SER A 86 5.70 3.93 -8.79
N ARG A 87 5.37 2.68 -9.07
CA ARG A 87 4.22 2.37 -9.90
C ARG A 87 2.92 2.68 -9.17
N LEU A 88 2.74 2.09 -8.00
CA LEU A 88 1.54 2.31 -7.20
C LEU A 88 1.26 3.80 -7.03
N ARG A 89 2.32 4.58 -6.85
CA ARG A 89 2.19 6.02 -6.68
C ARG A 89 1.73 6.68 -7.99
N LYS A 90 2.43 6.37 -9.07
CA LYS A 90 2.09 6.94 -10.38
C LYS A 90 0.60 6.85 -10.64
N LYS A 91 -0.02 5.75 -10.22
CA LYS A 91 -1.44 5.54 -10.41
C LYS A 91 -2.23 6.09 -9.22
N LEU A 92 -1.64 6.01 -8.03
CA LEU A 92 -2.29 6.51 -6.82
C LEU A 92 -1.87 7.94 -6.53
N LEU A 93 -1.44 8.65 -7.57
CA LEU A 93 -1.02 10.03 -7.42
C LEU A 93 -2.22 10.96 -7.24
N ASP A 94 -3.08 10.63 -6.29
CA ASP A 94 -4.26 11.43 -6.02
C ASP A 94 -3.87 12.82 -5.55
N ASN A 95 -3.42 13.66 -6.48
CA ASN A 95 -3.01 15.02 -6.15
C ASN A 95 -4.21 15.85 -5.70
N ALA A 96 -5.35 15.65 -6.36
CA ALA A 96 -6.57 16.37 -6.02
C ALA A 96 -6.81 16.36 -4.51
N THR A 97 -6.94 15.16 -3.95
CA THR A 97 -7.18 15.00 -2.52
C THR A 97 -6.04 15.61 -1.70
N GLU A 98 -4.84 15.12 -1.92
CA GLU A 98 -3.66 15.62 -1.20
C GLU A 98 -2.40 15.43 -2.03
N PRO A 99 -1.32 16.11 -1.63
CA PRO A 99 -0.03 16.04 -2.31
C PRO A 99 0.66 14.69 -2.12
N TYR A 100 0.33 13.74 -2.99
CA TYR A 100 0.91 12.41 -2.92
C TYR A 100 0.92 11.90 -1.48
N ARG A 101 -0.24 11.90 -0.85
CA ARG A 101 -0.36 11.44 0.53
C ARG A 101 0.75 10.46 0.88
N ILE A 102 0.82 9.36 0.14
CA ILE A 102 1.84 8.35 0.37
C ILE A 102 3.22 8.86 -0.01
N LYS A 103 3.87 9.55 0.93
CA LYS A 103 5.19 10.09 0.70
C LYS A 103 6.27 9.07 1.07
N THR A 104 7.46 9.25 0.52
CA THR A 104 8.58 8.36 0.79
C THR A 104 9.46 8.88 1.92
N VAL A 105 9.95 7.98 2.76
CA VAL A 105 10.81 8.36 3.87
C VAL A 105 12.27 8.39 3.46
N ARG A 106 13.10 8.98 4.31
CA ARG A 106 14.54 9.06 4.03
C ARG A 106 15.12 7.70 3.71
N ASN A 107 15.00 7.28 2.45
CA ASN A 107 15.51 5.99 2.02
C ASN A 107 15.32 4.93 3.10
N LYS A 108 14.18 5.00 3.79
CA LYS A 108 13.89 4.04 4.85
C LYS A 108 12.59 3.31 4.57
N GLY A 109 12.01 3.55 3.40
CA GLY A 109 10.78 2.90 3.02
C GLY A 109 9.72 3.88 2.53
N TYR A 110 8.47 3.64 2.91
CA TYR A 110 7.37 4.50 2.51
C TYR A 110 6.38 4.70 3.65
N LEU A 111 5.99 5.95 3.89
CA LEU A 111 5.05 6.26 4.95
C LEU A 111 3.95 7.19 4.45
N PHE A 112 2.78 7.11 5.08
CA PHE A 112 1.65 7.94 4.69
C PHE A 112 1.89 9.41 5.08
N ALA A 113 1.12 10.30 4.47
CA ALA A 113 1.25 11.73 4.75
C ALA A 113 0.90 12.03 6.21
N PRO A 114 1.66 12.95 6.82
CA PRO A 114 1.46 13.36 8.21
C PRO A 114 0.18 14.13 8.41
N HIS A 115 -0.47 14.49 7.31
CA HIS A 115 -1.73 15.23 7.37
C HIS A 115 -2.92 14.33 7.08
N ALA A 116 -2.63 13.08 6.73
CA ALA A 116 -3.68 12.11 6.43
C ALA A 116 -4.03 11.27 7.67
N TRP A 117 -5.20 11.52 8.22
CA TRP A 117 -5.66 10.79 9.41
C TRP A 117 -4.60 10.83 10.50
N ASP A 118 -4.17 12.03 10.87
CA ASP A 118 -3.17 12.21 11.91
C ASP A 118 -3.61 13.26 12.92
N ASN A 119 -3.66 12.87 14.19
CA ASN A 119 -4.06 13.78 15.25
C ASN A 119 -2.85 14.46 15.87
#